data_8V1R
#
_entry.id   8V1R
#
_cell.length_a   1.00
_cell.length_b   1.00
_cell.length_c   1.00
_cell.angle_alpha   90.00
_cell.angle_beta   90.00
_cell.angle_gamma   90.00
#
_symmetry.space_group_name_H-M   'P 1'
#
loop_
_entity.id
_entity.type
_entity.pdbx_description
1 polymer 'DNA polymerase'
2 polymer 'DNA polymerase processivity factor'
3 polymer 'PRIMER DNA (32-MER)'
4 polymer 'TEMPLATE DNA (50-MER)'
5 non-polymer 'MAGNESIUM ION'
6 non-polymer "THYMIDINE-5'-TRIPHOSPHATE"
7 water water
#
loop_
_entity_poly.entity_id
_entity_poly.type
_entity_poly.pdbx_seq_one_letter_code
_entity_poly.pdbx_strand_id
1 'polypeptide(L)'
;HHHHHHNFYNPYLAPVGTQQKPTGPTQRHTYYSECDEFRFIAPRVLDEDAPPEKRAGVHDGHLKRAPKVYCGGDERDVLR
VGSGGFWPRRSRLWGGVDHAPAGFNPTVTVFHVYDILENVEHAYGMRAAQFHARFMDAITPTGTVITLLGLTPEGHRVAV
HVYGTRQYFYMNKEEVDRHLQCRAPRDLCERMAAALRESPGASFRGISADHFEAEVVERTDVYYYETRPALFYRVYVRSG
RVLSYLCDNFCPAIKKYEGGVDATTRFILDNPGFVTFGWYRLKPGRNNTLAQPRAPMAFGTSSDVEFNCTADNLAIEGGM
SDLPAYKLMCFDIECKAGGEDELAFPVAGHPEDLVIQISCLLYDLSTTALEHVLLFSLGSCDLPESHLNELAARGLPTPV
VLEFDSEFEMLLAFMTLVKQYGPEFVTGYNIINFDWPFLLAKLTDIYKVPLDGYGRMNGRGVFRVWDIGQSHFQKRSKIK
VNGMVNIDMYGIITDKIKLSSYKLNAVAEAVLKDKKKDLSYRDIPAYYATGPAQRGVIGEYCIQDSLLVGQLFFKFLPHL
ELSAVARLAGINITRTIYDGQQIRVFTCLLRLADQKGFILPDTQGRFRGAGGEAPKRPAAAREDEERPEEEGEDEDEREE
GGGEREPEGARETAGRHVGYQGARVLDPTSGFHVNPVVVFDFASLYPSIIQAHNLCFSTLSLRADAVAHLEAGKDYLEIE
VGGRRLFFVKAHVRESLLSILLRDWLAMRKQIRSRIPQSSPEEAVLLDKQQAAIKVVCNSVYGFTGVQHGLLPCLHVAAT
VTTIGREMLLATREYVHARWAAFEQLLADFPEAADMRAPGPYSMRIIYGDTDSIFVLCRGLTAAGLTAMGDKMASHISRA
LFLPPIKLECEKTFTKLLLIAKKKYIGVIYGGKMLIKGVDLVRKNNCAFINRTSRALVDLLFYDDTVSGAAAALAERPAE
EWLARPLPEGLQAFGAVLVDAHRRITDPERDIQDFVLTAELSRHPRAYTNKRLAHLTVYYKLMARRAQVPSIKDRIPYVI
VAQTREVEETVARLAALRELDAAAPGDEPAPPAALPSPAKRPRETPSHADPPGGASKPRKLLVSELAEDPAYAIAHGVAL
NTDYYFSHLLGAACVTFKALFGNNAKITESLLKRFIPEVWHPPDDVAARLRAAGFGAVGAGATAEETRRMLHRAFDTLA
;
A
2 'polypeptide(L)'
;MTDSPGGVAPASPVEDASDASLGQPEEGAPCQVVLQGAELNGILQAFAPLRTSLLDSLLVMGDRGILIHNTIFGEQVFLP
LEHSQFSRYRWRGPTAAFLSLVDQKRSLLSVFRANQYPDLRRVELAITGQAPFRTLVQRIWTTTSDGEAVELASETLMKR
ELTSFVVLVPQGTPDVQLRLTRPQLTKVLNATGADSATPTTFELGVNGKFSVFTTSTCVTFAAREEGVSSSTSTQVQILS
NALTKAGQAAANAKTVYGENTHRTFSVVVDDCSMRAVLRRLQVAGGTLKFFLTTPVPSLCVTATGPNAVSAVFLLKPQKI
CLDWLGHSQGSPSAGSSASR
;
B
3 'polydeoxyribonucleotide'
;(DG)(DA)(DT)(DT)(DA)(DC)(DG)(DA)(DA)(DT)(DT)(DC)(DG)(DA)(DG)(DC)(DT)(DC)(DG)(DG)
(DT)(DA)(DC)(DC)(DC)(DG)(DG)(DG)(DG)(DA)(DT)(DOC)
;
P
4 'polydeoxyribonucleotide'
;(DC)(DA)(DC)(DA)(DC)(DA)(DC)(DA)(DC)(DA)(DC)(DA)(DC)(DA)(DC)(DA)(DC)(DA)(DG)(DA)
(DT)(DC)(DC)(DC)(DC)(DG)(DG)(DG)(DT)(DA)(DC)(DC)(DG)(DA)(DG)(DC)(DT)(DC)(DG)(DA)
(DA)(DT)(DT)(DC)(DG)(DT)(DA)(DA)(DT)(DC)
;
T
#
loop_
_chem_comp.id
_chem_comp.type
_chem_comp.name
_chem_comp.formula
DA DNA linking 2'-DEOXYADENOSINE-5'-MONOPHOSPHATE 'C10 H14 N5 O6 P'
DC DNA linking 2'-DEOXYCYTIDINE-5'-MONOPHOSPHATE 'C9 H14 N3 O7 P'
DG DNA linking 2'-DEOXYGUANOSINE-5'-MONOPHOSPHATE 'C10 H14 N5 O7 P'
DOC DNA linking 2',3'-DIDEOXYCYTIDINE-5'-MONOPHOSPHATE 'C9 H14 N3 O6 P'
DT DNA linking THYMIDINE-5'-MONOPHOSPHATE 'C10 H15 N2 O8 P'
MG non-polymer 'MAGNESIUM ION' 'Mg 2'
TTP non-polymer THYMIDINE-5'-TRIPHOSPHATE 'C10 H17 N2 O14 P3'
#
# COMPACT_ATOMS: atom_id res chain seq x y z
N GLY A 24 6.36 4.77 -55.30
CA GLY A 24 5.18 5.20 -54.56
C GLY A 24 5.47 6.39 -53.66
N PRO A 25 5.27 6.28 -52.35
CA PRO A 25 5.73 7.37 -51.48
C PRO A 25 7.24 7.53 -51.50
N THR A 26 7.69 8.79 -51.36
CA THR A 26 9.09 9.09 -51.16
C THR A 26 9.68 8.23 -50.04
N GLN A 27 9.08 8.33 -48.85
CA GLN A 27 9.37 7.52 -47.67
C GLN A 27 8.44 6.31 -47.57
N ARG A 28 8.96 5.17 -47.10
CA ARG A 28 8.20 3.93 -47.12
C ARG A 28 7.35 3.75 -45.87
N HIS A 29 6.18 3.17 -46.07
CA HIS A 29 5.16 2.98 -45.04
C HIS A 29 5.37 1.62 -44.44
N THR A 30 5.72 1.55 -43.17
CA THR A 30 6.13 0.29 -42.57
C THR A 30 4.99 -0.43 -41.86
N TYR A 31 3.75 -0.21 -42.27
CA TYR A 31 2.58 -0.89 -41.74
C TYR A 31 1.96 -1.72 -42.84
N TYR A 32 1.27 -2.78 -42.47
CA TYR A 32 0.68 -3.68 -43.47
C TYR A 32 -0.46 -2.99 -44.17
N SER A 33 -0.21 -2.57 -45.39
CA SER A 33 -1.28 -2.24 -46.31
C SER A 33 -1.75 -3.44 -47.08
N GLU A 34 -0.92 -4.47 -47.21
CA GLU A 34 -1.37 -5.69 -47.84
C GLU A 34 -0.64 -6.87 -47.27
N CYS A 35 -1.33 -8.00 -47.31
CA CYS A 35 -0.88 -9.26 -46.75
C CYS A 35 -1.55 -10.30 -47.63
N ASP A 36 -0.82 -11.37 -47.92
CA ASP A 36 -1.39 -12.49 -48.64
C ASP A 36 -1.07 -13.81 -47.97
N GLU A 37 -0.38 -13.81 -46.85
CA GLU A 37 -0.07 -15.04 -46.14
C GLU A 37 0.31 -14.69 -44.73
N PHE A 38 -0.12 -15.50 -43.79
CA PHE A 38 0.10 -15.21 -42.40
C PHE A 38 0.11 -16.52 -41.66
N ARG A 39 0.07 -16.46 -40.36
CA ARG A 39 0.20 -17.62 -39.51
C ARG A 39 -1.16 -17.86 -38.88
N PHE A 40 -1.89 -18.79 -39.42
CA PHE A 40 -3.23 -19.12 -38.95
C PHE A 40 -3.15 -19.89 -37.66
N ILE A 41 -3.27 -19.21 -36.53
CA ILE A 41 -3.55 -19.83 -35.24
C ILE A 41 -5.00 -19.55 -34.90
N ALA A 42 -5.68 -20.55 -34.39
CA ALA A 42 -7.06 -20.39 -33.98
C ALA A 42 -7.44 -21.59 -33.14
N PRO A 43 -8.29 -21.45 -32.14
CA PRO A 43 -8.73 -22.64 -31.40
C PRO A 43 -9.40 -23.66 -32.30
N ARG A 44 -9.34 -24.91 -31.89
CA ARG A 44 -9.95 -25.98 -32.66
C ARG A 44 -11.45 -26.11 -32.41
N VAL A 45 -11.92 -25.70 -31.24
CA VAL A 45 -13.35 -25.68 -30.97
C VAL A 45 -14.13 -24.73 -31.87
N LEU A 46 -13.46 -23.84 -32.59
CA LEU A 46 -14.13 -22.95 -33.51
C LEU A 46 -14.64 -23.66 -34.75
N ASP A 47 -14.16 -24.86 -35.02
CA ASP A 47 -14.62 -25.61 -36.18
C ASP A 47 -15.71 -26.48 -35.62
N GLU A 48 -16.97 -26.06 -35.83
CA GLU A 48 -18.06 -26.62 -35.07
C GLU A 48 -18.37 -28.05 -35.46
N ASP A 49 -18.40 -28.35 -36.76
CA ASP A 49 -18.70 -29.71 -37.22
C ASP A 49 -17.38 -30.47 -37.37
N ALA A 50 -16.88 -30.98 -36.25
CA ALA A 50 -15.68 -31.79 -36.24
C ALA A 50 -15.68 -32.57 -34.94
N PRO A 51 -15.18 -33.81 -34.94
CA PRO A 51 -15.52 -34.72 -33.84
C PRO A 51 -15.01 -34.21 -32.52
N PRO A 52 -15.67 -34.59 -31.39
CA PRO A 52 -15.27 -34.05 -30.08
C PRO A 52 -13.83 -34.24 -29.68
N GLU A 53 -13.06 -35.07 -30.39
CA GLU A 53 -11.67 -35.29 -30.04
C GLU A 53 -10.67 -34.50 -30.90
N LYS A 54 -11.08 -33.92 -32.04
CA LYS A 54 -10.33 -32.78 -32.63
C LYS A 54 -10.86 -31.45 -32.15
N ARG A 55 -10.93 -31.21 -30.84
CA ARG A 55 -11.47 -29.96 -30.35
C ARG A 55 -10.51 -29.25 -29.42
N ALA A 56 -9.75 -29.98 -28.62
CA ALA A 56 -8.80 -29.31 -27.74
C ALA A 56 -7.65 -28.73 -28.54
N GLY A 57 -6.92 -27.80 -27.90
CA GLY A 57 -5.79 -27.18 -28.52
C GLY A 57 -6.20 -26.14 -29.55
N VAL A 58 -5.23 -25.76 -30.38
CA VAL A 58 -5.40 -24.72 -31.38
C VAL A 58 -4.89 -25.29 -32.69
N HIS A 59 -5.24 -24.62 -33.77
CA HIS A 59 -4.58 -24.91 -35.04
C HIS A 59 -3.32 -24.08 -34.99
N ASP A 60 -2.59 -24.03 -36.07
CA ASP A 60 -1.35 -23.28 -36.10
C ASP A 60 -0.92 -23.30 -37.54
N GLY A 61 0.18 -22.66 -37.81
CA GLY A 61 0.68 -22.86 -39.13
C GLY A 61 0.07 -22.00 -40.19
N HIS A 62 1.00 -21.63 -41.04
CA HIS A 62 0.89 -20.75 -42.17
C HIS A 62 -0.34 -21.03 -43.01
N LEU A 63 -0.96 -19.95 -43.48
CA LEU A 63 -2.10 -19.98 -44.36
C LEU A 63 -1.94 -18.84 -45.34
N LYS A 64 -2.38 -19.08 -46.56
N LYS A 64 -2.59 -18.96 -46.48
CA LYS A 64 -2.24 -18.19 -47.70
CA LYS A 64 -2.25 -18.18 -47.66
C LYS A 64 -3.60 -17.66 -48.16
C LYS A 64 -3.59 -17.67 -48.15
N ARG A 65 -3.98 -16.49 -47.65
CA ARG A 65 -5.16 -15.77 -48.07
C ARG A 65 -5.06 -14.44 -47.38
N ALA A 66 -5.58 -13.40 -47.99
CA ALA A 66 -5.59 -12.13 -47.32
C ALA A 66 -6.45 -12.25 -46.06
N PRO A 67 -6.08 -11.60 -44.96
CA PRO A 67 -6.89 -11.72 -43.74
C PRO A 67 -8.25 -11.08 -43.93
N LYS A 68 -9.29 -11.85 -43.57
N LYS A 68 -9.29 -11.82 -43.63
CA LYS A 68 -10.70 -11.52 -43.64
CA LYS A 68 -10.62 -11.23 -43.69
C LYS A 68 -11.31 -11.12 -42.29
C LYS A 68 -11.20 -10.99 -42.31
N VAL A 69 -12.26 -10.20 -42.34
CA VAL A 69 -13.06 -9.80 -41.20
C VAL A 69 -14.50 -10.01 -41.63
N TYR A 70 -15.29 -10.65 -40.78
CA TYR A 70 -16.72 -10.87 -41.04
C TYR A 70 -17.49 -10.00 -40.06
N CYS A 71 -18.10 -8.94 -40.54
CA CYS A 71 -18.96 -8.10 -39.72
C CYS A 71 -20.40 -8.45 -40.03
N GLY A 72 -20.95 -9.33 -39.22
CA GLY A 72 -22.30 -9.82 -39.38
C GLY A 72 -22.40 -10.74 -40.57
N GLY A 73 -23.25 -10.41 -41.53
CA GLY A 73 -23.37 -11.26 -42.67
C GLY A 73 -22.33 -10.99 -43.73
N ASP A 74 -21.78 -9.79 -43.76
CA ASP A 74 -20.84 -9.38 -44.77
C ASP A 74 -19.44 -9.92 -44.47
N GLU A 75 -18.50 -9.57 -45.32
CA GLU A 75 -17.12 -10.05 -45.27
C GLU A 75 -16.28 -9.12 -46.14
N ARG A 76 -15.04 -8.93 -45.73
CA ARG A 76 -14.13 -7.98 -46.37
C ARG A 76 -12.72 -8.36 -45.98
N ASP A 77 -11.78 -7.94 -46.80
CA ASP A 77 -10.38 -8.03 -46.47
C ASP A 77 -10.05 -7.00 -45.41
N VAL A 78 -9.20 -7.36 -44.46
CA VAL A 78 -8.89 -6.45 -43.37
C VAL A 78 -8.23 -5.20 -43.92
N LEU A 79 -7.26 -5.38 -44.80
CA LEU A 79 -6.38 -4.32 -45.27
C LEU A 79 -6.90 -3.61 -46.50
N ARG A 80 -8.17 -3.71 -46.79
CA ARG A 80 -8.76 -3.12 -47.99
C ARG A 80 -9.56 -1.91 -47.54
N VAL A 81 -9.02 -0.72 -47.76
CA VAL A 81 -9.72 0.49 -47.37
C VAL A 81 -10.98 0.69 -48.21
N GLY A 82 -10.82 0.80 -49.52
CA GLY A 82 -11.93 0.95 -50.45
C GLY A 82 -12.90 2.06 -50.06
N SER A 83 -14.17 1.85 -50.40
CA SER A 83 -15.26 2.71 -49.94
C SER A 83 -15.90 2.19 -48.66
N GLY A 84 -16.41 0.97 -48.67
CA GLY A 84 -17.07 0.48 -47.49
C GLY A 84 -16.04 0.22 -46.41
N GLY A 85 -16.54 -0.25 -45.27
CA GLY A 85 -15.67 -0.49 -44.14
C GLY A 85 -16.48 -0.94 -42.95
N PHE A 86 -15.90 -1.80 -42.13
CA PHE A 86 -16.52 -2.28 -40.92
C PHE A 86 -16.14 -1.51 -39.68
N TRP A 87 -15.14 -0.64 -39.75
CA TRP A 87 -14.76 0.23 -38.66
C TRP A 87 -14.50 1.59 -39.27
N PRO A 88 -14.61 2.66 -38.50
CA PRO A 88 -14.33 3.98 -39.05
C PRO A 88 -12.88 4.17 -39.45
N ARG A 89 -12.65 5.19 -40.26
CA ARG A 89 -11.33 5.55 -40.75
C ARG A 89 -11.28 7.05 -40.82
N ARG A 90 -10.21 7.61 -40.27
CA ARG A 90 -9.86 9.00 -40.43
C ARG A 90 -8.61 9.19 -41.28
N SER A 91 -8.12 8.14 -41.90
CA SER A 91 -6.88 8.16 -42.68
C SER A 91 -7.14 8.66 -44.10
N ARG A 92 -6.20 9.44 -44.61
CA ARG A 92 -6.23 9.84 -46.02
C ARG A 92 -5.46 8.89 -46.93
N LEU A 93 -4.18 8.68 -46.67
CA LEU A 93 -3.43 7.67 -47.38
C LEU A 93 -3.65 6.29 -46.79
N TRP A 94 -3.43 5.28 -47.60
CA TRP A 94 -3.36 3.92 -47.10
C TRP A 94 -2.46 3.14 -48.06
N GLY A 95 -1.23 2.91 -47.63
CA GLY A 95 -0.25 2.24 -48.45
C GLY A 95 0.01 2.96 -49.76
N GLY A 96 0.13 4.27 -49.72
CA GLY A 96 0.39 5.04 -50.91
C GLY A 96 -0.80 5.58 -51.69
N VAL A 97 -1.85 4.78 -51.86
CA VAL A 97 -3.07 5.31 -52.47
C VAL A 97 -3.62 6.46 -51.64
N ASP A 98 -4.12 7.47 -52.32
CA ASP A 98 -4.75 8.65 -51.73
C ASP A 98 -6.27 8.52 -51.78
N HIS A 99 -6.89 8.16 -50.65
CA HIS A 99 -8.31 7.87 -50.57
C HIS A 99 -9.15 9.07 -50.20
N ALA A 100 -8.71 10.27 -50.47
CA ALA A 100 -9.51 11.45 -50.20
C ALA A 100 -10.31 11.84 -51.43
N PRO A 101 -11.44 12.53 -51.28
CA PRO A 101 -12.11 13.09 -52.45
C PRO A 101 -11.20 14.08 -53.14
N ALA A 102 -11.09 13.96 -54.46
CA ALA A 102 -10.23 14.86 -55.20
C ALA A 102 -10.60 16.31 -54.92
N GLY A 103 -9.64 17.20 -55.12
CA GLY A 103 -9.87 18.52 -54.63
C GLY A 103 -9.84 18.66 -53.13
N PHE A 104 -9.36 17.68 -52.38
CA PHE A 104 -9.14 17.90 -50.96
C PHE A 104 -8.00 18.87 -50.82
N ASN A 105 -8.26 19.99 -50.20
CA ASN A 105 -7.18 20.91 -49.92
C ASN A 105 -7.62 21.83 -48.80
N PRO A 106 -7.86 21.32 -47.61
CA PRO A 106 -8.34 22.20 -46.54
C PRO A 106 -7.32 23.25 -46.20
N THR A 107 -7.78 24.48 -46.06
CA THR A 107 -6.90 25.54 -45.63
C THR A 107 -6.70 25.42 -44.13
N VAL A 108 -5.49 25.71 -43.67
CA VAL A 108 -5.15 25.53 -42.28
C VAL A 108 -4.61 26.86 -41.83
N THR A 109 -5.33 27.49 -40.92
CA THR A 109 -4.85 28.69 -40.28
C THR A 109 -4.70 28.56 -38.78
N VAL A 110 -5.41 27.65 -38.14
CA VAL A 110 -5.24 27.37 -36.72
C VAL A 110 -5.32 25.88 -36.58
N PHE A 111 -4.45 25.34 -35.73
CA PHE A 111 -4.34 23.90 -35.53
C PHE A 111 -3.95 23.69 -34.06
N HIS A 112 -4.86 23.21 -33.26
CA HIS A 112 -4.45 22.61 -32.02
C HIS A 112 -3.31 21.62 -32.23
N VAL A 113 -2.35 21.65 -31.31
CA VAL A 113 -1.22 20.73 -31.26
C VAL A 113 -1.31 19.97 -29.96
N TYR A 114 -1.27 18.66 -30.03
CA TYR A 114 -1.30 17.81 -28.85
C TYR A 114 -0.04 17.02 -28.63
N ASP A 115 0.73 16.72 -29.65
CA ASP A 115 1.98 16.02 -29.48
C ASP A 115 2.98 16.62 -30.44
N ILE A 116 4.24 16.50 -30.07
CA ILE A 116 5.36 17.01 -30.84
C ILE A 116 6.34 15.87 -30.98
N LEU A 117 6.60 15.44 -32.19
CA LEU A 117 7.63 14.48 -32.45
C LEU A 117 8.90 15.19 -32.87
N GLU A 118 9.96 14.43 -32.92
CA GLU A 118 11.18 14.89 -33.54
C GLU A 118 11.79 13.69 -34.20
N ASN A 119 12.41 13.94 -35.34
CA ASN A 119 12.87 12.83 -36.14
C ASN A 119 13.80 13.40 -37.17
N VAL A 120 14.91 12.72 -37.39
CA VAL A 120 15.85 13.20 -38.36
C VAL A 120 15.28 13.02 -39.76
N GLU A 121 15.67 13.89 -40.67
CA GLU A 121 15.19 13.88 -42.03
C GLU A 121 16.37 14.21 -42.93
N HIS A 122 16.65 13.36 -43.90
CA HIS A 122 17.82 13.51 -44.73
C HIS A 122 17.48 14.19 -46.04
N ALA A 123 18.25 15.21 -46.39
CA ALA A 123 18.03 15.90 -47.65
C ALA A 123 18.27 15.03 -48.86
N TYR A 124 18.98 13.91 -48.73
CA TYR A 124 19.03 12.96 -49.84
C TYR A 124 17.79 12.11 -49.85
N GLY A 125 17.15 11.93 -48.71
CA GLY A 125 15.96 11.11 -48.63
C GLY A 125 14.73 11.77 -49.15
N MET A 126 14.71 13.09 -49.23
CA MET A 126 13.57 13.88 -49.65
C MET A 126 13.84 14.59 -50.97
N ARG A 127 14.57 13.93 -51.85
CA ARG A 127 14.86 14.47 -53.17
C ARG A 127 13.58 14.71 -53.96
N ALA A 128 12.78 13.67 -54.06
CA ALA A 128 11.56 13.67 -54.84
C ALA A 128 10.42 14.31 -54.10
N ALA A 129 10.53 14.48 -52.78
CA ALA A 129 9.45 15.01 -51.99
C ALA A 129 9.03 16.41 -52.41
N GLN A 130 9.88 17.14 -53.13
CA GLN A 130 9.55 18.45 -53.68
C GLN A 130 9.25 19.47 -52.58
N PHE A 131 10.18 19.63 -51.64
CA PHE A 131 10.09 20.76 -50.74
C PHE A 131 10.65 21.99 -51.44
N HIS A 132 10.57 23.13 -50.76
CA HIS A 132 11.27 24.32 -51.13
C HIS A 132 12.73 24.20 -50.76
N ALA A 133 13.51 25.21 -51.15
CA ALA A 133 14.91 25.23 -50.79
C ALA A 133 15.07 25.38 -49.29
N ARG A 134 14.29 26.25 -48.68
CA ARG A 134 14.57 26.61 -47.31
C ARG A 134 14.28 25.53 -46.30
N PHE A 135 13.81 24.35 -46.68
CA PHE A 135 13.79 23.18 -45.81
C PHE A 135 14.82 22.16 -46.20
N MET A 136 15.07 22.05 -47.50
CA MET A 136 16.07 21.13 -47.97
C MET A 136 17.42 21.56 -47.45
N ASP A 137 17.67 22.85 -47.44
CA ASP A 137 18.91 23.34 -46.87
C ASP A 137 18.92 23.26 -45.36
N ALA A 138 17.76 23.16 -44.71
CA ALA A 138 17.68 22.92 -43.29
C ALA A 138 17.89 21.47 -42.92
N ILE A 139 17.99 20.56 -43.89
CA ILE A 139 18.31 19.16 -43.61
C ILE A 139 19.49 18.66 -44.44
N THR A 140 20.36 19.55 -44.94
CA THR A 140 21.28 19.22 -46.05
C THR A 140 22.16 17.96 -46.05
N PRO A 141 23.04 17.67 -45.10
CA PRO A 141 23.28 16.24 -44.82
C PRO A 141 22.11 15.60 -44.12
N THR A 142 21.56 16.33 -43.17
CA THR A 142 20.72 15.81 -42.14
C THR A 142 20.16 17.02 -41.43
N GLY A 143 18.94 16.90 -40.92
CA GLY A 143 18.42 17.86 -39.98
C GLY A 143 17.54 17.14 -38.99
N THR A 144 17.14 17.87 -37.97
CA THR A 144 16.08 17.45 -37.06
C THR A 144 14.85 18.25 -37.39
N VAL A 145 13.74 17.54 -37.48
CA VAL A 145 12.45 18.08 -37.88
C VAL A 145 11.49 17.89 -36.73
N ILE A 146 10.81 18.95 -36.36
CA ILE A 146 9.98 18.98 -35.17
C ILE A 146 8.56 18.89 -35.68
N THR A 147 7.93 17.72 -35.58
CA THR A 147 6.61 17.51 -36.14
C THR A 147 5.56 17.81 -35.10
N LEU A 148 4.68 18.74 -35.40
CA LEU A 148 3.59 19.17 -34.57
C LEU A 148 2.36 18.43 -35.05
N LEU A 149 1.84 17.54 -34.22
CA LEU A 149 0.67 16.77 -34.57
C LEU A 149 -0.56 17.40 -33.97
N GLY A 150 -1.66 17.35 -34.70
CA GLY A 150 -2.82 18.00 -34.15
C GLY A 150 -3.97 18.03 -35.11
N LEU A 151 -4.98 18.78 -34.71
CA LEU A 151 -6.23 18.90 -35.42
C LEU A 151 -6.49 20.35 -35.78
N THR A 152 -7.30 20.52 -36.79
CA THR A 152 -7.85 21.82 -37.15
C THR A 152 -9.20 21.95 -36.48
N PRO A 153 -9.78 23.15 -36.47
CA PRO A 153 -11.07 23.27 -35.80
C PRO A 153 -12.17 22.52 -36.49
N GLU A 154 -12.01 22.20 -37.76
CA GLU A 154 -12.91 21.38 -38.57
C GLU A 154 -12.52 19.91 -38.59
N GLY A 155 -11.62 19.46 -37.72
CA GLY A 155 -11.35 18.05 -37.59
C GLY A 155 -10.31 17.43 -38.47
N HIS A 156 -9.59 18.19 -39.29
CA HIS A 156 -8.54 17.64 -40.15
C HIS A 156 -7.26 17.42 -39.37
N ARG A 157 -6.69 16.23 -39.48
CA ARG A 157 -5.48 15.88 -38.77
C ARG A 157 -4.31 16.52 -39.48
N VAL A 158 -3.72 17.50 -38.83
CA VAL A 158 -2.55 18.19 -39.31
C VAL A 158 -1.28 17.50 -38.82
N ALA A 159 -0.20 17.80 -39.52
CA ALA A 159 1.16 17.47 -39.12
C ALA A 159 1.99 18.58 -39.72
N VAL A 160 2.48 19.48 -38.90
CA VAL A 160 3.34 20.55 -39.37
C VAL A 160 4.79 20.17 -39.08
N HIS A 161 5.64 20.25 -40.07
CA HIS A 161 7.06 19.95 -39.93
C HIS A 161 7.86 21.25 -39.80
N VAL A 162 8.42 21.48 -38.62
CA VAL A 162 9.23 22.66 -38.32
C VAL A 162 10.69 22.33 -38.58
N TYR A 163 11.18 22.71 -39.74
CA TYR A 163 12.59 22.84 -40.09
C TYR A 163 13.30 23.98 -39.36
N GLY A 164 14.61 23.82 -39.20
CA GLY A 164 15.40 24.74 -38.38
C GLY A 164 15.71 24.03 -37.12
N THR A 165 15.73 24.68 -35.96
CA THR A 165 15.58 23.97 -34.71
C THR A 165 16.63 22.88 -34.49
N ARG A 166 17.88 23.28 -34.41
CA ARG A 166 18.90 22.31 -34.09
C ARG A 166 19.40 22.55 -32.68
N GLN A 167 19.69 21.45 -32.00
CA GLN A 167 20.15 21.39 -30.63
C GLN A 167 21.54 21.98 -30.48
N TYR A 168 21.92 22.20 -29.25
CA TYR A 168 23.20 22.79 -29.00
C TYR A 168 23.57 22.60 -27.55
N PHE A 169 24.87 22.66 -27.30
CA PHE A 169 25.35 22.67 -25.92
C PHE A 169 26.42 23.73 -25.81
N TYR A 170 26.92 23.94 -24.60
CA TYR A 170 28.02 24.87 -24.33
C TYR A 170 29.20 24.16 -23.75
N MET A 171 30.39 24.56 -24.16
CA MET A 171 31.62 24.19 -23.47
C MET A 171 32.43 25.44 -23.19
N ASN A 172 33.08 25.52 -22.04
CA ASN A 172 33.82 26.73 -21.68
C ASN A 172 34.90 27.00 -22.72
N LYS A 173 35.04 28.27 -23.11
CA LYS A 173 35.93 28.57 -24.23
C LYS A 173 37.38 28.27 -23.89
N GLU A 174 37.86 28.74 -22.75
CA GLU A 174 39.24 28.52 -22.37
C GLU A 174 39.51 27.04 -22.11
N GLU A 175 38.56 26.36 -21.49
CA GLU A 175 38.74 24.94 -21.19
C GLU A 175 38.88 24.12 -22.47
N VAL A 176 38.04 24.38 -23.48
CA VAL A 176 38.17 23.68 -24.74
C VAL A 176 39.41 24.13 -25.48
N ASP A 177 39.74 25.42 -25.41
CA ASP A 177 40.92 25.93 -26.08
C ASP A 177 42.18 25.28 -25.57
N ARG A 178 42.21 24.96 -24.29
CA ARG A 178 43.37 24.33 -23.70
C ARG A 178 43.40 22.85 -24.01
N HIS A 179 42.33 22.13 -23.70
CA HIS A 179 42.39 20.68 -23.75
C HIS A 179 42.45 20.14 -25.16
N LEU A 180 42.16 20.97 -26.16
CA LEU A 180 42.33 20.63 -27.56
C LEU A 180 42.61 21.91 -28.31
N GLN A 181 43.90 22.18 -28.58
CA GLN A 181 44.39 23.49 -28.96
C GLN A 181 43.55 24.09 -30.07
N CYS A 182 42.90 25.23 -29.77
CA CYS A 182 41.91 25.82 -30.67
C CYS A 182 42.21 27.28 -30.90
N ARG A 183 42.15 27.69 -32.15
CA ARG A 183 42.36 29.06 -32.59
C ARG A 183 41.13 29.69 -33.23
N ALA A 184 40.31 28.88 -33.89
CA ALA A 184 39.04 29.33 -34.45
C ALA A 184 37.95 28.37 -34.02
N PRO A 185 36.68 28.77 -34.11
CA PRO A 185 35.60 27.80 -33.84
C PRO A 185 35.60 26.65 -34.83
N ARG A 186 35.82 26.97 -36.11
CA ARG A 186 35.95 25.97 -37.15
C ARG A 186 36.96 24.89 -36.80
N ASP A 187 38.10 25.25 -36.21
CA ASP A 187 39.01 24.21 -35.76
C ASP A 187 38.37 23.29 -34.73
N LEU A 188 37.37 23.79 -34.00
CA LEU A 188 36.71 22.96 -33.00
C LEU A 188 35.64 22.11 -33.65
N CYS A 189 34.94 22.67 -34.63
CA CYS A 189 33.99 21.86 -35.40
C CYS A 189 34.72 20.71 -36.05
N GLU A 190 35.89 21.00 -36.61
CA GLU A 190 36.75 19.96 -37.19
C GLU A 190 37.11 18.91 -36.17
N ARG A 191 37.52 19.31 -34.96
N ARG A 191 37.51 19.32 -34.96
CA ARG A 191 37.91 18.32 -33.95
CA ARG A 191 37.91 18.35 -33.95
C ARG A 191 36.71 17.48 -33.48
C ARG A 191 36.73 17.50 -33.47
N MET A 192 35.55 18.09 -33.28
CA MET A 192 34.38 17.27 -32.93
C MET A 192 34.02 16.28 -34.03
N ALA A 193 34.15 16.69 -35.28
CA ALA A 193 33.94 15.75 -36.38
C ALA A 193 35.01 14.67 -36.35
N ALA A 194 36.27 15.09 -36.19
CA ALA A 194 37.40 14.18 -36.11
C ALA A 194 37.19 13.12 -35.06
N ALA A 195 36.59 13.51 -33.94
CA ALA A 195 36.39 12.57 -32.86
C ALA A 195 35.26 11.63 -33.16
N LEU A 196 34.24 12.09 -33.89
CA LEU A 196 33.14 11.18 -34.23
C LEU A 196 33.53 10.18 -35.32
N ARG A 197 34.42 10.57 -36.22
CA ARG A 197 34.81 9.68 -37.31
C ARG A 197 35.62 8.49 -36.83
N GLU A 198 36.13 8.52 -35.60
CA GLU A 198 36.94 7.45 -35.04
C GLU A 198 36.15 6.59 -34.05
N SER A 199 34.84 6.83 -33.91
CA SER A 199 33.96 6.16 -32.97
C SER A 199 34.03 4.63 -33.12
N PRO A 200 33.74 3.88 -32.06
CA PRO A 200 34.09 2.45 -32.04
C PRO A 200 33.38 1.67 -33.12
N GLY A 201 32.15 2.06 -33.43
CA GLY A 201 31.33 1.37 -34.39
C GLY A 201 30.70 2.44 -35.24
N ALA A 202 30.64 2.16 -36.55
CA ALA A 202 30.60 3.18 -37.60
C ALA A 202 29.20 3.79 -37.69
N SER A 203 28.91 4.62 -36.70
CA SER A 203 27.61 5.26 -36.62
C SER A 203 27.59 6.69 -37.15
N PHE A 204 28.72 7.26 -37.52
CA PHE A 204 28.80 8.67 -37.88
C PHE A 204 29.50 8.81 -39.21
N ARG A 205 29.10 7.97 -40.17
CA ARG A 205 29.79 7.86 -41.44
C ARG A 205 29.68 9.16 -42.23
N GLY A 206 30.82 9.67 -42.67
CA GLY A 206 30.86 10.80 -43.56
C GLY A 206 30.85 12.13 -42.86
N ILE A 207 30.78 12.13 -41.53
CA ILE A 207 30.55 13.33 -40.75
C ILE A 207 31.64 14.35 -41.02
N SER A 208 31.23 15.57 -41.28
CA SER A 208 32.07 16.64 -41.73
C SER A 208 32.05 17.76 -40.72
N ALA A 209 32.88 18.76 -40.99
CA ALA A 209 33.09 19.90 -40.11
C ALA A 209 31.99 20.92 -40.22
N ASP A 210 30.87 20.59 -40.86
CA ASP A 210 29.79 21.51 -41.15
C ASP A 210 28.51 21.04 -40.50
N HIS A 211 28.44 19.78 -40.06
CA HIS A 211 27.34 19.33 -39.22
C HIS A 211 27.36 19.95 -37.82
N PHE A 212 28.43 20.70 -37.45
CA PHE A 212 28.64 21.13 -36.07
C PHE A 212 28.92 22.60 -35.91
N GLU A 213 28.18 23.47 -36.60
CA GLU A 213 28.41 24.91 -36.54
C GLU A 213 28.51 25.38 -35.08
N ALA A 214 29.37 26.37 -34.82
CA ALA A 214 29.61 26.82 -33.45
C ALA A 214 29.80 28.33 -33.43
N GLU A 215 29.54 28.92 -32.27
CA GLU A 215 29.83 30.34 -32.06
C GLU A 215 30.31 30.54 -30.64
N VAL A 216 30.82 31.73 -30.35
CA VAL A 216 31.37 32.04 -29.04
C VAL A 216 30.35 32.92 -28.34
N VAL A 217 29.72 32.36 -27.31
CA VAL A 217 28.73 33.04 -26.50
C VAL A 217 29.34 33.35 -25.13
N GLU A 218 28.62 34.15 -24.36
CA GLU A 218 29.12 34.92 -23.22
C GLU A 218 28.26 34.62 -21.98
N ARG A 219 28.02 33.35 -21.73
CA ARG A 219 27.07 32.89 -20.72
C ARG A 219 27.76 32.68 -19.37
N THR A 220 26.97 32.34 -18.36
CA THR A 220 27.37 32.19 -16.97
C THR A 220 26.86 30.86 -16.45
N ASP A 221 27.69 30.13 -15.73
CA ASP A 221 27.20 28.90 -15.10
C ASP A 221 26.21 29.33 -14.03
N VAL A 222 25.30 28.45 -13.64
CA VAL A 222 24.17 28.90 -12.84
C VAL A 222 24.43 28.68 -11.38
N TYR A 223 25.32 27.78 -11.03
CA TYR A 223 25.83 27.51 -9.70
C TYR A 223 26.93 28.46 -9.22
N TYR A 224 26.78 29.75 -9.02
CA TYR A 224 27.00 30.31 -7.68
C TYR A 224 26.72 31.78 -7.84
N TYR A 225 26.63 32.50 -6.74
CA TYR A 225 26.63 33.95 -6.93
C TYR A 225 28.00 34.48 -7.30
N GLU A 226 29.08 33.82 -6.91
CA GLU A 226 30.39 34.37 -7.25
C GLU A 226 30.80 34.14 -8.68
N THR A 227 30.18 33.19 -9.37
CA THR A 227 30.56 32.87 -10.73
C THR A 227 30.46 34.09 -11.62
N ARG A 228 31.47 34.28 -12.47
CA ARG A 228 31.56 35.37 -13.43
C ARG A 228 31.15 34.89 -14.81
N PRO A 229 30.60 35.75 -15.66
CA PRO A 229 30.19 35.29 -16.98
C PRO A 229 31.36 35.02 -17.89
N ALA A 230 31.61 33.77 -18.17
CA ALA A 230 32.73 33.38 -18.99
C ALA A 230 32.32 33.42 -20.45
N LEU A 231 33.24 32.98 -21.29
CA LEU A 231 33.07 32.79 -22.72
C LEU A 231 32.95 31.30 -22.96
N PHE A 232 31.91 30.90 -23.66
CA PHE A 232 31.65 29.51 -23.98
C PHE A 232 31.62 29.41 -25.49
N TYR A 233 31.57 28.18 -25.96
CA TYR A 233 31.27 27.90 -27.34
C TYR A 233 29.91 27.27 -27.28
N ARG A 234 29.02 27.73 -28.12
CA ARG A 234 27.72 27.14 -28.31
C ARG A 234 27.81 26.34 -29.60
N VAL A 235 27.67 25.04 -29.47
CA VAL A 235 27.97 24.08 -30.51
C VAL A 235 26.64 23.51 -30.95
N TYR A 236 26.18 23.92 -32.12
CA TYR A 236 24.96 23.48 -32.81
C TYR A 236 25.09 22.13 -33.48
N VAL A 237 24.70 21.12 -32.80
CA VAL A 237 24.60 19.79 -33.39
C VAL A 237 23.33 19.69 -34.23
N ARG A 238 23.33 18.83 -35.24
CA ARG A 238 22.12 18.30 -35.86
C ARG A 238 22.03 16.82 -35.51
N SER A 239 20.90 16.18 -35.75
CA SER A 239 20.80 14.73 -35.54
C SER A 239 21.14 14.33 -34.10
N GLY A 240 20.36 14.79 -33.15
CA GLY A 240 20.76 14.89 -31.77
C GLY A 240 21.32 13.64 -31.11
N ARG A 241 21.17 12.47 -31.72
CA ARG A 241 21.95 11.33 -31.25
C ARG A 241 23.45 11.54 -31.40
N VAL A 242 23.89 12.23 -32.45
CA VAL A 242 25.29 12.63 -32.48
C VAL A 242 25.60 13.50 -31.27
N LEU A 243 24.66 14.32 -30.80
CA LEU A 243 24.91 15.09 -29.59
C LEU A 243 25.00 14.17 -28.39
N SER A 244 24.26 13.06 -28.37
CA SER A 244 24.39 12.12 -27.26
C SER A 244 25.77 11.48 -27.25
N TYR A 245 26.36 11.28 -28.43
CA TYR A 245 27.73 10.77 -28.48
C TYR A 245 28.72 11.85 -28.09
N LEU A 246 28.63 13.00 -28.74
CA LEU A 246 29.50 14.15 -28.53
C LEU A 246 29.35 14.75 -27.14
N CYS A 247 28.43 14.21 -26.35
CA CYS A 247 28.17 14.56 -24.97
C CYS A 247 28.63 13.49 -24.01
N ASP A 248 28.56 12.22 -24.40
CA ASP A 248 29.09 11.18 -23.54
C ASP A 248 30.53 10.80 -23.83
N ASN A 249 31.04 11.00 -25.06
CA ASN A 249 32.34 10.49 -25.48
C ASN A 249 33.36 11.53 -25.91
N PHE A 250 32.97 12.78 -26.11
CA PHE A 250 33.86 13.84 -26.59
C PHE A 250 34.56 14.50 -25.43
N CYS A 251 35.82 14.13 -25.18
CA CYS A 251 36.58 14.89 -24.19
C CYS A 251 35.95 14.84 -22.81
N PRO A 252 35.83 13.67 -22.19
CA PRO A 252 34.97 13.54 -21.02
C PRO A 252 35.45 14.31 -19.81
N ALA A 253 36.56 15.03 -19.91
CA ALA A 253 37.10 15.88 -18.85
C ALA A 253 36.74 17.34 -19.03
N ILE A 254 36.20 17.73 -20.18
CA ILE A 254 35.57 19.04 -20.29
C ILE A 254 34.11 18.87 -19.88
N LYS A 255 33.50 19.94 -19.46
CA LYS A 255 32.14 19.95 -18.94
C LYS A 255 31.20 20.52 -19.99
N LYS A 256 30.37 19.68 -20.57
CA LYS A 256 29.32 20.12 -21.47
C LYS A 256 28.15 20.63 -20.65
N TYR A 257 27.51 21.71 -21.11
CA TYR A 257 26.45 22.28 -20.27
C TYR A 257 25.04 21.79 -20.57
N GLU A 258 24.53 21.94 -21.76
CA GLU A 258 23.11 21.65 -21.97
C GLU A 258 22.91 20.57 -23.00
N GLY A 259 23.72 19.53 -22.91
CA GLY A 259 23.70 18.48 -23.89
C GLY A 259 22.66 17.43 -23.70
N GLY A 260 21.85 17.53 -22.66
CA GLY A 260 20.70 16.69 -22.42
C GLY A 260 19.39 17.29 -22.87
N VAL A 261 19.38 18.53 -23.36
CA VAL A 261 18.17 19.24 -23.72
C VAL A 261 17.83 18.86 -25.16
N ASP A 262 16.77 18.09 -25.35
CA ASP A 262 16.42 17.61 -26.67
C ASP A 262 15.88 18.72 -27.55
N ALA A 263 15.60 18.38 -28.82
CA ALA A 263 15.29 19.40 -29.83
C ALA A 263 13.91 20.01 -29.64
N THR A 264 12.98 19.24 -29.10
CA THR A 264 11.68 19.77 -28.77
C THR A 264 11.77 20.87 -27.75
N THR A 265 12.56 20.68 -26.70
CA THR A 265 12.69 21.73 -25.69
C THR A 265 13.36 22.95 -26.29
N ARG A 266 14.35 22.77 -27.14
CA ARG A 266 14.91 23.89 -27.87
C ARG A 266 13.87 24.57 -28.73
N PHE A 267 12.88 23.85 -29.23
CA PHE A 267 11.88 24.48 -30.07
C PHE A 267 10.92 25.28 -29.23
N ILE A 268 10.49 24.71 -28.12
CA ILE A 268 9.53 25.38 -27.25
C ILE A 268 10.15 26.62 -26.63
N LEU A 269 11.38 26.49 -26.14
CA LEU A 269 12.00 27.57 -25.41
C LEU A 269 12.56 28.64 -26.34
N ASP A 270 13.20 28.27 -27.43
CA ASP A 270 13.84 29.28 -28.27
C ASP A 270 12.82 30.23 -28.85
N ASN A 271 11.61 29.76 -29.08
CA ASN A 271 10.54 30.57 -29.61
C ASN A 271 9.69 31.01 -28.45
N PRO A 272 9.76 32.26 -28.00
CA PRO A 272 8.97 32.64 -26.85
C PRO A 272 7.49 32.61 -27.17
N GLY A 273 6.71 32.03 -26.27
CA GLY A 273 5.29 31.87 -26.41
C GLY A 273 4.84 30.48 -26.74
N PHE A 274 5.64 29.74 -27.49
CA PHE A 274 5.27 28.40 -27.94
C PHE A 274 5.01 27.46 -26.76
N VAL A 275 4.11 26.52 -26.98
CA VAL A 275 3.68 25.55 -25.97
C VAL A 275 3.66 24.19 -26.63
N THR A 276 3.74 23.16 -25.81
CA THR A 276 3.65 21.80 -26.30
C THR A 276 2.22 21.30 -26.46
N PHE A 277 1.23 22.05 -26.02
CA PHE A 277 -0.15 21.61 -26.05
C PHE A 277 -1.01 22.85 -26.19
N GLY A 278 -1.48 23.14 -27.38
CA GLY A 278 -2.28 24.33 -27.52
C GLY A 278 -2.53 24.69 -28.95
N TRP A 279 -3.43 25.64 -29.14
CA TRP A 279 -3.69 26.15 -30.47
C TRP A 279 -2.47 26.84 -31.02
N TYR A 280 -2.35 26.84 -32.33
CA TYR A 280 -1.27 27.52 -33.01
C TYR A 280 -1.88 28.22 -34.21
N ARG A 281 -1.03 28.74 -35.09
CA ARG A 281 -1.45 29.49 -36.25
C ARG A 281 -0.26 29.64 -37.16
N LEU A 282 -0.50 29.45 -38.45
CA LEU A 282 0.49 29.72 -39.48
C LEU A 282 0.52 31.23 -39.77
N LYS A 283 1.71 31.79 -39.95
CA LYS A 283 1.93 33.19 -40.20
C LYS A 283 2.50 33.42 -41.57
N PRO A 284 2.61 34.68 -42.01
CA PRO A 284 3.42 34.97 -43.20
C PRO A 284 4.90 34.67 -43.12
N GLY A 285 5.60 34.90 -42.01
CA GLY A 285 6.96 34.39 -41.89
C GLY A 285 8.03 35.48 -41.97
N ARG A 286 9.29 35.04 -42.01
CA ARG A 286 10.43 35.95 -42.02
C ARG A 286 10.38 37.01 -43.13
N ASN A 287 10.34 36.60 -44.41
CA ASN A 287 10.41 37.59 -45.48
C ASN A 287 9.14 37.70 -46.32
N ASN A 288 8.64 36.64 -46.93
CA ASN A 288 7.23 36.30 -46.83
C ASN A 288 7.01 34.80 -46.68
N THR A 289 7.96 34.03 -46.18
CA THR A 289 7.94 32.60 -46.48
C THR A 289 6.77 31.93 -45.80
N LEU A 290 6.10 31.03 -46.52
CA LEU A 290 4.87 30.41 -46.02
C LEU A 290 5.04 28.92 -45.72
N ALA A 291 3.96 28.34 -45.19
CA ALA A 291 3.94 26.98 -44.66
C ALA A 291 4.18 25.86 -45.68
N GLN A 292 4.27 26.12 -46.98
CA GLN A 292 4.59 25.05 -47.94
C GLN A 292 3.87 23.72 -47.80
N PRO A 293 2.58 23.62 -48.11
CA PRO A 293 1.85 22.34 -47.94
C PRO A 293 2.46 21.17 -48.72
N ARG A 294 2.88 20.14 -47.98
CA ARG A 294 3.46 18.96 -48.57
C ARG A 294 2.51 18.29 -49.52
N ALA A 295 3.07 17.47 -50.39
CA ALA A 295 2.27 16.82 -51.41
C ALA A 295 1.84 15.47 -50.88
N PRO A 296 0.62 15.00 -51.17
CA PRO A 296 0.10 13.82 -50.46
C PRO A 296 1.00 12.59 -50.41
N MET A 297 1.95 12.50 -51.34
CA MET A 297 2.91 11.41 -51.34
C MET A 297 4.03 11.61 -50.35
N ALA A 298 4.44 12.85 -50.11
CA ALA A 298 5.51 13.14 -49.18
C ALA A 298 5.08 13.21 -47.72
N PHE A 299 3.89 12.75 -47.39
CA PHE A 299 3.41 12.67 -46.02
C PHE A 299 4.24 11.70 -45.19
N GLY A 300 4.72 12.17 -44.05
CA GLY A 300 5.39 11.31 -43.13
C GLY A 300 4.45 10.66 -42.16
N THR A 301 3.38 11.34 -41.79
CA THR A 301 2.39 10.85 -40.85
C THR A 301 1.11 10.42 -41.56
N SER A 302 0.18 9.89 -40.76
CA SER A 302 -1.10 9.36 -41.20
C SER A 302 -2.16 10.43 -41.25
N SER A 303 -1.76 11.67 -41.24
CA SER A 303 -2.59 12.85 -41.15
C SER A 303 -3.27 13.17 -42.48
N ASP A 304 -4.26 14.07 -42.41
CA ASP A 304 -5.02 14.50 -43.57
C ASP A 304 -4.23 15.53 -44.38
N VAL A 305 -3.79 16.60 -43.75
CA VAL A 305 -2.99 17.64 -44.39
C VAL A 305 -1.68 17.77 -43.64
N GLU A 306 -0.63 18.15 -44.35
CA GLU A 306 0.71 18.28 -43.80
C GLU A 306 1.42 19.49 -44.37
N PHE A 307 2.26 20.10 -43.55
CA PHE A 307 2.94 21.34 -43.89
C PHE A 307 4.40 21.27 -43.53
N ASN A 308 5.13 22.22 -44.11
CA ASN A 308 6.56 22.40 -43.96
C ASN A 308 6.82 23.83 -43.55
N CYS A 309 6.88 24.11 -42.28
CA CYS A 309 7.14 25.44 -41.80
C CYS A 309 8.59 25.59 -41.34
N THR A 310 8.88 26.77 -40.82
CA THR A 310 9.99 26.96 -39.90
C THR A 310 9.39 27.72 -38.73
N ALA A 311 10.14 27.82 -37.64
CA ALA A 311 9.59 28.37 -36.40
C ALA A 311 9.00 29.77 -36.56
N ASP A 312 9.42 30.52 -37.57
CA ASP A 312 8.89 31.86 -37.81
C ASP A 312 7.56 31.88 -38.54
N ASN A 313 7.11 30.78 -39.15
CA ASN A 313 5.78 30.68 -39.73
C ASN A 313 4.75 30.25 -38.75
N LEU A 314 5.00 30.37 -37.47
CA LEU A 314 4.08 29.84 -36.50
C LEU A 314 3.90 30.88 -35.43
N ALA A 315 2.69 30.90 -34.93
CA ALA A 315 2.25 31.84 -33.94
C ALA A 315 1.42 31.04 -32.98
N ILE A 316 1.35 31.54 -31.77
CA ILE A 316 0.76 30.73 -30.73
C ILE A 316 -0.74 30.76 -30.80
N GLU A 317 -1.34 31.84 -31.30
CA GLU A 317 -2.79 31.95 -31.33
C GLU A 317 -3.38 31.80 -29.93
N GLY A 318 -3.00 32.72 -29.06
CA GLY A 318 -3.69 32.75 -27.81
C GLY A 318 -5.06 33.34 -28.00
N GLY A 319 -5.94 33.03 -27.07
CA GLY A 319 -7.33 33.44 -27.15
C GLY A 319 -8.21 32.24 -27.34
N MET A 320 -7.78 31.30 -28.16
CA MET A 320 -8.45 30.01 -28.21
C MET A 320 -8.04 29.20 -27.00
N SER A 321 -8.96 28.50 -26.42
CA SER A 321 -8.70 27.54 -25.37
C SER A 321 -9.21 26.16 -25.68
N ASP A 322 -10.37 26.10 -26.32
CA ASP A 322 -11.14 24.87 -26.42
C ASP A 322 -10.32 23.77 -27.06
N LEU A 323 -10.75 22.62 -26.86
CA LEU A 323 -10.12 21.39 -27.29
C LEU A 323 -10.75 20.90 -28.57
N PRO A 324 -9.99 20.52 -29.55
CA PRO A 324 -10.53 19.99 -30.79
C PRO A 324 -11.17 18.66 -30.61
N ALA A 325 -11.61 18.11 -31.68
CA ALA A 325 -12.47 17.01 -31.96
C ALA A 325 -11.74 15.65 -31.73
N TYR A 326 -10.57 15.66 -31.09
CA TYR A 326 -9.71 14.49 -30.93
C TYR A 326 -10.46 13.29 -30.44
N LYS A 327 -10.00 12.13 -30.87
CA LYS A 327 -10.60 10.86 -30.57
C LYS A 327 -9.87 10.11 -29.47
N LEU A 328 -10.66 9.36 -28.73
CA LEU A 328 -10.19 8.53 -27.64
C LEU A 328 -10.60 7.11 -27.98
N MET A 329 -9.63 6.21 -28.07
CA MET A 329 -9.89 4.79 -28.02
C MET A 329 -9.69 4.27 -26.62
N CYS A 330 -10.60 3.42 -26.18
CA CYS A 330 -10.59 2.84 -24.85
C CYS A 330 -10.70 1.35 -25.09
N PHE A 331 -9.56 0.67 -25.19
CA PHE A 331 -9.61 -0.75 -25.52
C PHE A 331 -9.36 -1.66 -24.31
N ASP A 332 -9.66 -2.93 -24.51
CA ASP A 332 -9.50 -3.95 -23.48
C ASP A 332 -9.44 -5.29 -24.18
N ILE A 333 -8.36 -5.98 -24.07
CA ILE A 333 -8.25 -7.32 -24.64
C ILE A 333 -8.71 -8.36 -23.64
N GLU A 334 -9.18 -9.48 -24.17
CA GLU A 334 -9.45 -10.70 -23.45
C GLU A 334 -8.71 -11.83 -24.11
N CYS A 335 -8.09 -12.66 -23.30
CA CYS A 335 -7.17 -13.66 -23.78
C CYS A 335 -7.57 -15.02 -23.25
N LYS A 336 -7.30 -16.05 -24.03
CA LYS A 336 -7.51 -17.41 -23.58
C LYS A 336 -6.19 -18.16 -23.55
N ALA A 337 -6.08 -19.08 -22.61
CA ALA A 337 -4.93 -19.98 -22.52
C ALA A 337 -5.33 -21.28 -23.16
N GLY A 338 -4.49 -21.77 -24.06
CA GLY A 338 -4.85 -22.89 -24.90
C GLY A 338 -3.95 -24.09 -24.78
N GLY A 339 -3.18 -24.17 -23.70
CA GLY A 339 -2.31 -25.29 -23.45
C GLY A 339 -3.03 -26.41 -22.74
N GLU A 340 -2.26 -27.46 -22.41
CA GLU A 340 -2.78 -28.62 -21.69
C GLU A 340 -3.66 -28.23 -20.51
N ASP A 341 -3.20 -27.26 -19.71
CA ASP A 341 -3.97 -26.70 -18.60
C ASP A 341 -4.65 -25.42 -19.06
N GLU A 342 -5.90 -25.52 -19.44
CA GLU A 342 -6.63 -24.34 -19.86
C GLU A 342 -7.10 -23.50 -18.68
N LEU A 343 -6.83 -23.89 -17.43
CA LEU A 343 -7.03 -23.00 -16.29
C LEU A 343 -5.80 -22.15 -15.97
N ALA A 344 -4.66 -22.41 -16.60
CA ALA A 344 -3.51 -21.55 -16.43
C ALA A 344 -3.82 -20.17 -16.96
N PHE A 345 -3.02 -19.19 -16.58
CA PHE A 345 -3.26 -17.85 -17.08
C PHE A 345 -2.53 -17.65 -18.41
N PRO A 346 -3.11 -16.94 -19.39
CA PRO A 346 -2.44 -16.71 -20.66
C PRO A 346 -1.03 -16.15 -20.58
N VAL A 347 -0.22 -16.47 -21.56
CA VAL A 347 1.14 -15.99 -21.66
C VAL A 347 1.40 -15.64 -23.12
N ALA A 348 1.92 -14.45 -23.36
CA ALA A 348 2.02 -13.94 -24.72
C ALA A 348 3.00 -14.74 -25.56
N GLY A 349 4.09 -15.19 -24.96
CA GLY A 349 5.08 -15.97 -25.70
C GLY A 349 4.55 -17.28 -26.24
N HIS A 350 3.65 -17.94 -25.50
CA HIS A 350 3.07 -19.20 -25.92
C HIS A 350 2.21 -18.99 -27.15
N PRO A 351 2.46 -19.66 -28.27
CA PRO A 351 1.58 -19.49 -29.44
C PRO A 351 0.16 -19.99 -29.26
N GLU A 352 -0.17 -20.71 -28.20
CA GLU A 352 -1.51 -21.23 -28.00
C GLU A 352 -2.30 -20.47 -26.94
N ASP A 353 -1.69 -19.49 -26.28
CA ASP A 353 -2.38 -18.63 -25.33
C ASP A 353 -2.69 -17.35 -26.07
N LEU A 354 -3.86 -17.31 -26.69
CA LEU A 354 -4.14 -16.36 -27.75
C LEU A 354 -5.14 -15.31 -27.32
N VAL A 355 -5.08 -14.14 -27.96
CA VAL A 355 -6.13 -13.16 -27.71
C VAL A 355 -7.38 -13.64 -28.42
N ILE A 356 -8.52 -13.46 -27.75
CA ILE A 356 -9.80 -13.92 -28.26
C ILE A 356 -10.73 -12.75 -28.55
N GLN A 357 -10.73 -11.73 -27.72
CA GLN A 357 -11.56 -10.55 -27.95
C GLN A 357 -10.81 -9.27 -27.66
N ILE A 358 -11.14 -8.23 -28.41
CA ILE A 358 -10.64 -6.90 -28.15
C ILE A 358 -11.84 -5.96 -28.21
N SER A 359 -12.37 -5.60 -27.07
CA SER A 359 -13.25 -4.44 -27.05
C SER A 359 -12.49 -3.18 -27.39
N CYS A 360 -13.16 -2.27 -28.07
CA CYS A 360 -12.54 -1.02 -28.50
C CYS A 360 -13.65 0.02 -28.60
N LEU A 361 -13.73 0.90 -27.63
CA LEU A 361 -14.69 1.99 -27.69
C LEU A 361 -14.01 3.20 -28.28
N LEU A 362 -14.76 3.98 -29.03
CA LEU A 362 -14.23 5.14 -29.74
C LEU A 362 -15.07 6.35 -29.38
N TYR A 363 -14.68 7.03 -28.31
CA TYR A 363 -15.21 8.31 -27.91
C TYR A 363 -14.70 9.49 -28.72
N ASP A 364 -15.39 10.60 -28.55
CA ASP A 364 -14.97 11.91 -28.97
C ASP A 364 -14.48 12.67 -27.75
N LEU A 365 -13.28 13.20 -27.83
CA LEU A 365 -12.66 13.73 -26.63
C LEU A 365 -13.28 15.06 -26.24
N SER A 366 -13.70 15.85 -27.21
CA SER A 366 -14.26 17.17 -26.92
C SER A 366 -15.67 17.05 -26.36
N THR A 367 -16.57 16.44 -27.11
CA THR A 367 -17.94 16.30 -26.61
C THR A 367 -18.12 15.17 -25.61
N THR A 368 -17.11 14.34 -25.40
CA THR A 368 -17.13 13.19 -24.48
C THR A 368 -18.09 12.10 -24.89
N ALA A 369 -18.55 12.12 -26.13
CA ALA A 369 -19.61 11.27 -26.65
C ALA A 369 -19.04 9.98 -27.23
N LEU A 370 -19.43 8.84 -26.68
CA LEU A 370 -19.05 7.56 -27.28
C LEU A 370 -19.64 7.43 -28.67
N GLU A 371 -18.79 7.23 -29.66
CA GLU A 371 -19.20 7.22 -31.06
C GLU A 371 -19.34 5.83 -31.64
N HIS A 372 -18.37 4.95 -31.38
CA HIS A 372 -18.41 3.60 -31.90
C HIS A 372 -18.07 2.62 -30.79
N VAL A 373 -18.70 1.46 -30.82
CA VAL A 373 -18.40 0.37 -29.91
C VAL A 373 -18.05 -0.84 -30.77
N LEU A 374 -16.76 -1.05 -31.00
CA LEU A 374 -16.24 -2.17 -31.76
C LEU A 374 -15.86 -3.34 -30.87
N LEU A 375 -16.12 -4.54 -31.35
CA LEU A 375 -15.71 -5.74 -30.65
C LEU A 375 -15.06 -6.66 -31.67
N PHE A 376 -13.76 -6.86 -31.52
CA PHE A 376 -13.05 -7.83 -32.31
C PHE A 376 -13.19 -9.15 -31.62
N SER A 377 -13.46 -10.20 -32.38
CA SER A 377 -13.74 -11.47 -31.76
C SER A 377 -13.23 -12.56 -32.65
N LEU A 378 -12.43 -13.43 -32.10
CA LEU A 378 -11.90 -14.61 -32.78
C LEU A 378 -13.00 -15.65 -32.76
N GLY A 379 -13.59 -15.93 -33.90
CA GLY A 379 -14.74 -16.79 -33.96
C GLY A 379 -16.01 -16.03 -33.74
N SER A 380 -17.10 -16.77 -33.85
CA SER A 380 -18.45 -16.24 -33.69
C SER A 380 -18.64 -15.59 -32.34
N CYS A 381 -19.47 -14.56 -32.32
CA CYS A 381 -19.81 -13.85 -31.10
C CYS A 381 -21.18 -13.24 -31.34
N ASP A 382 -22.19 -13.72 -30.62
CA ASP A 382 -23.53 -13.17 -30.68
C ASP A 382 -23.79 -12.51 -29.33
N LEU A 383 -23.82 -11.19 -29.31
CA LEU A 383 -23.95 -10.50 -28.05
C LEU A 383 -25.34 -10.74 -27.47
N PRO A 384 -25.46 -10.96 -26.17
CA PRO A 384 -26.77 -11.20 -25.59
C PRO A 384 -27.68 -10.00 -25.76
N GLU A 385 -28.97 -10.27 -25.91
CA GLU A 385 -29.94 -9.23 -26.19
C GLU A 385 -30.06 -8.29 -25.02
N SER A 386 -29.97 -8.81 -23.80
CA SER A 386 -30.10 -7.95 -22.64
C SER A 386 -29.04 -6.87 -22.68
N HIS A 387 -27.81 -7.23 -23.03
CA HIS A 387 -26.74 -6.25 -23.14
C HIS A 387 -26.99 -5.26 -24.29
N LEU A 388 -27.46 -5.75 -25.43
CA LEU A 388 -27.75 -4.85 -26.53
C LEU A 388 -28.81 -3.84 -26.15
N ASN A 389 -29.82 -4.28 -25.41
CA ASN A 389 -30.89 -3.38 -25.01
C ASN A 389 -30.45 -2.44 -23.92
N GLU A 390 -29.53 -2.84 -23.04
CA GLU A 390 -28.99 -1.89 -22.09
C GLU A 390 -28.22 -0.80 -22.79
N LEU A 391 -27.47 -1.17 -23.83
CA LEU A 391 -26.77 -0.16 -24.63
C LEU A 391 -27.74 0.79 -25.30
N ALA A 392 -28.71 0.26 -26.03
CA ALA A 392 -29.66 1.17 -26.71
C ALA A 392 -30.45 2.00 -25.72
N ALA A 393 -30.73 1.46 -24.54
CA ALA A 393 -31.43 2.19 -23.49
C ALA A 393 -30.61 3.37 -23.02
N ARG A 394 -29.30 3.20 -22.87
CA ARG A 394 -28.45 4.29 -22.43
C ARG A 394 -28.04 5.21 -23.56
N GLY A 395 -28.48 4.98 -24.78
CA GLY A 395 -28.14 5.85 -25.90
C GLY A 395 -26.83 5.55 -26.58
N LEU A 396 -26.12 4.56 -26.17
CA LEU A 396 -24.83 4.21 -26.68
C LEU A 396 -24.94 3.55 -28.05
N PRO A 397 -23.92 3.66 -28.91
CA PRO A 397 -24.01 3.06 -30.23
C PRO A 397 -24.24 1.56 -30.17
N THR A 398 -24.66 0.99 -31.29
CA THR A 398 -24.86 -0.45 -31.27
C THR A 398 -23.50 -1.11 -31.46
N PRO A 399 -23.22 -2.21 -30.76
CA PRO A 399 -21.92 -2.85 -30.94
C PRO A 399 -21.76 -3.41 -32.34
N VAL A 400 -20.64 -3.05 -32.97
CA VAL A 400 -20.25 -3.57 -34.28
C VAL A 400 -19.31 -4.72 -33.98
N VAL A 401 -19.85 -5.93 -33.93
CA VAL A 401 -19.02 -7.10 -33.65
C VAL A 401 -18.39 -7.54 -34.94
N LEU A 402 -17.07 -7.64 -34.93
CA LEU A 402 -16.27 -8.09 -36.07
C LEU A 402 -15.73 -9.46 -35.72
N GLU A 403 -15.95 -10.45 -36.58
CA GLU A 403 -15.53 -11.80 -36.29
C GLU A 403 -14.32 -12.14 -37.15
N PHE A 404 -13.41 -12.93 -36.60
CA PHE A 404 -12.23 -13.37 -37.30
C PHE A 404 -12.09 -14.86 -37.15
N ASP A 405 -11.25 -15.43 -37.99
CA ASP A 405 -10.97 -16.86 -37.97
C ASP A 405 -9.76 -17.16 -37.11
N SER A 406 -8.69 -16.43 -37.35
CA SER A 406 -7.40 -16.58 -36.73
C SER A 406 -7.11 -15.38 -35.84
N GLU A 407 -6.28 -15.61 -34.82
CA GLU A 407 -5.84 -14.51 -33.97
C GLU A 407 -5.07 -13.46 -34.76
N PHE A 408 -4.26 -13.86 -35.75
CA PHE A 408 -3.51 -12.86 -36.47
C PHE A 408 -4.41 -11.90 -37.17
N GLU A 409 -5.48 -12.37 -37.78
CA GLU A 409 -6.37 -11.47 -38.49
C GLU A 409 -7.03 -10.52 -37.53
N MET A 410 -7.41 -11.02 -36.36
CA MET A 410 -8.05 -10.19 -35.36
C MET A 410 -7.12 -9.09 -34.90
N LEU A 411 -5.88 -9.44 -34.60
CA LEU A 411 -4.91 -8.46 -34.15
C LEU A 411 -4.49 -7.54 -35.27
N LEU A 412 -4.42 -8.04 -36.49
CA LEU A 412 -4.08 -7.19 -37.60
C LEU A 412 -5.18 -6.17 -37.86
N ALA A 413 -6.43 -6.58 -37.70
CA ALA A 413 -7.54 -5.66 -37.88
C ALA A 413 -7.60 -4.65 -36.77
N PHE A 414 -7.25 -5.06 -35.56
CA PHE A 414 -7.17 -4.09 -34.48
C PHE A 414 -6.08 -3.07 -34.75
N MET A 415 -4.90 -3.52 -35.16
CA MET A 415 -3.85 -2.55 -35.45
C MET A 415 -4.16 -1.72 -36.66
N THR A 416 -4.95 -2.25 -37.59
CA THR A 416 -5.36 -1.47 -38.75
C THR A 416 -6.36 -0.40 -38.37
N LEU A 417 -7.23 -0.68 -37.41
CA LEU A 417 -8.10 0.34 -36.88
C LEU A 417 -7.29 1.39 -36.17
N VAL A 418 -6.31 0.98 -35.39
CA VAL A 418 -5.47 1.93 -34.68
C VAL A 418 -4.70 2.80 -35.64
N LYS A 419 -4.28 2.26 -36.78
CA LYS A 419 -3.56 3.06 -37.75
C LYS A 419 -4.48 3.93 -38.59
N GLN A 420 -5.65 3.42 -38.98
CA GLN A 420 -6.58 4.14 -39.84
C GLN A 420 -7.38 5.17 -39.07
N TYR A 421 -8.09 4.75 -38.06
CA TYR A 421 -8.75 5.69 -37.17
C TYR A 421 -7.76 6.64 -36.54
N GLY A 422 -6.65 6.13 -36.06
CA GLY A 422 -5.67 6.96 -35.44
C GLY A 422 -6.17 7.72 -34.23
N PRO A 423 -6.55 7.03 -33.17
CA PRO A 423 -6.96 7.75 -31.97
C PRO A 423 -5.81 8.52 -31.38
N GLU A 424 -6.01 9.81 -31.19
CA GLU A 424 -5.00 10.64 -30.56
C GLU A 424 -4.72 10.18 -29.14
N PHE A 425 -5.76 9.87 -28.39
CA PHE A 425 -5.61 9.40 -27.03
C PHE A 425 -6.08 7.97 -26.99
N VAL A 426 -5.29 7.11 -26.36
CA VAL A 426 -5.74 5.77 -26.02
C VAL A 426 -5.82 5.65 -24.51
N THR A 427 -6.77 4.88 -24.02
CA THR A 427 -6.83 4.52 -22.62
C THR A 427 -7.34 3.09 -22.47
N GLY A 428 -7.62 2.76 -21.25
CA GLY A 428 -7.89 1.41 -20.82
C GLY A 428 -7.48 1.30 -19.37
N TYR A 429 -7.62 0.11 -18.84
CA TYR A 429 -7.33 -0.17 -17.45
C TYR A 429 -6.24 -1.22 -17.46
N ASN A 430 -5.09 -0.85 -16.97
CA ASN A 430 -3.95 -1.73 -16.92
C ASN A 430 -3.49 -2.09 -18.31
N ILE A 431 -3.58 -1.13 -19.23
CA ILE A 431 -3.20 -1.39 -20.61
C ILE A 431 -1.71 -1.32 -20.83
N ILE A 432 -0.91 -0.99 -19.83
CA ILE A 432 0.53 -0.90 -20.02
C ILE A 432 1.19 -2.13 -19.43
N ASN A 433 0.55 -2.77 -18.45
CA ASN A 433 1.12 -3.95 -17.86
C ASN A 433 0.56 -5.24 -18.42
N PHE A 434 -0.69 -5.28 -18.85
CA PHE A 434 -1.22 -6.44 -19.55
C PHE A 434 -1.60 -6.23 -21.00
N ASP A 435 -2.45 -5.25 -21.35
CA ASP A 435 -3.05 -5.28 -22.68
C ASP A 435 -2.04 -5.01 -23.78
N TRP A 436 -1.32 -3.91 -23.68
CA TRP A 436 -0.38 -3.62 -24.75
C TRP A 436 0.78 -4.59 -24.77
N PRO A 437 1.39 -4.93 -23.63
CA PRO A 437 2.41 -5.97 -23.67
C PRO A 437 1.94 -7.29 -24.23
N PHE A 438 0.75 -7.77 -23.87
CA PHE A 438 0.24 -8.99 -24.46
C PHE A 438 0.13 -8.88 -25.97
N LEU A 439 -0.51 -7.81 -26.46
CA LEU A 439 -0.73 -7.67 -27.90
C LEU A 439 0.57 -7.53 -28.64
N LEU A 440 1.47 -6.70 -28.16
CA LEU A 440 2.72 -6.46 -28.86
C LEU A 440 3.64 -7.66 -28.79
N ALA A 441 3.60 -8.42 -27.70
CA ALA A 441 4.37 -9.64 -27.66
C ALA A 441 3.87 -10.60 -28.72
N LYS A 442 2.56 -10.71 -28.87
CA LYS A 442 2.00 -11.46 -29.98
C LYS A 442 2.50 -10.92 -31.32
N LEU A 443 2.31 -9.64 -31.56
CA LEU A 443 2.58 -9.12 -32.90
C LEU A 443 4.04 -9.07 -33.26
N THR A 444 4.95 -9.14 -32.30
CA THR A 444 6.38 -9.17 -32.59
C THR A 444 7.00 -10.54 -32.42
N ASP A 445 6.83 -11.19 -31.27
CA ASP A 445 7.36 -12.54 -31.15
C ASP A 445 6.75 -13.45 -32.20
N ILE A 446 5.44 -13.61 -32.14
CA ILE A 446 4.74 -14.69 -32.84
C ILE A 446 4.51 -14.35 -34.30
N TYR A 447 4.00 -13.15 -34.58
CA TYR A 447 3.59 -12.81 -35.93
C TYR A 447 4.57 -11.89 -36.63
N LYS A 448 5.57 -11.40 -35.91
CA LYS A 448 6.70 -10.69 -36.52
C LYS A 448 6.27 -9.48 -37.34
N VAL A 449 5.34 -8.69 -36.81
CA VAL A 449 4.83 -7.50 -37.48
C VAL A 449 5.65 -6.29 -37.04
N PRO A 450 6.20 -5.49 -37.91
CA PRO A 450 6.84 -4.25 -37.47
C PRO A 450 5.86 -3.17 -37.04
N LEU A 451 5.85 -2.83 -35.77
CA LEU A 451 5.01 -1.76 -35.23
C LEU A 451 5.58 -0.37 -35.40
N ASP A 452 6.69 -0.18 -36.09
CA ASP A 452 7.26 1.16 -36.21
C ASP A 452 6.46 2.09 -37.11
N GLY A 453 5.42 1.59 -37.76
CA GLY A 453 4.62 2.35 -38.70
C GLY A 453 3.18 2.40 -38.27
N TYR A 454 2.81 1.65 -37.25
CA TYR A 454 1.47 1.64 -36.71
C TYR A 454 1.22 2.70 -35.69
N GLY A 455 2.06 3.73 -35.62
CA GLY A 455 1.77 4.81 -34.71
C GLY A 455 1.08 5.90 -35.47
N ARG A 456 1.71 7.05 -35.59
CA ARG A 456 1.24 8.15 -36.43
C ARG A 456 2.17 8.41 -37.58
N MET A 457 3.44 8.11 -37.42
CA MET A 457 4.36 8.16 -38.53
C MET A 457 4.16 6.93 -39.35
N ASN A 458 4.45 7.02 -40.62
CA ASN A 458 4.20 5.89 -41.48
C ASN A 458 5.25 4.80 -41.35
N GLY A 459 6.27 5.02 -40.53
CA GLY A 459 7.35 4.10 -40.36
C GLY A 459 8.37 4.78 -39.49
N ARG A 460 9.25 4.01 -38.89
CA ARG A 460 10.38 4.50 -38.10
C ARG A 460 9.93 5.33 -36.90
N GLY A 461 8.78 5.01 -36.33
CA GLY A 461 8.30 5.65 -35.13
C GLY A 461 8.42 4.69 -33.98
N VAL A 462 8.27 5.21 -32.78
CA VAL A 462 8.38 4.40 -31.58
C VAL A 462 6.99 3.88 -31.24
N PHE A 463 6.90 2.58 -31.02
CA PHE A 463 5.71 1.87 -30.63
C PHE A 463 5.98 0.91 -29.48
N ARG A 464 6.65 1.36 -28.45
CA ARG A 464 7.32 0.48 -27.52
C ARG A 464 6.70 0.61 -26.12
N VAL A 465 6.83 -0.47 -25.34
CA VAL A 465 6.49 -0.47 -23.93
C VAL A 465 7.78 -0.65 -23.15
N TRP A 466 7.80 -0.07 -21.96
CA TRP A 466 8.81 -0.25 -20.92
C TRP A 466 8.11 -0.69 -19.66
N ASP A 467 8.70 -1.61 -18.94
CA ASP A 467 8.22 -1.91 -17.61
C ASP A 467 9.38 -1.81 -16.64
N ILE A 468 9.05 -1.84 -15.36
CA ILE A 468 10.04 -1.56 -14.32
C ILE A 468 11.24 -2.48 -14.46
N GLY A 469 10.99 -3.78 -14.62
CA GLY A 469 12.02 -4.75 -14.93
C GLY A 469 13.33 -4.66 -14.17
N GLN A 470 13.28 -4.80 -12.86
CA GLN A 470 14.46 -4.76 -11.96
C GLN A 470 15.39 -3.59 -12.25
N SER A 471 14.82 -2.43 -12.57
CA SER A 471 15.67 -1.31 -12.92
C SER A 471 16.21 -0.58 -11.71
N HIS A 472 15.57 -0.74 -10.56
CA HIS A 472 16.00 -0.31 -9.24
C HIS A 472 15.84 1.19 -8.99
N PHE A 473 15.34 1.97 -9.94
CA PHE A 473 14.72 3.26 -9.63
C PHE A 473 13.39 3.51 -10.31
N GLN A 474 13.08 2.83 -11.41
CA GLN A 474 12.02 3.24 -12.32
C GLN A 474 10.69 3.29 -11.59
N LYS A 475 10.02 4.43 -11.64
CA LYS A 475 8.78 4.50 -10.85
C LYS A 475 7.63 3.79 -11.54
N ARG A 476 7.67 3.68 -12.86
CA ARG A 476 6.50 3.25 -13.59
C ARG A 476 6.90 2.57 -14.88
N SER A 477 5.99 1.73 -15.32
CA SER A 477 6.02 1.12 -16.64
C SER A 477 5.43 2.10 -17.62
N LYS A 478 6.20 2.48 -18.63
CA LYS A 478 5.77 3.47 -19.59
C LYS A 478 5.29 2.82 -20.87
N ILE A 479 4.89 3.64 -21.82
CA ILE A 479 4.53 3.25 -23.17
C ILE A 479 4.68 4.49 -24.00
N LYS A 480 5.28 4.37 -25.17
CA LYS A 480 5.50 5.51 -26.04
C LYS A 480 5.19 4.99 -27.43
N VAL A 481 3.98 5.28 -27.86
CA VAL A 481 3.62 5.23 -29.25
C VAL A 481 3.74 6.66 -29.74
N ASN A 482 4.16 6.83 -30.98
CA ASN A 482 4.31 8.17 -31.49
C ASN A 482 2.97 8.73 -31.95
N GLY A 483 2.75 10.00 -31.64
CA GLY A 483 1.52 10.69 -31.93
C GLY A 483 0.30 10.01 -31.36
N MET A 484 0.43 9.43 -30.18
CA MET A 484 -0.66 8.73 -29.54
C MET A 484 -0.39 8.75 -28.07
N VAL A 485 -1.28 9.34 -27.32
CA VAL A 485 -1.10 9.57 -25.90
C VAL A 485 -1.86 8.47 -25.19
N ASN A 486 -1.15 7.49 -24.70
CA ASN A 486 -1.72 6.40 -23.93
C ASN A 486 -1.88 6.82 -22.48
N ILE A 487 -3.11 7.01 -22.03
CA ILE A 487 -3.38 7.23 -20.60
C ILE A 487 -4.06 6.01 -20.02
N ASP A 488 -3.29 5.11 -19.43
CA ASP A 488 -3.80 4.00 -18.65
C ASP A 488 -4.48 4.53 -17.39
N MET A 489 -5.76 4.23 -17.22
CA MET A 489 -6.48 4.70 -16.05
C MET A 489 -6.09 3.98 -14.78
N TYR A 490 -5.35 2.89 -14.87
CA TYR A 490 -4.84 2.25 -13.67
C TYR A 490 -3.90 3.19 -12.95
N GLY A 491 -2.93 3.75 -13.66
CA GLY A 491 -2.05 4.69 -13.02
C GLY A 491 -2.70 6.01 -12.68
N ILE A 492 -3.76 6.38 -13.37
CA ILE A 492 -4.43 7.63 -13.03
C ILE A 492 -5.23 7.46 -11.79
N ILE A 493 -5.69 6.25 -11.50
CA ILE A 493 -6.54 6.07 -10.34
C ILE A 493 -5.74 5.70 -9.12
N THR A 494 -4.63 4.99 -9.26
CA THR A 494 -3.83 4.70 -8.08
C THR A 494 -3.32 5.98 -7.43
N ASP A 495 -3.17 7.08 -8.18
CA ASP A 495 -2.76 8.34 -7.57
C ASP A 495 -3.89 9.35 -7.45
N LYS A 496 -5.12 8.91 -7.41
CA LYS A 496 -6.22 9.79 -7.09
C LYS A 496 -7.22 9.17 -6.15
N ILE A 497 -6.99 7.98 -5.65
CA ILE A 497 -7.91 7.29 -4.76
C ILE A 497 -7.06 6.30 -3.99
N LYS A 498 -7.29 6.22 -2.68
CA LYS A 498 -6.64 5.25 -1.82
C LYS A 498 -7.58 4.07 -1.65
N LEU A 499 -7.24 2.95 -2.29
CA LEU A 499 -7.96 1.70 -2.17
C LEU A 499 -7.00 0.57 -1.85
N SER A 500 -7.51 -0.44 -1.16
CA SER A 500 -6.70 -1.63 -0.96
C SER A 500 -6.51 -2.37 -2.26
N SER A 501 -7.57 -2.54 -3.03
CA SER A 501 -7.53 -3.26 -4.28
C SER A 501 -7.87 -2.28 -5.38
N TYR A 502 -7.09 -2.33 -6.45
CA TYR A 502 -7.31 -1.52 -7.62
C TYR A 502 -7.80 -2.34 -8.80
N LYS A 503 -8.44 -3.48 -8.54
CA LYS A 503 -9.12 -4.19 -9.60
C LYS A 503 -10.19 -3.29 -10.15
N LEU A 504 -10.60 -3.52 -11.38
CA LEU A 504 -11.55 -2.62 -11.99
C LEU A 504 -12.91 -2.71 -11.32
N ASN A 505 -13.27 -3.85 -10.74
CA ASN A 505 -14.56 -3.93 -10.07
C ASN A 505 -14.54 -3.12 -8.78
N ALA A 506 -13.47 -3.21 -8.01
CA ALA A 506 -13.42 -2.44 -6.78
C ALA A 506 -13.35 -0.95 -7.07
N VAL A 507 -12.58 -0.57 -8.08
CA VAL A 507 -12.49 0.83 -8.47
C VAL A 507 -13.82 1.32 -9.01
N ALA A 508 -14.52 0.49 -9.77
CA ALA A 508 -15.80 0.88 -10.31
C ALA A 508 -16.79 1.13 -9.21
N GLU A 509 -16.84 0.25 -8.21
CA GLU A 509 -17.75 0.50 -7.10
C GLU A 509 -17.36 1.74 -6.34
N ALA A 510 -16.08 1.94 -6.10
CA ALA A 510 -15.65 2.99 -5.20
C ALA A 510 -15.70 4.37 -5.83
N VAL A 511 -15.62 4.47 -7.15
CA VAL A 511 -15.64 5.74 -7.86
C VAL A 511 -16.95 5.96 -8.58
N LEU A 512 -17.42 4.96 -9.30
CA LEU A 512 -18.56 5.10 -10.19
C LEU A 512 -19.85 4.68 -9.54
N LYS A 513 -19.79 3.98 -8.41
CA LYS A 513 -20.99 3.42 -7.79
C LYS A 513 -21.69 2.52 -8.79
N ASP A 514 -20.96 1.48 -9.17
CA ASP A 514 -21.33 0.58 -10.25
C ASP A 514 -20.85 -0.81 -9.86
N LYS A 515 -21.76 -1.59 -9.32
CA LYS A 515 -21.47 -2.99 -9.03
C LYS A 515 -21.49 -3.72 -10.36
N LYS A 516 -20.30 -3.92 -10.91
CA LYS A 516 -20.08 -4.67 -12.13
C LYS A 516 -19.94 -6.15 -11.78
N LYS A 517 -20.09 -6.98 -12.79
CA LYS A 517 -19.87 -8.40 -12.65
C LYS A 517 -18.58 -8.66 -13.40
N ASP A 518 -17.62 -9.26 -12.73
CA ASP A 518 -16.37 -9.64 -13.35
C ASP A 518 -16.42 -11.07 -13.85
N LEU A 519 -15.83 -11.29 -15.01
CA LEU A 519 -15.54 -12.64 -15.48
C LEU A 519 -14.07 -12.94 -15.21
N SER A 520 -13.84 -13.92 -14.37
CA SER A 520 -12.50 -14.39 -14.07
C SER A 520 -11.94 -15.20 -15.22
N TYR A 521 -10.66 -15.04 -15.51
CA TYR A 521 -10.04 -15.74 -16.62
C TYR A 521 -10.14 -17.25 -16.53
N ARG A 522 -10.48 -17.81 -15.38
CA ARG A 522 -10.57 -19.25 -15.26
C ARG A 522 -11.84 -19.77 -15.86
N ASP A 523 -12.82 -18.90 -16.01
CA ASP A 523 -14.12 -19.23 -16.54
C ASP A 523 -14.27 -18.88 -18.01
N ILE A 524 -13.26 -18.30 -18.65
CA ILE A 524 -13.32 -17.98 -20.07
C ILE A 524 -13.16 -19.21 -20.97
N PRO A 525 -12.29 -20.16 -20.67
CA PRO A 525 -12.28 -21.39 -21.49
C PRO A 525 -13.58 -22.15 -21.52
N ALA A 526 -14.27 -22.29 -20.38
CA ALA A 526 -15.53 -23.00 -20.35
C ALA A 526 -16.58 -22.32 -21.20
N TYR A 527 -16.48 -21.00 -21.33
CA TYR A 527 -17.47 -20.23 -22.05
C TYR A 527 -17.16 -20.29 -23.54
N TYR A 528 -15.92 -19.93 -23.89
CA TYR A 528 -15.47 -19.91 -25.26
C TYR A 528 -15.67 -21.25 -25.97
N ALA A 529 -15.59 -22.36 -25.25
CA ALA A 529 -15.78 -23.66 -25.87
C ALA A 529 -17.20 -23.87 -26.32
N THR A 530 -18.14 -23.19 -25.70
CA THR A 530 -19.54 -23.39 -25.99
C THR A 530 -19.80 -22.56 -27.25
N GLY A 531 -21.04 -22.39 -27.66
CA GLY A 531 -21.33 -21.80 -28.94
C GLY A 531 -21.02 -20.32 -28.94
N PRO A 532 -21.54 -19.62 -29.94
CA PRO A 532 -21.37 -18.18 -29.96
C PRO A 532 -22.08 -17.46 -28.85
N ALA A 533 -23.09 -18.03 -28.24
CA ALA A 533 -23.82 -17.25 -27.28
C ALA A 533 -23.01 -17.00 -26.02
N GLN A 534 -22.20 -17.97 -25.61
CA GLN A 534 -21.29 -17.74 -24.49
C GLN A 534 -20.09 -16.90 -24.90
N ARG A 535 -19.58 -17.06 -26.12
CA ARG A 535 -18.56 -16.13 -26.60
C ARG A 535 -19.07 -14.70 -26.61
N GLY A 536 -20.36 -14.51 -26.89
CA GLY A 536 -21.01 -13.22 -26.78
C GLY A 536 -21.10 -12.74 -25.36
N VAL A 537 -21.26 -13.65 -24.42
CA VAL A 537 -21.22 -13.27 -23.01
C VAL A 537 -19.84 -12.75 -22.66
N ILE A 538 -18.79 -13.42 -23.14
CA ILE A 538 -17.44 -12.90 -22.93
C ILE A 538 -17.30 -11.53 -23.56
N GLY A 539 -17.84 -11.35 -24.77
CA GLY A 539 -17.73 -10.07 -25.41
C GLY A 539 -18.48 -8.99 -24.68
N GLU A 540 -19.57 -9.35 -24.01
CA GLU A 540 -20.26 -8.39 -23.18
C GLU A 540 -19.43 -7.96 -22.00
N TYR A 541 -18.75 -8.89 -21.35
CA TYR A 541 -17.96 -8.49 -20.21
C TYR A 541 -16.77 -7.65 -20.64
N CYS A 542 -16.25 -7.92 -21.84
CA CYS A 542 -15.20 -7.10 -22.43
C CYS A 542 -15.69 -5.67 -22.66
N ILE A 543 -16.84 -5.51 -23.31
CA ILE A 543 -17.37 -4.18 -23.60
C ILE A 543 -17.67 -3.44 -22.31
N GLN A 544 -18.24 -4.11 -21.32
CA GLN A 544 -18.59 -3.43 -20.09
C GLN A 544 -17.36 -2.96 -19.34
N ASP A 545 -16.30 -3.75 -19.36
CA ASP A 545 -15.04 -3.25 -18.82
C ASP A 545 -14.64 -1.96 -19.52
N SER A 546 -14.68 -1.93 -20.85
CA SER A 546 -14.24 -0.69 -21.48
C SER A 546 -15.21 0.47 -21.27
N LEU A 547 -16.50 0.20 -21.10
CA LEU A 547 -17.43 1.27 -20.78
C LEU A 547 -17.17 1.85 -19.41
N LEU A 548 -16.85 1.00 -18.44
CA LEU A 548 -16.43 1.50 -17.13
C LEU A 548 -15.18 2.33 -17.23
N VAL A 549 -14.22 1.91 -18.05
CA VAL A 549 -13.01 2.72 -18.13
C VAL A 549 -13.27 4.04 -18.81
N GLY A 550 -14.18 4.09 -19.77
CA GLY A 550 -14.52 5.36 -20.34
C GLY A 550 -15.20 6.28 -19.34
N GLN A 551 -16.05 5.71 -18.49
CA GLN A 551 -16.64 6.51 -17.44
C GLN A 551 -15.58 7.05 -16.47
N LEU A 552 -14.59 6.23 -16.12
CA LEU A 552 -13.54 6.70 -15.24
C LEU A 552 -12.77 7.83 -15.89
N PHE A 553 -12.36 7.64 -17.15
CA PHE A 553 -11.64 8.69 -17.87
C PHE A 553 -12.42 9.98 -17.90
N PHE A 554 -13.73 9.94 -18.11
CA PHE A 554 -14.46 11.18 -18.21
C PHE A 554 -14.94 11.69 -16.87
N LYS A 555 -14.73 10.94 -15.79
CA LYS A 555 -14.87 11.54 -14.49
C LYS A 555 -13.61 12.30 -14.13
N PHE A 556 -12.46 11.73 -14.41
CA PHE A 556 -11.22 12.33 -13.97
C PHE A 556 -10.65 13.27 -14.98
N LEU A 557 -10.92 13.03 -16.25
CA LEU A 557 -10.45 13.80 -17.39
C LEU A 557 -8.97 14.01 -17.26
N PRO A 558 -8.18 12.95 -17.35
CA PRO A 558 -6.76 13.11 -17.05
C PRO A 558 -6.06 13.92 -18.08
N HIS A 559 -6.57 13.91 -19.30
CA HIS A 559 -5.91 14.63 -20.36
C HIS A 559 -5.91 16.12 -20.12
N LEU A 560 -6.93 16.66 -19.46
CA LEU A 560 -6.98 18.11 -19.29
C LEU A 560 -6.00 18.60 -18.23
N GLU A 561 -5.95 17.93 -17.09
CA GLU A 561 -4.99 18.27 -16.05
C GLU A 561 -3.57 18.01 -16.53
N LEU A 562 -3.33 16.86 -17.14
CA LEU A 562 -1.99 16.60 -17.59
C LEU A 562 -1.57 17.53 -18.70
N SER A 563 -2.50 18.04 -19.49
CA SER A 563 -2.12 19.00 -20.52
C SER A 563 -1.90 20.38 -19.95
N ALA A 564 -2.61 20.74 -18.89
CA ALA A 564 -2.27 21.97 -18.17
C ALA A 564 -0.84 21.91 -17.66
N VAL A 565 -0.45 20.79 -17.09
CA VAL A 565 0.93 20.61 -16.64
C VAL A 565 1.90 20.63 -17.81
N ALA A 566 1.59 19.93 -18.90
CA ALA A 566 2.49 19.93 -20.04
C ALA A 566 2.65 21.32 -20.63
N ARG A 567 1.56 22.06 -20.71
CA ARG A 567 1.61 23.41 -21.21
C ARG A 567 2.51 24.27 -20.35
N LEU A 568 2.38 24.15 -19.04
CA LEU A 568 3.16 25.00 -18.15
C LEU A 568 4.62 24.58 -18.03
N ALA A 569 4.92 23.29 -18.12
CA ALA A 569 6.28 22.85 -17.90
C ALA A 569 7.13 23.14 -19.13
N GLY A 570 6.73 22.60 -20.26
CA GLY A 570 7.37 22.87 -21.53
C GLY A 570 7.67 21.57 -22.22
N ILE A 571 7.18 20.50 -21.68
CA ILE A 571 7.44 19.16 -22.12
C ILE A 571 6.21 18.71 -22.89
N ASN A 572 6.34 17.71 -23.75
CA ASN A 572 5.10 17.27 -24.38
C ASN A 572 4.30 16.47 -23.37
N ILE A 573 3.08 16.12 -23.76
CA ILE A 573 2.17 15.55 -22.79
C ILE A 573 2.56 14.14 -22.41
N THR A 574 3.27 13.43 -23.27
CA THR A 574 3.67 12.09 -22.92
C THR A 574 4.82 12.07 -21.92
N ARG A 575 5.69 13.06 -21.97
CA ARG A 575 6.71 13.16 -20.95
C ARG A 575 6.10 13.59 -19.64
N THR A 576 5.00 14.31 -19.72
CA THR A 576 4.27 14.71 -18.53
C THR A 576 3.62 13.50 -17.89
N ILE A 577 3.06 12.61 -18.69
CA ILE A 577 2.43 11.44 -18.10
C ILE A 577 3.48 10.49 -17.56
N TYR A 578 4.64 10.39 -18.21
CA TYR A 578 5.58 9.31 -17.91
C TYR A 578 6.89 9.72 -17.25
N ASP A 579 7.54 10.79 -17.66
CA ASP A 579 8.94 10.94 -17.30
C ASP A 579 9.25 11.41 -15.89
N GLY A 580 8.29 11.88 -15.10
CA GLY A 580 8.51 12.21 -13.70
C GLY A 580 8.55 13.71 -13.45
N GLN A 581 8.80 14.05 -12.19
CA GLN A 581 8.74 15.42 -11.70
C GLN A 581 9.97 16.25 -11.98
N GLN A 582 11.09 15.62 -12.26
CA GLN A 582 12.33 16.37 -12.44
C GLN A 582 12.46 17.01 -13.78
N ILE A 583 11.89 16.43 -14.83
CA ILE A 583 12.04 17.03 -16.14
C ILE A 583 11.09 18.21 -16.28
N ARG A 584 9.99 18.21 -15.55
CA ARG A 584 9.19 19.43 -15.46
C ARG A 584 9.98 20.56 -14.86
N VAL A 585 10.60 20.33 -13.70
CA VAL A 585 11.38 21.37 -13.05
C VAL A 585 12.58 21.73 -13.89
N PHE A 586 13.22 20.76 -14.50
CA PHE A 586 14.40 21.06 -15.28
C PHE A 586 14.07 21.94 -16.47
N THR A 587 12.93 21.72 -17.11
CA THR A 587 12.56 22.51 -18.28
C THR A 587 12.12 23.91 -17.86
N CYS A 588 11.37 24.01 -16.78
CA CYS A 588 10.98 25.32 -16.29
C CYS A 588 12.20 26.14 -15.90
N LEU A 589 13.14 25.51 -15.20
CA LEU A 589 14.38 26.16 -14.83
C LEU A 589 15.20 26.51 -16.04
N LEU A 590 15.16 25.67 -17.06
CA LEU A 590 15.97 25.90 -18.23
C LEU A 590 15.46 27.12 -18.99
N ARG A 591 14.14 27.26 -19.05
CA ARG A 591 13.56 28.46 -19.63
C ARG A 591 14.02 29.71 -18.90
N LEU A 592 13.89 29.70 -17.57
CA LEU A 592 14.34 30.85 -16.79
C LEU A 592 15.83 31.14 -16.97
N ALA A 593 16.66 30.12 -16.85
CA ALA A 593 18.10 30.30 -16.97
C ALA A 593 18.46 30.91 -18.31
N ASP A 594 17.96 30.34 -19.40
CA ASP A 594 18.29 30.88 -20.71
C ASP A 594 17.84 32.31 -20.87
N GLN A 595 16.77 32.73 -20.22
CA GLN A 595 16.46 34.16 -20.25
C GLN A 595 17.53 34.95 -19.52
N LYS A 596 17.84 34.55 -18.29
CA LYS A 596 18.72 35.36 -17.47
C LYS A 596 20.17 35.37 -17.92
N GLY A 597 20.56 34.45 -18.77
CA GLY A 597 21.93 34.35 -19.19
C GLY A 597 22.71 33.34 -18.40
N PHE A 598 22.10 32.21 -18.07
CA PHE A 598 22.75 31.17 -17.31
C PHE A 598 22.74 29.91 -18.15
N ILE A 599 23.47 28.91 -17.69
CA ILE A 599 23.49 27.62 -18.36
C ILE A 599 23.66 26.54 -17.32
N LEU A 600 23.02 25.44 -17.56
CA LEU A 600 22.83 24.40 -16.58
C LEU A 600 23.83 23.30 -16.84
N PRO A 601 24.85 23.08 -16.02
CA PRO A 601 25.85 22.07 -16.38
C PRO A 601 25.25 20.69 -16.43
N ASP A 602 25.92 19.81 -17.16
CA ASP A 602 25.64 18.39 -17.04
C ASP A 602 26.60 17.84 -16.02
N THR A 603 26.07 17.04 -15.12
CA THR A 603 26.88 16.23 -14.22
C THR A 603 26.41 14.80 -14.38
N GLN A 604 25.12 14.64 -14.63
CA GLN A 604 24.51 13.32 -14.67
C GLN A 604 25.00 12.54 -15.89
N GLY A 605 25.40 13.26 -16.94
CA GLY A 605 25.96 12.62 -18.11
C GLY A 605 27.06 11.62 -17.80
N ARG A 606 27.84 11.86 -16.74
CA ARG A 606 28.80 10.86 -16.26
C ARG A 606 28.20 9.88 -15.21
N PHE A 607 26.86 9.76 -15.06
CA PHE A 607 26.33 9.16 -13.82
C PHE A 607 25.28 8.06 -14.03
N ARG A 608 25.02 7.38 -12.91
CA ARG A 608 24.19 6.20 -12.84
C ARG A 608 22.84 6.48 -12.18
N GLY A 655 18.74 -0.40 2.84
CA GLY A 655 19.40 0.80 3.30
C GLY A 655 18.47 1.99 3.18
N ARG A 656 18.10 2.53 4.34
CA ARG A 656 17.31 3.74 4.45
C ARG A 656 18.26 4.90 4.68
N HIS A 657 18.91 5.33 3.62
CA HIS A 657 19.86 6.44 3.64
C HIS A 657 19.28 7.70 3.03
N VAL A 658 19.71 8.83 3.59
CA VAL A 658 19.20 10.17 3.36
C VAL A 658 20.35 11.07 2.94
N GLY A 659 20.04 12.10 2.18
CA GLY A 659 21.07 12.96 1.64
C GLY A 659 21.39 14.17 2.49
N TYR A 660 20.42 14.68 3.23
CA TYR A 660 20.58 15.84 4.10
C TYR A 660 19.47 15.76 5.13
N GLN A 661 19.35 16.78 5.96
CA GLN A 661 18.47 16.73 7.12
C GLN A 661 17.13 17.35 6.78
N GLY A 662 16.07 16.60 7.04
CA GLY A 662 14.74 16.94 6.67
C GLY A 662 14.16 17.88 7.68
N ALA A 663 12.91 17.67 8.04
CA ALA A 663 12.18 18.62 8.83
C ALA A 663 12.03 18.08 10.23
N ARG A 664 11.60 18.98 11.11
CA ARG A 664 11.46 18.72 12.53
C ARG A 664 10.05 18.22 12.77
N VAL A 665 9.92 17.22 13.61
CA VAL A 665 8.64 16.69 14.05
C VAL A 665 8.66 16.84 15.56
N LEU A 666 7.99 17.86 16.08
CA LEU A 666 7.97 18.06 17.52
C LEU A 666 7.37 16.83 18.20
N ASP A 667 7.73 16.69 19.47
CA ASP A 667 7.28 15.56 20.26
C ASP A 667 5.84 15.80 20.67
N PRO A 668 4.90 14.91 20.37
CA PRO A 668 3.54 15.10 20.84
C PRO A 668 3.39 14.89 22.34
N THR A 669 2.53 15.68 22.96
CA THR A 669 2.00 15.27 24.25
C THR A 669 0.82 14.37 23.93
N SER A 670 1.14 13.11 23.70
CA SER A 670 0.15 12.13 23.33
C SER A 670 -1.00 12.11 24.32
N GLY A 671 -2.17 11.70 23.83
CA GLY A 671 -3.31 11.57 24.69
C GLY A 671 -4.58 12.10 24.07
N PHE A 672 -5.68 11.86 24.75
CA PHE A 672 -6.98 12.38 24.35
C PHE A 672 -7.12 13.76 24.93
N HIS A 673 -7.15 14.74 24.05
CA HIS A 673 -7.28 16.15 24.32
C HIS A 673 -8.70 16.54 23.96
N VAL A 674 -9.52 16.79 24.96
CA VAL A 674 -10.90 17.23 24.73
C VAL A 674 -11.01 18.75 24.66
N ASN A 675 -9.94 19.48 24.87
CA ASN A 675 -9.94 20.91 24.69
C ASN A 675 -9.65 21.28 23.24
N PRO A 676 -9.93 22.52 22.85
CA PRO A 676 -9.64 22.91 21.47
C PRO A 676 -8.17 22.83 21.15
N VAL A 677 -7.87 22.45 19.92
CA VAL A 677 -6.52 22.34 19.43
C VAL A 677 -6.53 23.05 18.09
N VAL A 678 -6.12 24.31 18.10
CA VAL A 678 -5.95 25.07 16.87
C VAL A 678 -4.71 24.57 16.13
N VAL A 679 -4.84 24.26 14.86
CA VAL A 679 -3.72 23.80 14.06
C VAL A 679 -3.31 24.91 13.14
N PHE A 680 -2.25 25.61 13.47
CA PHE A 680 -1.68 26.49 12.48
C PHE A 680 -0.86 25.68 11.52
N ASP A 681 -0.63 26.21 10.32
CA ASP A 681 0.41 25.66 9.48
C ASP A 681 0.69 26.61 8.32
N PHE A 682 1.92 26.57 7.86
CA PHE A 682 2.35 27.42 6.76
C PHE A 682 1.76 26.98 5.44
N ALA A 683 1.36 27.95 4.65
CA ALA A 683 0.84 27.69 3.32
C ALA A 683 2.01 27.64 2.37
N SER A 684 2.15 26.52 1.66
CA SER A 684 3.21 26.30 0.71
C SER A 684 4.57 26.55 1.36
N LEU A 685 4.89 25.76 2.38
CA LEU A 685 5.97 26.16 3.28
C LEU A 685 7.28 26.30 2.53
N TYR A 686 7.77 25.24 1.94
CA TYR A 686 9.10 25.25 1.37
C TYR A 686 9.17 26.11 0.12
N PRO A 687 8.13 26.17 -0.71
CA PRO A 687 8.18 27.16 -1.78
C PRO A 687 8.21 28.58 -1.29
N SER A 688 7.47 28.87 -0.21
CA SER A 688 7.51 30.19 0.41
C SER A 688 8.85 30.49 1.05
N ILE A 689 9.56 29.49 1.54
CA ILE A 689 10.92 29.69 2.03
C ILE A 689 11.84 29.99 0.85
N ILE A 690 11.74 29.22 -0.21
CA ILE A 690 12.56 29.46 -1.39
C ILE A 690 12.33 30.85 -1.93
N GLN A 691 11.11 31.35 -1.85
CA GLN A 691 10.81 32.68 -2.38
C GLN A 691 11.13 33.78 -1.38
N ALA A 692 10.85 33.53 -0.11
CA ALA A 692 11.09 34.52 0.94
C ALA A 692 12.56 34.79 1.07
N HIS A 693 13.34 33.74 1.13
CA HIS A 693 14.76 33.81 1.35
C HIS A 693 15.57 33.78 0.09
N ASN A 694 14.94 33.76 -1.07
CA ASN A 694 15.64 33.92 -2.33
C ASN A 694 16.66 32.82 -2.50
N LEU A 695 16.25 31.59 -2.26
CA LEU A 695 17.13 30.45 -2.41
C LEU A 695 17.20 30.02 -3.87
N CYS A 696 18.41 29.74 -4.32
CA CYS A 696 18.65 29.29 -5.69
C CYS A 696 20.02 28.67 -5.74
N PHE A 697 20.42 28.31 -6.96
CA PHE A 697 21.80 27.97 -7.24
C PHE A 697 22.57 29.24 -7.49
N SER A 698 21.96 30.16 -8.22
CA SER A 698 22.58 31.38 -8.65
C SER A 698 22.75 32.40 -7.54
N THR A 699 22.14 32.19 -6.37
CA THR A 699 22.28 33.09 -5.26
C THR A 699 23.11 32.51 -4.13
N LEU A 700 23.34 31.20 -4.13
CA LEU A 700 24.23 30.59 -3.15
C LEU A 700 25.66 31.01 -3.30
N SER A 701 26.32 31.21 -2.18
CA SER A 701 27.76 31.43 -2.09
C SER A 701 28.24 30.56 -0.94
N LEU A 702 29.07 29.56 -1.20
CA LEU A 702 29.64 28.82 -0.08
C LEU A 702 30.70 29.60 0.65
N ARG A 703 31.30 30.60 0.03
CA ARG A 703 32.49 31.24 0.56
C ARG A 703 32.16 32.69 0.88
N ALA A 704 32.63 33.17 2.04
CA ALA A 704 32.29 34.52 2.44
C ALA A 704 33.19 35.58 1.84
N ASP A 705 33.33 35.56 0.55
CA ASP A 705 34.02 36.59 -0.20
C ASP A 705 33.13 37.17 -1.26
N ALA A 706 32.31 36.33 -1.86
CA ALA A 706 31.41 36.75 -2.91
C ALA A 706 30.50 37.84 -2.41
N VAL A 707 30.20 37.81 -1.12
CA VAL A 707 29.35 38.77 -0.46
C VAL A 707 30.16 39.76 0.39
N ALA A 708 31.47 39.82 0.21
CA ALA A 708 32.35 40.68 0.99
C ALA A 708 32.17 42.16 0.70
N HIS A 709 31.30 42.53 -0.23
CA HIS A 709 31.02 43.91 -0.59
C HIS A 709 29.55 44.22 -0.42
N LEU A 710 28.84 43.40 0.34
CA LEU A 710 27.43 43.51 0.56
C LEU A 710 27.18 43.59 2.05
N GLU A 711 26.14 44.30 2.44
CA GLU A 711 25.80 44.35 3.85
C GLU A 711 25.28 43.00 4.29
N ALA A 712 25.60 42.59 5.52
CA ALA A 712 25.02 41.36 6.03
C ALA A 712 23.64 41.65 6.54
N GLY A 713 22.74 40.70 6.32
CA GLY A 713 21.39 40.81 6.81
C GLY A 713 20.50 41.72 6.00
N LYS A 714 21.09 42.63 5.24
CA LYS A 714 20.44 43.62 4.39
C LYS A 714 20.56 43.29 2.91
N ASP A 715 21.64 42.65 2.51
CA ASP A 715 21.87 42.24 1.14
C ASP A 715 22.00 40.74 1.00
N TYR A 716 22.19 40.01 2.10
CA TYR A 716 22.34 38.57 2.02
C TYR A 716 22.03 37.92 3.35
N LEU A 717 21.42 36.76 3.26
CA LEU A 717 21.25 35.86 4.38
C LEU A 717 22.47 35.01 4.55
N GLU A 718 22.72 34.61 5.78
CA GLU A 718 23.85 33.75 6.13
C GLU A 718 23.34 32.73 7.12
N ILE A 719 23.44 31.47 6.78
CA ILE A 719 22.82 30.41 7.56
C ILE A 719 23.77 29.24 7.64
N GLU A 720 23.87 28.63 8.82
CA GLU A 720 24.66 27.41 8.97
C GLU A 720 23.82 26.22 8.54
N VAL A 721 24.18 25.62 7.41
CA VAL A 721 23.47 24.45 6.89
C VAL A 721 24.46 23.29 6.84
N GLY A 722 24.14 22.22 7.55
CA GLY A 722 25.04 21.08 7.63
C GLY A 722 26.38 21.39 8.26
N GLY A 723 26.45 22.40 9.11
CA GLY A 723 27.67 22.93 9.65
C GLY A 723 28.52 23.72 8.68
N ARG A 724 28.05 23.93 7.46
CA ARG A 724 28.66 24.79 6.46
C ARG A 724 27.96 26.15 6.42
N ARG A 725 28.67 27.22 6.73
CA ARG A 725 28.11 28.53 6.50
C ARG A 725 27.80 28.78 5.02
N LEU A 726 26.57 29.21 4.74
CA LEU A 726 26.05 29.41 3.40
C LEU A 726 25.50 30.81 3.31
N PHE A 727 25.83 31.52 2.26
CA PHE A 727 25.35 32.87 2.01
C PHE A 727 24.40 32.88 0.85
N PHE A 728 23.17 33.22 1.08
CA PHE A 728 22.18 33.37 0.02
C PHE A 728 21.90 34.84 -0.13
N VAL A 729 22.46 35.43 -1.16
CA VAL A 729 22.23 36.84 -1.41
C VAL A 729 20.74 37.06 -1.64
N LYS A 730 20.29 38.29 -1.42
CA LYS A 730 18.87 38.56 -1.47
C LYS A 730 18.44 39.06 -2.83
N ALA A 731 17.14 39.10 -3.06
CA ALA A 731 16.69 39.80 -4.25
C ALA A 731 16.94 41.27 -4.03
N HIS A 732 16.86 42.07 -5.09
CA HIS A 732 17.55 43.34 -5.27
C HIS A 732 19.06 43.22 -5.34
N VAL A 733 19.61 42.01 -5.34
CA VAL A 733 20.98 41.73 -5.78
C VAL A 733 20.97 40.73 -6.93
N ARG A 734 20.20 39.65 -6.77
CA ARG A 734 19.96 38.72 -7.84
C ARG A 734 18.72 37.96 -7.44
N GLU A 735 17.71 37.97 -8.28
CA GLU A 735 16.54 37.19 -7.94
C GLU A 735 16.79 35.72 -8.17
N SER A 736 16.29 34.92 -7.24
CA SER A 736 16.36 33.48 -7.37
C SER A 736 15.72 33.06 -8.68
N LEU A 737 16.17 31.93 -9.22
CA LEU A 737 15.52 31.38 -10.39
C LEU A 737 14.43 30.45 -9.98
N LEU A 738 14.65 29.76 -8.87
CA LEU A 738 13.61 28.93 -8.30
C LEU A 738 12.43 29.71 -7.79
N SER A 739 12.62 30.96 -7.37
CA SER A 739 11.51 31.80 -6.98
C SER A 739 10.53 32.04 -8.11
N ILE A 740 11.06 32.35 -9.29
CA ILE A 740 10.23 32.70 -10.43
C ILE A 740 9.50 31.47 -10.98
N LEU A 741 10.24 30.37 -11.08
CA LEU A 741 9.66 29.07 -11.38
C LEU A 741 8.47 28.80 -10.46
N LEU A 742 8.70 28.95 -9.17
CA LEU A 742 7.65 28.63 -8.22
C LEU A 742 6.49 29.60 -8.33
N ARG A 743 6.73 30.83 -8.74
CA ARG A 743 5.62 31.76 -8.96
C ARG A 743 4.62 31.17 -9.92
N ASP A 744 5.12 30.75 -11.05
CA ASP A 744 4.27 30.23 -12.10
C ASP A 744 3.42 29.05 -11.59
N TRP A 745 4.07 28.08 -10.93
CA TRP A 745 3.32 26.93 -10.44
C TRP A 745 2.40 27.26 -9.27
N LEU A 746 2.76 28.21 -8.43
CA LEU A 746 1.89 28.55 -7.31
C LEU A 746 0.67 29.31 -7.78
N ALA A 747 0.82 30.15 -8.79
CA ALA A 747 -0.33 30.76 -9.41
C ALA A 747 -1.27 29.70 -9.99
N MET A 748 -0.71 28.69 -10.63
CA MET A 748 -1.56 27.61 -11.16
C MET A 748 -2.33 26.89 -10.07
N ARG A 749 -1.66 26.56 -8.99
CA ARG A 749 -2.35 25.88 -7.90
C ARG A 749 -3.40 26.78 -7.28
N LYS A 750 -3.11 28.06 -7.12
CA LYS A 750 -4.06 28.94 -6.50
C LYS A 750 -5.29 29.11 -7.36
N GLN A 751 -5.10 29.12 -8.67
CA GLN A 751 -6.25 29.22 -9.55
C GLN A 751 -7.13 27.98 -9.46
N ILE A 752 -6.54 26.79 -9.30
CA ILE A 752 -7.37 25.62 -9.12
C ILE A 752 -8.12 25.69 -7.81
N ARG A 753 -7.48 26.21 -6.76
CA ARG A 753 -8.13 26.22 -5.47
C ARG A 753 -9.21 27.29 -5.40
N SER A 754 -9.10 28.34 -6.20
CA SER A 754 -10.11 29.37 -6.22
C SER A 754 -11.41 28.95 -6.87
N ARG A 755 -11.55 27.69 -7.29
CA ARG A 755 -12.82 27.15 -7.75
C ARG A 755 -13.36 26.06 -6.87
N ILE A 756 -12.73 25.76 -5.75
CA ILE A 756 -13.25 24.72 -4.90
C ILE A 756 -14.49 25.22 -4.20
N PRO A 757 -14.53 26.44 -3.62
CA PRO A 757 -15.75 26.87 -2.94
C PRO A 757 -16.96 27.09 -3.83
N GLN A 758 -16.85 27.01 -5.14
CA GLN A 758 -17.88 27.40 -6.09
C GLN A 758 -18.17 26.25 -7.05
N SER A 759 -18.12 25.03 -6.54
CA SER A 759 -18.21 23.83 -7.36
C SER A 759 -19.10 22.83 -6.62
N SER A 760 -19.37 21.72 -7.29
CA SER A 760 -20.13 20.64 -6.71
C SER A 760 -19.33 19.96 -5.61
N PRO A 761 -19.96 19.18 -4.74
CA PRO A 761 -19.14 18.35 -3.84
C PRO A 761 -18.30 17.32 -4.57
N GLU A 762 -18.86 16.70 -5.62
CA GLU A 762 -18.09 15.77 -6.43
C GLU A 762 -17.01 16.46 -7.24
N GLU A 763 -17.13 17.76 -7.46
CA GLU A 763 -16.15 18.51 -8.22
C GLU A 763 -15.10 19.11 -7.33
N ALA A 764 -15.46 19.45 -6.10
CA ALA A 764 -14.47 19.92 -5.16
C ALA A 764 -13.54 18.80 -4.77
N VAL A 765 -14.00 17.55 -4.76
CA VAL A 765 -13.07 16.46 -4.47
C VAL A 765 -12.06 16.30 -5.61
N LEU A 766 -12.52 16.33 -6.86
CA LEU A 766 -11.60 16.25 -7.98
C LEU A 766 -10.66 17.44 -8.06
N LEU A 767 -11.17 18.64 -7.79
CA LEU A 767 -10.33 19.83 -7.78
C LEU A 767 -9.31 19.78 -6.67
N ASP A 768 -9.68 19.23 -5.52
CA ASP A 768 -8.74 19.03 -4.45
C ASP A 768 -7.59 18.17 -4.93
N LYS A 769 -7.90 17.10 -5.64
CA LYS A 769 -6.83 16.27 -6.13
C LYS A 769 -6.00 16.98 -7.21
N GLN A 770 -6.60 17.86 -8.00
CA GLN A 770 -5.79 18.56 -8.98
C GLN A 770 -4.87 19.59 -8.35
N GLN A 771 -5.34 20.32 -7.36
CA GLN A 771 -4.43 21.25 -6.70
C GLN A 771 -3.36 20.48 -5.93
N ALA A 772 -3.66 19.28 -5.46
CA ALA A 772 -2.65 18.46 -4.82
C ALA A 772 -1.58 18.00 -5.80
N ALA A 773 -1.97 17.70 -7.03
CA ALA A 773 -0.95 17.42 -8.03
C ALA A 773 -0.07 18.62 -8.30
N ILE A 774 -0.66 19.81 -8.38
CA ILE A 774 0.19 20.97 -8.66
C ILE A 774 1.05 21.27 -7.45
N LYS A 775 0.58 20.92 -6.27
CA LYS A 775 1.36 21.06 -5.06
C LYS A 775 2.58 20.16 -5.11
N VAL A 776 2.42 18.95 -5.64
CA VAL A 776 3.55 18.07 -5.79
C VAL A 776 4.55 18.66 -6.76
N VAL A 777 4.08 19.30 -7.84
CA VAL A 777 5.06 19.89 -8.73
C VAL A 777 5.73 21.09 -8.10
N CYS A 778 5.12 21.71 -7.11
CA CYS A 778 5.71 22.85 -6.43
C CYS A 778 6.75 22.38 -5.45
N ASN A 779 6.40 21.44 -4.61
CA ASN A 779 7.37 20.83 -3.72
C ASN A 779 8.47 20.08 -4.46
N SER A 780 8.26 19.67 -5.71
CA SER A 780 9.36 19.09 -6.44
C SER A 780 10.40 20.09 -6.89
N VAL A 781 10.20 21.38 -6.75
CA VAL A 781 11.28 22.31 -7.05
C VAL A 781 12.32 22.24 -5.96
N TYR A 782 11.83 22.25 -4.72
CA TYR A 782 12.66 21.89 -3.58
C TYR A 782 13.27 20.52 -3.75
N GLY A 783 12.44 19.51 -4.03
CA GLY A 783 12.92 18.16 -4.18
C GLY A 783 13.94 17.96 -5.26
N PHE A 784 13.91 18.82 -6.25
CA PHE A 784 14.81 18.69 -7.37
C PHE A 784 16.17 19.18 -6.97
N THR A 785 16.25 20.17 -6.10
CA THR A 785 17.55 20.52 -5.53
C THR A 785 18.14 19.39 -4.69
N GLY A 786 17.33 18.63 -3.98
CA GLY A 786 17.86 17.65 -3.06
C GLY A 786 17.90 16.22 -3.54
N VAL A 787 17.93 16.01 -4.85
CA VAL A 787 18.03 14.67 -5.44
C VAL A 787 19.47 14.44 -5.79
N GLN A 788 20.06 13.42 -5.22
CA GLN A 788 21.46 13.15 -5.41
C GLN A 788 21.62 12.30 -6.65
N HIS A 789 22.56 12.67 -7.51
CA HIS A 789 22.74 12.03 -8.80
C HIS A 789 21.51 12.18 -9.68
N GLY A 790 20.73 13.22 -9.42
CA GLY A 790 19.66 13.65 -10.30
C GLY A 790 20.10 14.86 -11.09
N LEU A 791 19.23 15.32 -11.97
CA LEU A 791 19.60 16.42 -12.86
C LEU A 791 19.74 17.67 -12.04
N LEU A 792 20.84 18.37 -12.23
CA LEU A 792 21.12 19.68 -11.65
C LEU A 792 20.74 19.76 -10.17
N PRO A 793 21.41 19.00 -9.31
CA PRO A 793 21.10 19.07 -7.89
C PRO A 793 21.96 20.09 -7.15
N CYS A 794 21.42 20.57 -6.04
CA CYS A 794 22.20 21.38 -5.12
C CYS A 794 21.65 21.09 -3.74
N LEU A 795 22.32 20.21 -3.01
CA LEU A 795 21.91 19.91 -1.66
C LEU A 795 22.16 21.05 -0.70
N HIS A 796 22.92 22.07 -1.09
CA HIS A 796 22.99 23.24 -0.23
C HIS A 796 21.67 23.99 -0.23
N VAL A 797 21.01 24.09 -1.37
CA VAL A 797 19.70 24.74 -1.40
C VAL A 797 18.66 23.91 -0.69
N ALA A 798 18.68 22.59 -0.88
CA ALA A 798 17.66 21.75 -0.26
C ALA A 798 17.83 21.69 1.24
N ALA A 799 19.06 21.55 1.70
CA ALA A 799 19.35 21.58 3.13
C ALA A 799 19.09 22.95 3.73
N THR A 800 19.31 24.03 2.99
CA THR A 800 18.91 25.34 3.48
C THR A 800 17.40 25.46 3.63
N VAL A 801 16.65 24.92 2.67
CA VAL A 801 15.19 24.98 2.77
C VAL A 801 14.74 24.29 4.04
N THR A 802 15.20 23.07 4.26
CA THR A 802 14.77 22.36 5.46
C THR A 802 15.32 23.02 6.71
N THR A 803 16.49 23.65 6.67
CA THR A 803 17.01 24.30 7.85
C THR A 803 16.15 25.47 8.26
N ILE A 804 15.76 26.29 7.29
CA ILE A 804 14.84 27.37 7.60
C ILE A 804 13.49 26.83 8.02
N GLY A 805 13.07 25.70 7.48
CA GLY A 805 11.82 25.13 7.93
C GLY A 805 11.84 24.75 9.38
N ARG A 806 12.93 24.13 9.84
CA ARG A 806 13.04 23.74 11.24
C ARG A 806 13.14 24.95 12.14
N GLU A 807 13.89 25.96 11.72
CA GLU A 807 13.96 27.18 12.48
C GLU A 807 12.60 27.82 12.62
N MET A 808 11.81 27.83 11.57
CA MET A 808 10.51 28.49 11.62
C MET A 808 9.54 27.73 12.49
N LEU A 809 9.59 26.40 12.47
CA LEU A 809 8.72 25.65 13.35
C LEU A 809 9.01 25.99 14.80
N LEU A 810 10.29 26.04 15.16
CA LEU A 810 10.62 26.39 16.53
C LEU A 810 10.39 27.87 16.84
N ALA A 811 10.66 28.76 15.89
CA ALA A 811 10.40 30.17 16.11
C ALA A 811 8.95 30.43 16.38
N THR A 812 8.07 29.75 15.65
CA THR A 812 6.64 29.87 15.87
C THR A 812 6.23 29.34 17.22
N ARG A 813 6.77 28.19 17.60
CA ARG A 813 6.43 27.66 18.91
C ARG A 813 6.85 28.60 20.02
N GLU A 814 8.07 29.14 19.96
CA GLU A 814 8.51 30.08 20.98
C GLU A 814 7.75 31.39 20.95
N TYR A 815 7.32 31.85 19.79
CA TYR A 815 6.51 33.06 19.78
C TYR A 815 5.19 32.82 20.47
N VAL A 816 4.54 31.71 20.19
CA VAL A 816 3.25 31.46 20.81
C VAL A 816 3.41 31.30 22.31
N HIS A 817 4.48 30.64 22.75
CA HIS A 817 4.70 30.42 24.16
C HIS A 817 5.07 31.69 24.89
N ALA A 818 5.74 32.63 24.24
CA ALA A 818 6.12 33.84 24.92
C ALA A 818 5.02 34.87 24.91
N ARG A 819 4.36 35.09 23.79
CA ARG A 819 3.47 36.24 23.74
C ARG A 819 2.18 35.99 24.48
N TRP A 820 1.50 34.89 24.16
CA TRP A 820 0.13 34.63 24.57
C TRP A 820 0.04 33.68 25.75
N ALA A 821 0.98 33.74 26.67
CA ALA A 821 1.04 32.78 27.76
C ALA A 821 -0.10 33.01 28.75
N ALA A 822 -0.47 34.26 28.99
CA ALA A 822 -1.56 34.65 29.86
C ALA A 822 -2.69 35.26 29.04
N PHE A 823 -3.92 35.16 29.55
CA PHE A 823 -5.08 35.63 28.80
C PHE A 823 -5.09 37.13 28.62
N GLU A 824 -4.44 37.89 29.48
CA GLU A 824 -4.44 39.33 29.31
C GLU A 824 -3.69 39.73 28.06
N GLN A 825 -2.61 39.03 27.75
CA GLN A 825 -1.83 39.35 26.55
C GLN A 825 -2.57 38.93 25.30
N LEU A 826 -3.25 37.79 25.38
CA LEU A 826 -4.11 37.36 24.28
C LEU A 826 -5.20 38.38 24.02
N LEU A 827 -5.84 38.88 25.09
CA LEU A 827 -6.86 39.89 24.96
C LEU A 827 -6.30 41.20 24.46
N ALA A 828 -5.07 41.54 24.83
CA ALA A 828 -4.47 42.76 24.34
C ALA A 828 -4.24 42.70 22.85
N ASP A 829 -3.86 41.53 22.34
CA ASP A 829 -3.69 41.41 20.90
C ASP A 829 -5.02 41.32 20.17
N PHE A 830 -5.95 40.54 20.71
CA PHE A 830 -7.23 40.27 20.05
C PHE A 830 -8.35 40.54 21.03
N PRO A 831 -8.98 41.72 21.01
CA PRO A 831 -10.09 41.93 21.94
C PRO A 831 -11.25 40.99 21.73
N GLU A 832 -11.38 40.38 20.56
CA GLU A 832 -12.44 39.40 20.37
C GLU A 832 -12.22 38.10 21.15
N ALA A 833 -11.11 37.95 21.87
CA ALA A 833 -11.01 36.87 22.81
C ALA A 833 -11.90 37.09 24.02
N ALA A 834 -12.36 38.32 24.25
CA ALA A 834 -13.10 38.59 25.47
C ALA A 834 -14.36 37.74 25.58
N ASP A 835 -15.03 37.50 24.46
CA ASP A 835 -16.23 36.66 24.40
C ASP A 835 -15.92 35.21 24.09
N MET A 836 -14.72 34.76 24.36
CA MET A 836 -14.31 33.41 24.04
C MET A 836 -13.73 32.65 25.23
N ARG A 837 -13.71 33.26 26.39
CA ARG A 837 -13.14 32.60 27.56
C ARG A 837 -14.13 31.57 28.10
N ALA A 838 -13.93 30.29 27.77
CA ALA A 838 -14.64 29.17 28.38
C ALA A 838 -14.19 29.07 29.83
N PRO A 839 -14.99 28.42 30.71
CA PRO A 839 -14.63 28.49 32.23
C PRO A 839 -13.32 27.93 32.83
N GLY A 840 -12.61 26.92 32.26
CA GLY A 840 -11.37 26.49 32.87
C GLY A 840 -10.26 27.54 32.93
N PRO A 841 -9.13 27.20 33.56
CA PRO A 841 -7.93 28.06 33.61
C PRO A 841 -7.15 28.05 32.30
N TYR A 842 -7.02 29.22 31.69
CA TYR A 842 -6.43 29.39 30.37
C TYR A 842 -4.97 28.93 30.28
N SER A 843 -4.59 28.50 29.09
CA SER A 843 -3.20 28.27 28.70
C SER A 843 -3.19 27.98 27.21
N MET A 844 -2.03 28.13 26.60
CA MET A 844 -1.93 27.97 25.16
C MET A 844 -0.55 27.40 24.86
N ARG A 845 -0.48 26.08 24.70
CA ARG A 845 0.77 25.34 24.60
C ARG A 845 0.77 24.50 23.33
N ILE A 846 1.79 24.66 22.50
CA ILE A 846 1.95 23.75 21.38
C ILE A 846 2.17 22.36 21.93
N ILE A 847 1.33 21.42 21.50
CA ILE A 847 1.40 20.05 21.94
C ILE A 847 1.83 19.11 20.85
N TYR A 848 2.14 19.61 19.67
CA TYR A 848 2.61 18.78 18.59
C TYR A 848 2.95 19.74 17.48
N GLY A 849 3.75 19.28 16.56
CA GLY A 849 4.08 20.01 15.36
C GLY A 849 4.66 19.01 14.40
N ASP A 850 4.81 19.44 13.18
CA ASP A 850 5.31 18.63 12.10
C ASP A 850 6.04 19.65 11.26
N THR A 851 6.38 19.31 10.03
CA THR A 851 7.27 20.17 9.25
C THR A 851 6.87 21.63 9.28
N ASP A 852 5.56 21.92 9.17
CA ASP A 852 5.05 23.28 9.18
C ASP A 852 3.95 23.56 10.19
N SER A 853 3.16 22.56 10.53
CA SER A 853 2.04 22.75 11.44
C SER A 853 2.49 22.88 12.87
N ILE A 854 1.67 23.54 13.67
CA ILE A 854 1.75 23.42 15.13
C ILE A 854 0.36 23.24 15.66
N PHE A 855 0.21 22.33 16.60
CA PHE A 855 -1.05 22.08 17.27
C PHE A 855 -0.99 22.82 18.59
N VAL A 856 -1.72 23.91 18.70
CA VAL A 856 -1.79 24.72 19.89
C VAL A 856 -3.01 24.26 20.70
N LEU A 857 -2.78 23.62 21.83
CA LEU A 857 -3.86 23.22 22.76
C LEU A 857 -4.35 24.41 23.57
N CYS A 858 -5.36 25.09 23.07
CA CYS A 858 -5.94 26.26 23.73
C CYS A 858 -6.91 25.89 24.85
N ARG A 859 -6.41 25.70 26.05
CA ARG A 859 -7.25 25.62 27.25
C ARG A 859 -7.85 26.96 27.65
N GLY A 860 -9.03 26.88 28.25
CA GLY A 860 -9.78 28.01 28.73
C GLY A 860 -10.47 28.83 27.68
N LEU A 861 -10.29 28.51 26.41
CA LEU A 861 -10.92 29.21 25.29
C LEU A 861 -12.01 28.34 24.69
N THR A 862 -13.09 28.95 24.22
CA THR A 862 -14.17 28.18 23.60
C THR A 862 -13.78 27.80 22.19
N ALA A 863 -14.17 26.61 21.76
CA ALA A 863 -13.95 26.19 20.39
C ALA A 863 -14.80 26.95 19.39
N ALA A 864 -15.81 27.70 19.84
CA ALA A 864 -16.76 28.32 18.93
C ALA A 864 -16.10 29.30 17.98
N GLY A 865 -15.47 30.36 18.52
CA GLY A 865 -14.84 31.34 17.66
C GLY A 865 -13.34 31.24 17.64
N LEU A 866 -12.83 30.05 17.89
CA LEU A 866 -11.40 29.90 18.02
C LEU A 866 -10.71 29.85 16.69
N THR A 867 -11.37 29.40 15.63
CA THR A 867 -10.73 29.49 14.34
C THR A 867 -10.78 30.90 13.80
N ALA A 868 -11.84 31.64 14.11
CA ALA A 868 -11.95 33.00 13.59
C ALA A 868 -10.89 33.90 14.20
N MET A 869 -10.51 33.63 15.43
CA MET A 869 -9.38 34.32 16.03
C MET A 869 -8.07 33.65 15.68
N GLY A 870 -8.08 32.37 15.35
CA GLY A 870 -6.87 31.69 14.93
C GLY A 870 -6.34 32.24 13.63
N ASP A 871 -7.24 32.62 12.72
CA ASP A 871 -6.81 33.35 11.55
C ASP A 871 -6.06 34.63 11.92
N LYS A 872 -6.57 35.37 12.90
CA LYS A 872 -5.92 36.62 13.29
C LYS A 872 -4.62 36.39 14.03
N MET A 873 -4.57 35.38 14.90
CA MET A 873 -3.31 34.93 15.48
C MET A 873 -2.31 34.60 14.41
N ALA A 874 -2.73 33.88 13.40
CA ALA A 874 -1.79 33.41 12.41
C ALA A 874 -1.25 34.58 11.61
N SER A 875 -2.10 35.53 11.26
CA SER A 875 -1.61 36.74 10.63
C SER A 875 -0.68 37.50 11.55
N HIS A 876 -0.95 37.48 12.84
CA HIS A 876 -0.11 38.19 13.80
C HIS A 876 1.28 37.59 13.82
N ILE A 877 1.34 36.27 13.93
CA ILE A 877 2.60 35.56 13.91
C ILE A 877 3.31 35.77 12.60
N SER A 878 2.62 35.55 11.47
CA SER A 878 3.30 35.71 10.19
C SER A 878 3.78 37.12 9.94
N ARG A 879 3.16 38.11 10.54
CA ARG A 879 3.63 39.48 10.38
C ARG A 879 4.82 39.73 11.27
N ALA A 880 4.80 39.18 12.47
CA ALA A 880 5.82 39.46 13.45
C ALA A 880 7.11 38.72 13.13
N LEU A 881 7.01 37.50 12.63
CA LEU A 881 8.18 36.65 12.47
C LEU A 881 8.69 36.54 11.04
N PHE A 882 7.84 36.24 10.06
CA PHE A 882 8.36 35.73 8.79
C PHE A 882 8.25 36.73 7.66
N LEU A 883 9.04 36.49 6.63
CA LEU A 883 9.07 37.37 5.48
C LEU A 883 7.82 37.20 4.60
N PRO A 884 7.53 38.18 3.75
CA PRO A 884 6.18 38.33 3.18
C PRO A 884 5.62 37.09 2.50
N PRO A 885 6.32 36.41 1.58
CA PRO A 885 5.67 35.24 0.94
C PRO A 885 5.29 34.13 1.88
N ILE A 886 5.87 34.09 3.05
CA ILE A 886 5.59 33.07 4.05
C ILE A 886 4.33 33.48 4.78
N LYS A 887 3.51 32.51 5.12
CA LYS A 887 2.24 32.84 5.74
C LYS A 887 1.77 31.62 6.53
N LEU A 888 1.75 31.78 7.82
CA LEU A 888 1.12 30.85 8.73
C LEU A 888 -0.37 31.09 8.73
N GLU A 889 -1.14 30.03 8.84
CA GLU A 889 -2.58 30.20 8.84
C GLU A 889 -3.24 29.09 9.61
N CYS A 890 -4.23 29.47 10.39
CA CYS A 890 -5.03 28.54 11.18
C CYS A 890 -5.89 27.71 10.26
N GLU A 891 -5.56 26.44 10.11
CA GLU A 891 -6.31 25.65 9.15
C GLU A 891 -7.38 24.78 9.77
N LYS A 892 -7.24 24.36 11.02
CA LYS A 892 -8.28 23.55 11.66
C LYS A 892 -8.63 24.07 13.02
N THR A 893 -9.45 23.33 13.72
CA THR A 893 -9.66 23.40 15.15
C THR A 893 -10.27 22.06 15.47
N PHE A 894 -9.59 21.28 16.28
CA PHE A 894 -10.16 20.03 16.70
C PHE A 894 -10.87 20.29 17.99
N THR A 895 -12.13 19.86 18.09
CA THR A 895 -12.74 19.84 19.40
C THR A 895 -12.32 18.63 20.21
N LYS A 896 -11.78 17.61 19.59
CA LYS A 896 -11.19 16.48 20.29
C LYS A 896 -10.07 15.95 19.42
N LEU A 897 -8.98 15.57 20.06
CA LEU A 897 -7.83 15.08 19.36
C LEU A 897 -7.24 13.95 20.15
N LEU A 898 -6.78 12.92 19.48
CA LEU A 898 -6.13 11.77 20.09
C LEU A 898 -4.75 11.75 19.46
N LEU A 899 -3.80 12.44 20.09
CA LEU A 899 -2.42 12.43 19.60
C LEU A 899 -1.79 11.11 19.95
N ILE A 900 -1.82 10.18 18.99
CA ILE A 900 -1.30 8.83 19.21
C ILE A 900 0.21 8.80 19.24
N ALA A 901 0.85 9.22 18.15
CA ALA A 901 2.30 9.16 17.95
C ALA A 901 2.68 10.31 17.06
N LYS A 902 3.91 10.27 16.54
CA LYS A 902 4.43 11.41 15.80
C LYS A 902 3.59 11.70 14.56
N LYS A 903 3.49 10.77 13.63
CA LYS A 903 2.65 11.06 12.48
C LYS A 903 1.30 10.39 12.55
N LYS A 904 0.75 10.23 13.74
CA LYS A 904 -0.49 9.50 13.95
C LYS A 904 -1.41 10.30 14.84
N TYR A 905 -2.65 10.50 14.41
CA TYR A 905 -3.61 11.15 15.27
C TYR A 905 -4.99 11.08 14.65
N ILE A 906 -5.98 11.15 15.50
CA ILE A 906 -7.37 11.20 15.09
C ILE A 906 -7.94 12.42 15.78
N GLY A 907 -8.90 13.04 15.17
CA GLY A 907 -9.51 14.17 15.82
C GLY A 907 -10.70 14.68 15.07
N VAL A 908 -11.72 15.16 15.75
CA VAL A 908 -12.92 15.68 15.10
C VAL A 908 -12.74 17.17 14.96
N ILE A 909 -12.67 17.63 13.73
CA ILE A 909 -12.61 19.04 13.50
C ILE A 909 -13.89 19.67 14.04
N TYR A 910 -13.80 20.95 14.34
CA TYR A 910 -14.83 21.70 15.04
C TYR A 910 -16.18 21.58 14.38
N GLY A 911 -17.14 21.10 15.17
CA GLY A 911 -18.51 20.93 14.74
C GLY A 911 -18.67 20.11 13.50
N GLY A 912 -17.80 19.12 13.31
CA GLY A 912 -17.66 18.51 12.00
C GLY A 912 -16.97 17.17 11.92
N LYS A 913 -16.20 17.05 10.86
N LYS A 913 -16.18 17.05 10.86
CA LYS A 913 -15.67 15.83 10.30
CA LYS A 913 -15.73 15.78 10.35
C LYS A 913 -14.53 15.24 11.12
C LYS A 913 -14.58 15.23 11.17
N MET A 914 -14.35 13.94 10.99
CA MET A 914 -13.25 13.23 11.59
C MET A 914 -12.06 13.27 10.65
N LEU A 915 -10.90 13.65 11.18
CA LEU A 915 -9.64 13.58 10.50
C LEU A 915 -8.79 12.49 11.09
N ILE A 916 -8.49 11.47 10.29
CA ILE A 916 -7.70 10.32 10.66
C ILE A 916 -6.38 10.41 9.90
N LYS A 917 -5.28 10.48 10.61
CA LYS A 917 -3.96 10.74 10.03
C LYS A 917 -3.01 9.63 10.42
N GLY A 918 -2.86 8.66 9.53
CA GLY A 918 -1.87 7.62 9.53
C GLY A 918 -1.96 6.64 10.67
N VAL A 919 -3.17 6.27 11.06
CA VAL A 919 -3.42 5.37 12.18
C VAL A 919 -3.91 4.01 11.73
N ASP A 920 -3.63 3.62 10.48
CA ASP A 920 -3.94 2.32 9.91
C ASP A 920 -5.43 2.12 9.60
N LEU A 921 -6.26 3.11 9.85
CA LEU A 921 -7.56 3.11 9.21
C LEU A 921 -7.45 3.73 7.84
N VAL A 922 -6.46 4.59 7.66
CA VAL A 922 -6.15 5.22 6.39
C VAL A 922 -5.01 4.56 5.65
N ARG A 923 -4.60 3.37 6.04
CA ARG A 923 -3.49 2.68 5.41
C ARG A 923 -4.07 1.49 4.67
N LYS A 924 -3.55 1.25 3.49
CA LYS A 924 -4.02 0.18 2.62
C LYS A 924 -3.59 -1.22 3.04
N ASN A 925 -2.83 -1.40 4.11
CA ASN A 925 -2.49 -2.75 4.55
C ASN A 925 -3.74 -3.55 4.89
N ASN A 926 -4.50 -3.08 5.87
CA ASN A 926 -5.33 -3.97 6.65
C ASN A 926 -6.48 -4.51 5.83
N CYS A 927 -7.18 -5.45 6.46
CA CYS A 927 -8.35 -6.08 5.93
C CYS A 927 -9.56 -5.26 6.34
N ALA A 928 -10.57 -5.23 5.48
CA ALA A 928 -11.77 -4.48 5.79
C ALA A 928 -12.39 -4.86 7.12
N PHE A 929 -12.14 -6.06 7.64
CA PHE A 929 -12.72 -6.42 8.91
C PHE A 929 -12.13 -5.61 10.04
N ILE A 930 -10.80 -5.59 10.11
CA ILE A 930 -10.12 -4.85 11.16
C ILE A 930 -10.38 -3.36 11.01
N ASN A 931 -10.36 -2.84 9.79
CA ASN A 931 -10.68 -1.44 9.55
C ASN A 931 -12.10 -1.11 9.99
N ARG A 932 -13.05 -1.96 9.69
CA ARG A 932 -14.43 -1.70 10.07
C ARG A 932 -14.58 -1.63 11.58
N THR A 933 -14.02 -2.60 12.29
CA THR A 933 -14.14 -2.55 13.75
C THR A 933 -13.28 -1.45 14.36
N SER A 934 -12.14 -1.10 13.77
CA SER A 934 -11.33 -0.03 14.33
C SER A 934 -12.04 1.29 14.21
N ARG A 935 -12.69 1.49 13.07
CA ARG A 935 -13.52 2.66 12.87
C ARG A 935 -14.66 2.68 13.86
N ALA A 936 -15.29 1.54 14.11
CA ALA A 936 -16.35 1.52 15.11
C ALA A 936 -15.86 1.98 16.47
N LEU A 937 -14.68 1.52 16.88
CA LEU A 937 -14.10 1.95 18.15
C LEU A 937 -13.79 3.44 18.17
N VAL A 938 -13.19 3.98 17.10
CA VAL A 938 -12.84 5.40 17.16
C VAL A 938 -14.08 6.26 17.10
N ASP A 939 -15.13 5.81 16.41
CA ASP A 939 -16.39 6.53 16.45
C ASP A 939 -16.95 6.53 17.85
N LEU A 940 -16.90 5.40 18.55
CA LEU A 940 -17.28 5.42 19.95
C LEU A 940 -16.48 6.44 20.74
N LEU A 941 -15.15 6.44 20.59
CA LEU A 941 -14.32 7.32 21.38
C LEU A 941 -14.65 8.78 21.13
N PHE A 942 -14.90 9.15 19.88
CA PHE A 942 -15.00 10.56 19.53
C PHE A 942 -16.44 11.04 19.59
N TYR A 943 -17.31 10.41 18.84
CA TYR A 943 -18.70 10.84 18.81
C TYR A 943 -19.48 10.43 20.06
N ASP A 944 -19.42 9.16 20.44
CA ASP A 944 -20.32 8.72 21.48
C ASP A 944 -19.89 9.26 22.83
N ASP A 945 -20.63 10.23 23.33
CA ASP A 945 -20.42 10.68 24.67
C ASP A 945 -20.80 9.60 25.65
N THR A 946 -20.23 9.69 26.83
CA THR A 946 -20.13 8.71 27.88
C THR A 946 -19.08 7.67 27.58
N VAL A 947 -18.40 7.73 26.44
CA VAL A 947 -17.16 7.00 26.24
C VAL A 947 -16.04 8.00 26.07
N SER A 948 -16.34 9.20 25.56
CA SER A 948 -15.36 10.27 25.65
C SER A 948 -15.20 10.73 27.09
N GLY A 949 -16.24 10.59 27.90
CA GLY A 949 -16.09 10.93 29.30
C GLY A 949 -15.23 9.93 30.03
N ALA A 950 -15.51 8.65 29.81
CA ALA A 950 -14.68 7.62 30.38
C ALA A 950 -13.25 7.69 29.87
N ALA A 951 -13.09 7.95 28.57
CA ALA A 951 -11.75 8.02 28.01
C ALA A 951 -11.00 9.21 28.55
N ALA A 952 -11.66 10.36 28.69
CA ALA A 952 -11.02 11.49 29.32
C ALA A 952 -10.82 11.30 30.81
N ALA A 953 -11.56 10.38 31.44
CA ALA A 953 -11.33 10.04 32.82
C ALA A 953 -10.13 9.15 32.99
N LEU A 954 -9.76 8.41 31.96
CA LEU A 954 -8.62 7.51 32.07
C LEU A 954 -7.32 8.23 32.34
N ALA A 955 -7.22 9.52 32.10
CA ALA A 955 -5.97 10.23 32.30
C ALA A 955 -5.79 10.74 33.72
N GLU A 956 -6.77 10.56 34.58
CA GLU A 956 -6.64 11.01 35.96
C GLU A 956 -5.83 10.05 36.80
N ARG A 957 -5.53 8.85 36.29
CA ARG A 957 -4.76 7.79 36.90
C ARG A 957 -3.57 7.51 36.00
N PRO A 958 -2.41 7.16 36.53
CA PRO A 958 -1.39 6.57 35.66
C PRO A 958 -1.81 5.19 35.20
N ALA A 959 -1.32 4.84 34.00
CA ALA A 959 -1.82 3.69 33.24
C ALA A 959 -1.87 2.42 34.07
N GLU A 960 -0.88 2.19 34.93
CA GLU A 960 -0.79 0.92 35.62
C GLU A 960 -1.86 0.80 36.68
N GLU A 961 -2.42 1.91 37.15
CA GLU A 961 -3.52 1.82 38.10
C GLU A 961 -4.75 1.20 37.46
N TRP A 962 -4.92 1.34 36.14
CA TRP A 962 -6.05 0.69 35.49
C TRP A 962 -5.86 -0.81 35.38
N LEU A 963 -4.64 -1.32 35.58
CA LEU A 963 -4.49 -2.75 35.56
C LEU A 963 -5.10 -3.40 36.79
N ALA A 964 -5.34 -2.62 37.84
CA ALA A 964 -5.87 -3.06 39.12
C ALA A 964 -7.33 -2.67 39.29
N ARG A 965 -7.63 -1.45 39.07
CA ARG A 965 -8.94 -0.88 39.28
C ARG A 965 -9.89 -1.23 38.14
N PRO A 966 -11.20 -1.26 38.39
CA PRO A 966 -12.16 -1.31 37.29
C PRO A 966 -12.23 0.00 36.50
N LEU A 967 -12.03 -0.10 35.20
CA LEU A 967 -12.16 1.00 34.25
C LEU A 967 -13.48 1.76 34.37
N PRO A 968 -13.48 3.07 34.14
CA PRO A 968 -14.70 3.85 34.35
C PRO A 968 -15.89 3.31 33.57
N GLU A 969 -17.05 3.42 34.19
CA GLU A 969 -18.24 2.69 33.84
C GLU A 969 -18.82 3.08 32.50
N GLY A 970 -18.26 4.05 31.82
CA GLY A 970 -18.66 4.43 30.49
C GLY A 970 -18.03 3.57 29.42
N LEU A 971 -16.79 3.18 29.62
CA LEU A 971 -16.04 2.51 28.55
C LEU A 971 -16.54 1.12 28.23
N GLN A 972 -17.60 0.62 28.87
CA GLN A 972 -18.06 -0.73 28.61
C GLN A 972 -18.47 -0.91 27.16
N ALA A 973 -19.13 0.09 26.57
CA ALA A 973 -19.51 -0.06 25.17
C ALA A 973 -18.30 -0.10 24.27
N PHE A 974 -17.18 0.43 24.71
CA PHE A 974 -15.99 0.37 23.89
C PHE A 974 -15.45 -1.04 23.79
N GLY A 975 -15.80 -1.91 24.74
CA GLY A 975 -15.38 -3.28 24.67
C GLY A 975 -16.48 -4.13 24.10
N ALA A 976 -17.72 -3.66 24.11
CA ALA A 976 -18.77 -4.41 23.43
C ALA A 976 -18.47 -4.54 21.96
N VAL A 977 -17.86 -3.52 21.36
CA VAL A 977 -17.51 -3.62 19.95
C VAL A 977 -16.49 -4.70 19.77
N LEU A 978 -15.51 -4.73 20.65
CA LEU A 978 -14.45 -5.71 20.53
C LEU A 978 -15.02 -7.09 20.71
N VAL A 979 -15.89 -7.24 21.71
CA VAL A 979 -16.49 -8.52 21.98
C VAL A 979 -17.27 -8.96 20.77
N ASP A 980 -18.04 -8.04 20.18
CA ASP A 980 -18.80 -8.41 18.99
C ASP A 980 -17.88 -8.84 17.88
N ALA A 981 -16.77 -8.13 17.70
CA ALA A 981 -15.86 -8.46 16.63
C ALA A 981 -15.25 -9.84 16.86
N HIS A 982 -15.02 -10.19 18.12
CA HIS A 982 -14.52 -11.52 18.43
C HIS A 982 -15.51 -12.57 17.96
N ARG A 983 -16.78 -12.36 18.28
CA ARG A 983 -17.84 -13.22 17.77
C ARG A 983 -17.75 -13.26 16.26
N ARG A 984 -17.72 -12.09 15.64
CA ARG A 984 -17.84 -12.00 14.20
C ARG A 984 -16.65 -12.60 13.50
N ILE A 985 -15.55 -12.82 14.20
CA ILE A 985 -14.37 -13.25 13.48
C ILE A 985 -14.41 -14.76 13.36
N THR A 986 -14.98 -15.45 14.34
CA THR A 986 -15.05 -16.90 14.31
C THR A 986 -16.26 -17.43 13.56
N ASP A 987 -17.24 -16.60 13.24
CA ASP A 987 -18.51 -17.11 12.76
C ASP A 987 -18.28 -17.80 11.42
N PRO A 988 -18.76 -19.05 11.21
CA PRO A 988 -18.48 -19.76 9.96
C PRO A 988 -19.38 -19.38 8.76
N GLU A 989 -19.54 -18.08 8.51
CA GLU A 989 -19.76 -17.64 7.13
C GLU A 989 -18.60 -16.82 6.61
N ARG A 990 -18.11 -15.86 7.40
CA ARG A 990 -16.77 -15.30 7.32
C ARG A 990 -16.35 -15.07 5.89
N ASP A 991 -17.11 -14.24 5.16
CA ASP A 991 -16.80 -14.11 3.74
C ASP A 991 -15.43 -13.48 3.63
N ILE A 992 -14.53 -14.12 2.90
CA ILE A 992 -13.13 -13.87 3.22
C ILE A 992 -12.64 -12.66 2.47
N GLN A 993 -13.53 -11.99 1.77
CA GLN A 993 -13.18 -10.70 1.20
C GLN A 993 -13.06 -9.65 2.28
N ASP A 994 -13.65 -9.88 3.46
CA ASP A 994 -13.40 -9.00 4.58
C ASP A 994 -12.04 -9.22 5.16
N PHE A 995 -11.42 -10.38 4.89
CA PHE A 995 -10.16 -10.77 5.50
C PHE A 995 -8.98 -10.70 4.55
N VAL A 996 -9.07 -9.92 3.51
CA VAL A 996 -8.06 -9.89 2.46
C VAL A 996 -7.13 -8.75 2.76
N LEU A 997 -5.91 -9.10 3.12
CA LEU A 997 -4.85 -8.14 3.29
C LEU A 997 -4.27 -7.85 1.94
N THR A 998 -3.51 -6.76 1.85
CA THR A 998 -2.77 -6.45 0.65
C THR A 998 -1.40 -5.91 1.01
N ALA A 999 -0.57 -5.78 0.00
CA ALA A 999 0.74 -5.14 0.11
C ALA A 999 1.21 -4.91 -1.30
N GLU A 1000 1.93 -3.86 -1.49
CA GLU A 1000 2.40 -3.51 -2.80
C GLU A 1000 3.72 -4.18 -3.04
N LEU A 1001 3.92 -4.67 -4.26
CA LEU A 1001 5.15 -5.37 -4.55
C LEU A 1001 6.34 -4.40 -4.54
N SER A 1002 6.28 -3.35 -5.32
CA SER A 1002 7.16 -2.20 -5.20
C SER A 1002 8.61 -2.42 -5.62
N ARG A 1003 9.01 -3.61 -6.03
CA ARG A 1003 10.30 -3.85 -6.65
C ARG A 1003 10.29 -5.29 -7.09
N HIS A 1004 11.18 -5.62 -8.00
CA HIS A 1004 11.29 -6.99 -8.45
C HIS A 1004 11.49 -7.92 -7.24
N PRO A 1005 10.79 -9.05 -7.17
CA PRO A 1005 10.98 -9.96 -6.03
C PRO A 1005 12.40 -10.46 -5.81
N ARG A 1006 13.32 -10.23 -6.74
CA ARG A 1006 14.73 -10.48 -6.53
C ARG A 1006 15.46 -9.31 -5.91
N ALA A 1007 14.90 -8.10 -5.96
CA ALA A 1007 15.56 -6.96 -5.36
C ALA A 1007 15.29 -6.84 -3.89
N TYR A 1008 14.48 -7.71 -3.32
CA TYR A 1008 14.34 -7.75 -1.89
C TYR A 1008 15.55 -8.41 -1.27
N THR A 1009 15.90 -7.98 -0.06
CA THR A 1009 16.80 -8.72 0.80
C THR A 1009 16.04 -9.56 1.80
N ASN A 1010 14.92 -9.05 2.29
CA ASN A 1010 14.02 -9.77 3.18
C ASN A 1010 12.96 -10.38 2.30
N LYS A 1011 13.21 -11.62 1.90
CA LYS A 1011 12.35 -12.35 0.99
C LYS A 1011 11.34 -13.22 1.72
N ARG A 1012 11.08 -12.92 2.97
CA ARG A 1012 10.21 -13.68 3.83
C ARG A 1012 8.96 -12.87 4.14
N LEU A 1013 8.48 -12.13 3.14
CA LEU A 1013 7.26 -11.35 3.27
C LEU A 1013 6.06 -12.09 2.71
N ALA A 1014 4.90 -11.82 3.30
CA ALA A 1014 3.68 -12.53 2.92
C ALA A 1014 3.32 -12.27 1.47
N HIS A 1015 3.41 -11.03 1.02
CA HIS A 1015 3.05 -10.80 -0.37
C HIS A 1015 4.08 -11.38 -1.33
N LEU A 1016 5.34 -11.54 -0.93
CA LEU A 1016 6.26 -12.28 -1.78
C LEU A 1016 5.96 -13.77 -1.79
N THR A 1017 5.61 -14.32 -0.64
CA THR A 1017 5.17 -15.70 -0.54
C THR A 1017 4.05 -15.96 -1.50
N VAL A 1018 3.04 -15.11 -1.47
CA VAL A 1018 1.92 -15.35 -2.33
C VAL A 1018 2.24 -14.99 -3.77
N TYR A 1019 3.19 -14.09 -4.02
CA TYR A 1019 3.58 -13.84 -5.39
C TYR A 1019 4.14 -15.10 -6.02
N TYR A 1020 4.97 -15.80 -5.26
CA TYR A 1020 5.54 -17.03 -5.80
C TYR A 1020 4.56 -18.16 -5.83
N LYS A 1021 3.62 -18.22 -4.90
CA LYS A 1021 2.53 -19.19 -5.03
C LYS A 1021 1.71 -18.97 -6.27
N LEU A 1022 1.55 -17.72 -6.69
CA LEU A 1022 0.78 -17.42 -7.89
C LEU A 1022 1.58 -17.77 -9.12
N MET A 1023 2.87 -17.47 -9.13
CA MET A 1023 3.69 -17.86 -10.26
C MET A 1023 3.91 -19.35 -10.34
N ALA A 1024 3.76 -20.06 -9.22
CA ALA A 1024 3.95 -21.50 -9.20
C ALA A 1024 2.77 -22.20 -9.83
N ARG A 1025 1.57 -21.70 -9.58
CA ARG A 1025 0.35 -22.25 -10.12
C ARG A 1025 0.01 -21.69 -11.49
N ARG A 1026 0.88 -20.89 -12.10
CA ARG A 1026 0.63 -20.34 -13.43
C ARG A 1026 -0.55 -19.39 -13.42
N ALA A 1027 -0.92 -18.84 -12.27
CA ALA A 1027 -1.97 -17.85 -12.20
C ALA A 1027 -1.37 -16.53 -12.66
N GLN A 1028 -2.13 -15.46 -12.54
CA GLN A 1028 -1.74 -14.15 -13.05
C GLN A 1028 -0.71 -13.54 -12.13
N VAL A 1029 0.54 -13.53 -12.54
CA VAL A 1029 1.60 -13.01 -11.67
C VAL A 1029 1.43 -11.49 -11.57
N PRO A 1030 1.48 -10.89 -10.37
CA PRO A 1030 1.33 -9.43 -10.28
C PRO A 1030 2.52 -8.69 -10.88
N SER A 1031 2.37 -7.37 -10.94
CA SER A 1031 3.36 -6.49 -11.53
C SER A 1031 4.00 -5.67 -10.42
N ILE A 1032 5.04 -4.91 -10.76
CA ILE A 1032 5.95 -4.42 -9.74
C ILE A 1032 5.29 -3.48 -8.75
N LYS A 1033 4.25 -2.78 -9.14
CA LYS A 1033 3.59 -1.88 -8.19
C LYS A 1033 2.15 -2.29 -7.99
N ASP A 1034 1.83 -3.55 -8.30
CA ASP A 1034 0.49 -3.99 -8.04
C ASP A 1034 0.32 -4.15 -6.54
N ARG A 1035 -0.89 -4.42 -6.13
CA ARG A 1035 -1.17 -4.82 -4.77
C ARG A 1035 -1.47 -6.30 -4.85
N ILE A 1036 -0.93 -7.05 -3.92
CA ILE A 1036 -0.98 -8.50 -3.95
C ILE A 1036 -1.90 -8.94 -2.83
N PRO A 1037 -3.18 -9.15 -3.05
CA PRO A 1037 -4.05 -9.51 -1.94
C PRO A 1037 -3.74 -10.90 -1.40
N TYR A 1038 -3.94 -11.07 -0.11
CA TYR A 1038 -3.64 -12.37 0.49
C TYR A 1038 -4.42 -12.54 1.77
N VAL A 1039 -4.76 -13.78 2.07
CA VAL A 1039 -5.35 -14.16 3.34
C VAL A 1039 -4.27 -14.86 4.15
N ILE A 1040 -4.44 -14.85 5.46
CA ILE A 1040 -3.66 -15.67 6.38
C ILE A 1040 -4.49 -16.89 6.74
N VAL A 1041 -4.21 -18.00 6.10
CA VAL A 1041 -4.90 -19.27 6.32
C VAL A 1041 -4.43 -19.95 7.60
N ALA A 1042 -5.31 -20.75 8.18
CA ALA A 1042 -5.03 -21.40 9.45
C ALA A 1042 -3.89 -22.39 9.31
N GLN A 1043 -3.06 -22.46 10.33
CA GLN A 1043 -2.00 -23.44 10.31
C GLN A 1043 -2.59 -24.83 10.53
N THR A 1044 -2.41 -25.68 9.54
CA THR A 1044 -2.95 -27.02 9.51
C THR A 1044 -1.82 -27.95 9.09
N ARG A 1045 -1.85 -29.18 9.61
CA ARG A 1045 -0.78 -30.15 9.35
C ARG A 1045 -0.49 -30.28 7.88
N GLU A 1046 -1.50 -30.08 7.04
CA GLU A 1046 -1.27 -30.12 5.61
C GLU A 1046 -0.51 -28.89 5.17
N VAL A 1047 -0.96 -27.69 5.54
CA VAL A 1047 -0.22 -26.47 5.20
C VAL A 1047 1.23 -26.54 5.70
N GLU A 1048 1.42 -27.07 6.90
CA GLU A 1048 2.77 -27.26 7.45
C GLU A 1048 3.59 -28.11 6.51
N GLU A 1049 3.03 -29.25 6.11
CA GLU A 1049 3.78 -30.16 5.27
C GLU A 1049 4.03 -29.55 3.91
N THR A 1050 3.08 -28.78 3.39
CA THR A 1050 3.31 -28.15 2.09
C THR A 1050 4.41 -27.11 2.16
N VAL A 1051 4.43 -26.29 3.21
CA VAL A 1051 5.46 -25.25 3.28
C VAL A 1051 6.83 -25.88 3.41
N ALA A 1052 6.97 -26.90 4.26
CA ALA A 1052 8.25 -27.61 4.33
C ALA A 1052 8.58 -28.31 3.02
N ARG A 1053 7.56 -28.75 2.29
CA ARG A 1053 7.75 -29.33 0.97
C ARG A 1053 8.33 -28.30 0.01
N LEU A 1054 7.77 -27.10 0.01
CA LEU A 1054 8.34 -25.99 -0.75
C LEU A 1054 9.58 -25.40 -0.11
N ALA A 1055 9.81 -25.62 1.17
CA ALA A 1055 11.06 -25.22 1.79
C ALA A 1055 12.25 -25.92 1.11
N ARG A 1099 6.08 -27.26 14.21
CA ARG A 1099 6.50 -25.90 14.51
C ARG A 1099 5.30 -24.97 14.61
N LYS A 1100 5.60 -23.67 14.68
CA LYS A 1100 4.66 -22.59 14.45
C LYS A 1100 5.11 -21.81 13.23
N LEU A 1101 4.32 -21.84 12.16
CA LEU A 1101 4.69 -21.17 10.93
C LEU A 1101 4.61 -19.66 11.09
N LEU A 1102 5.42 -18.99 10.29
CA LEU A 1102 5.42 -17.56 10.16
C LEU A 1102 4.14 -17.12 9.48
N VAL A 1103 3.88 -15.82 9.52
CA VAL A 1103 2.75 -15.28 8.75
C VAL A 1103 3.16 -15.01 7.32
N SER A 1104 4.41 -15.22 6.98
CA SER A 1104 4.80 -15.14 5.59
C SER A 1104 4.69 -16.47 4.92
N GLU A 1105 4.51 -17.56 5.67
CA GLU A 1105 4.31 -18.87 5.11
C GLU A 1105 2.87 -19.32 5.15
N LEU A 1106 2.04 -18.70 5.98
CA LEU A 1106 0.60 -18.85 5.89
C LEU A 1106 -0.01 -17.72 5.08
N ALA A 1107 0.31 -17.62 3.80
CA ALA A 1107 0.10 -16.41 3.02
C ALA A 1107 -0.66 -16.70 1.75
N GLU A 1108 -1.72 -17.47 1.82
CA GLU A 1108 -2.45 -17.84 0.62
C GLU A 1108 -3.11 -16.63 -0.01
N ASP A 1109 -3.51 -16.77 -1.26
CA ASP A 1109 -4.25 -15.72 -1.93
C ASP A 1109 -5.73 -16.09 -1.98
N PRO A 1110 -6.61 -15.09 -1.90
CA PRO A 1110 -8.01 -15.40 -1.66
C PRO A 1110 -8.67 -16.25 -2.72
N ALA A 1111 -8.34 -16.10 -4.00
CA ALA A 1111 -8.99 -16.91 -5.04
C ALA A 1111 -8.78 -18.39 -4.79
N TYR A 1112 -7.54 -18.77 -4.53
CA TYR A 1112 -7.23 -20.13 -4.15
C TYR A 1112 -7.99 -20.52 -2.90
N ALA A 1113 -7.81 -19.75 -1.83
CA ALA A 1113 -8.41 -20.11 -0.56
C ALA A 1113 -9.94 -20.17 -0.55
N ILE A 1114 -10.64 -19.66 -1.57
CA ILE A 1114 -12.06 -19.99 -1.74
C ILE A 1114 -12.23 -21.23 -2.59
N ALA A 1115 -11.52 -21.29 -3.71
CA ALA A 1115 -11.68 -22.41 -4.63
C ALA A 1115 -11.42 -23.73 -3.92
N HIS A 1116 -10.21 -23.89 -3.41
CA HIS A 1116 -9.92 -24.83 -2.36
C HIS A 1116 -10.36 -24.20 -1.06
N GLY A 1117 -11.27 -24.81 -0.32
CA GLY A 1117 -11.90 -24.08 0.75
C GLY A 1117 -11.03 -23.87 1.98
N VAL A 1118 -9.88 -23.24 1.80
CA VAL A 1118 -8.89 -23.09 2.86
C VAL A 1118 -9.41 -22.10 3.88
N ALA A 1119 -9.32 -22.46 5.16
CA ALA A 1119 -9.96 -21.70 6.22
C ALA A 1119 -8.98 -20.72 6.83
N LEU A 1120 -9.51 -19.59 7.30
CA LEU A 1120 -8.68 -18.48 7.70
C LEU A 1120 -8.08 -18.71 9.08
N ASN A 1121 -7.03 -17.93 9.36
CA ASN A 1121 -6.32 -18.02 10.63
C ASN A 1121 -6.97 -17.04 11.57
N THR A 1122 -7.95 -17.55 12.32
CA THR A 1122 -8.67 -16.73 13.29
C THR A 1122 -7.76 -16.13 14.34
N ASP A 1123 -6.77 -16.91 14.80
CA ASP A 1123 -5.81 -16.40 15.78
C ASP A 1123 -5.13 -15.15 15.30
N TYR A 1124 -4.63 -15.17 14.07
CA TYR A 1124 -3.89 -14.04 13.54
C TYR A 1124 -4.79 -12.84 13.39
N TYR A 1125 -5.95 -13.04 12.79
CA TYR A 1125 -6.78 -11.90 12.45
C TYR A 1125 -7.30 -11.23 13.69
N PHE A 1126 -7.60 -11.99 14.74
CA PHE A 1126 -8.01 -11.32 15.97
C PHE A 1126 -6.84 -10.69 16.72
N SER A 1127 -5.68 -11.34 16.73
CA SER A 1127 -4.55 -10.70 17.38
C SER A 1127 -4.22 -9.39 16.69
N HIS A 1128 -4.44 -9.30 15.38
CA HIS A 1128 -4.21 -8.06 14.68
C HIS A 1128 -5.35 -7.07 14.81
N LEU A 1129 -6.58 -7.52 14.99
CA LEU A 1129 -7.63 -6.61 15.41
C LEU A 1129 -7.27 -5.93 16.73
N LEU A 1130 -6.89 -6.73 17.72
CA LEU A 1130 -6.49 -6.14 18.98
C LEU A 1130 -5.22 -5.33 18.82
N GLY A 1131 -4.37 -5.68 17.88
CA GLY A 1131 -3.17 -4.90 17.65
C GLY A 1131 -3.46 -3.52 17.14
N ALA A 1132 -4.42 -3.41 16.21
CA ALA A 1132 -4.83 -2.10 15.71
C ALA A 1132 -5.50 -1.29 16.80
N ALA A 1133 -6.40 -1.92 17.57
CA ALA A 1133 -6.96 -1.22 18.73
C ALA A 1133 -5.87 -0.75 19.68
N CYS A 1134 -4.83 -1.55 19.91
CA CYS A 1134 -3.81 -1.18 20.87
C CYS A 1134 -2.98 -0.04 20.35
N VAL A 1135 -2.65 -0.06 19.05
CA VAL A 1135 -1.86 1.01 18.46
C VAL A 1135 -2.60 2.33 18.53
N THR A 1136 -3.91 2.33 18.31
CA THR A 1136 -4.62 3.58 18.41
C THR A 1136 -4.76 4.04 19.85
N PHE A 1137 -5.28 3.18 20.70
CA PHE A 1137 -5.76 3.57 22.02
C PHE A 1137 -4.73 3.42 23.09
N LYS A 1138 -3.45 3.28 22.74
CA LYS A 1138 -2.43 3.40 23.76
C LYS A 1138 -2.29 4.83 24.24
N ALA A 1139 -2.80 5.79 23.48
CA ALA A 1139 -2.76 7.18 23.90
C ALA A 1139 -3.63 7.44 25.10
N LEU A 1140 -4.65 6.63 25.32
CA LEU A 1140 -5.47 6.81 26.51
C LEU A 1140 -4.77 6.33 27.75
N PHE A 1141 -3.83 5.41 27.60
CA PHE A 1141 -3.22 4.66 28.69
C PHE A 1141 -1.75 4.99 28.82
N GLY A 1142 -1.40 6.26 28.65
CA GLY A 1142 -0.02 6.69 28.74
C GLY A 1142 0.88 6.14 27.66
N ASN A 1143 0.34 5.86 26.48
CA ASN A 1143 1.12 5.40 25.33
C ASN A 1143 1.78 4.08 25.59
N ASN A 1144 1.26 3.32 26.56
CA ASN A 1144 1.79 2.03 26.93
C ASN A 1144 1.03 0.99 26.13
N ALA A 1145 1.66 0.44 25.11
CA ALA A 1145 0.96 -0.52 24.28
C ALA A 1145 0.72 -1.80 25.05
N LYS A 1146 1.64 -2.14 25.97
N LYS A 1146 1.69 -2.17 25.87
CA LYS A 1146 1.50 -3.35 26.77
CA LYS A 1146 1.57 -3.29 26.78
C LYS A 1146 0.32 -3.25 27.74
C LYS A 1146 0.31 -3.21 27.65
N ILE A 1147 0.18 -2.13 28.43
CA ILE A 1147 -0.97 -1.96 29.32
C ILE A 1147 -2.27 -1.97 28.54
N THR A 1148 -2.26 -1.27 27.41
CA THR A 1148 -3.43 -1.19 26.56
C THR A 1148 -3.85 -2.55 26.07
N GLU A 1149 -2.89 -3.32 25.56
CA GLU A 1149 -3.13 -4.67 25.12
C GLU A 1149 -3.73 -5.49 26.21
N SER A 1150 -3.16 -5.44 27.41
CA SER A 1150 -3.74 -6.20 28.50
C SER A 1150 -5.17 -5.78 28.78
N LEU A 1151 -5.43 -4.49 28.87
CA LEU A 1151 -6.76 -4.02 29.21
C LEU A 1151 -7.78 -4.26 28.10
N LEU A 1152 -7.34 -4.41 26.86
CA LEU A 1152 -8.27 -4.72 25.79
C LEU A 1152 -8.58 -6.21 25.77
N LYS A 1153 -7.59 -7.06 25.93
CA LYS A 1153 -7.89 -8.47 26.06
C LYS A 1153 -8.69 -8.81 27.31
N ARG A 1154 -8.85 -7.89 28.26
CA ARG A 1154 -9.74 -8.18 29.39
C ARG A 1154 -11.20 -8.11 29.00
N PHE A 1155 -11.53 -7.40 27.92
CA PHE A 1155 -12.87 -7.47 27.35
C PHE A 1155 -13.24 -8.84 26.82
N ILE A 1156 -12.32 -9.51 26.18
CA ILE A 1156 -12.61 -10.65 25.30
C ILE A 1156 -13.18 -11.80 26.13
N PRO A 1157 -14.24 -12.53 25.67
CA PRO A 1157 -14.76 -13.64 26.51
C PRO A 1157 -13.89 -14.89 26.58
N GLU A 1158 -13.29 -15.13 27.74
CA GLU A 1158 -12.46 -16.31 27.96
C GLU A 1158 -13.26 -17.59 28.08
N VAL A 1159 -12.66 -18.68 27.58
CA VAL A 1159 -13.36 -19.93 27.30
C VAL A 1159 -12.39 -21.05 27.63
N TRP A 1160 -12.92 -22.13 28.18
CA TRP A 1160 -12.12 -23.27 28.59
C TRP A 1160 -12.90 -24.53 28.36
N HIS A 1161 -12.28 -25.46 27.64
CA HIS A 1161 -12.80 -26.79 27.42
C HIS A 1161 -11.77 -27.84 27.81
N PRO A 1162 -12.18 -28.96 28.40
CA PRO A 1162 -11.37 -30.17 28.28
C PRO A 1162 -11.37 -30.68 26.84
N PRO A 1163 -10.23 -30.67 26.13
CA PRO A 1163 -10.24 -30.97 24.68
C PRO A 1163 -10.76 -32.35 24.30
N ASP A 1164 -11.26 -32.46 23.07
CA ASP A 1164 -11.51 -33.78 22.47
C ASP A 1164 -10.22 -34.59 22.31
N ASP A 1165 -10.34 -35.89 22.54
CA ASP A 1165 -9.30 -36.82 22.97
C ASP A 1165 -9.02 -36.65 24.47
N VAL A 1166 -9.68 -35.73 25.17
CA VAL A 1166 -9.81 -35.75 26.61
C VAL A 1166 -11.28 -35.79 27.04
N ALA A 1167 -12.09 -34.92 26.44
CA ALA A 1167 -13.52 -34.94 26.70
C ALA A 1167 -14.14 -36.27 26.28
N ALA A 1168 -13.58 -36.92 25.25
CA ALA A 1168 -14.10 -38.20 24.82
C ALA A 1168 -14.10 -39.20 25.97
N ARG A 1169 -12.92 -39.49 26.50
CA ARG A 1169 -12.78 -40.53 27.52
C ARG A 1169 -13.39 -40.14 28.86
N LEU A 1170 -13.55 -38.85 29.10
CA LEU A 1170 -14.28 -38.38 30.26
C LEU A 1170 -15.78 -38.62 30.12
N ARG A 1171 -16.37 -38.30 28.95
CA ARG A 1171 -17.76 -38.71 28.72
C ARG A 1171 -17.90 -40.23 28.71
N ALA A 1172 -16.83 -40.95 28.33
CA ALA A 1172 -16.90 -42.40 28.39
C ALA A 1172 -16.84 -42.90 29.82
N ALA A 1173 -16.12 -42.18 30.69
CA ALA A 1173 -15.90 -42.55 32.08
C ALA A 1173 -17.03 -42.05 32.98
N GLY A 1174 -18.20 -41.75 32.41
CA GLY A 1174 -19.40 -41.38 33.14
C GLY A 1174 -19.39 -40.01 33.78
N PHE A 1175 -18.38 -39.20 33.49
CA PHE A 1175 -18.46 -37.77 33.75
C PHE A 1175 -19.49 -37.10 32.85
N GLY A 1176 -20.49 -36.50 33.47
CA GLY A 1176 -21.35 -35.57 32.78
C GLY A 1176 -20.70 -34.21 32.60
N ALA A 1177 -21.09 -33.53 31.53
CA ALA A 1177 -20.62 -32.18 31.28
C ALA A 1177 -21.51 -31.17 32.01
N VAL A 1178 -20.90 -30.05 32.40
CA VAL A 1178 -21.60 -28.97 33.11
C VAL A 1178 -21.13 -27.64 32.54
N GLY A 1179 -21.98 -27.01 31.76
CA GLY A 1179 -21.63 -25.84 31.02
C GLY A 1179 -22.39 -25.90 29.71
N ALA A 1180 -21.69 -25.75 28.58
CA ALA A 1180 -22.32 -25.31 27.33
C ALA A 1180 -23.42 -26.26 26.86
N GLY A 1181 -23.04 -27.50 26.58
CA GLY A 1181 -23.91 -28.47 25.93
C GLY A 1181 -24.95 -29.10 26.82
N ALA A 1182 -25.68 -28.28 27.55
CA ALA A 1182 -26.83 -28.70 28.31
C ALA A 1182 -27.55 -27.44 28.80
N THR A 1183 -28.81 -27.59 29.15
CA THR A 1183 -29.55 -26.48 29.74
C THR A 1183 -28.97 -26.13 31.10
N ALA A 1184 -29.23 -24.89 31.53
CA ALA A 1184 -28.56 -24.34 32.70
C ALA A 1184 -28.96 -25.13 33.95
N GLU A 1185 -30.22 -25.53 34.02
CA GLU A 1185 -30.64 -26.39 35.12
C GLU A 1185 -29.94 -27.72 35.05
N GLU A 1186 -29.69 -28.25 33.86
CA GLU A 1186 -29.08 -29.56 33.79
C GLU A 1186 -27.64 -29.48 34.30
N THR A 1187 -26.97 -28.37 34.00
CA THR A 1187 -25.62 -28.16 34.51
C THR A 1187 -25.66 -28.00 36.02
N ARG A 1188 -26.65 -27.26 36.55
CA ARG A 1188 -26.75 -27.11 37.99
C ARG A 1188 -27.01 -28.46 38.68
N ARG A 1189 -27.92 -29.26 38.16
CA ARG A 1189 -28.23 -30.53 38.82
C ARG A 1189 -27.04 -31.49 38.77
N MET A 1190 -26.32 -31.52 37.65
CA MET A 1190 -25.10 -32.31 37.58
C MET A 1190 -24.05 -31.77 38.54
N LEU A 1191 -23.99 -30.45 38.71
CA LEU A 1191 -23.04 -29.87 39.66
C LEU A 1191 -23.40 -30.27 41.08
N HIS A 1192 -24.69 -30.33 41.38
CA HIS A 1192 -25.15 -30.92 42.63
C HIS A 1192 -24.70 -32.38 42.74
N ARG A 1193 -24.88 -33.15 41.67
CA ARG A 1193 -24.51 -34.57 41.68
C ARG A 1193 -23.03 -34.73 41.95
N ALA A 1194 -22.19 -33.90 41.32
CA ALA A 1194 -20.77 -33.92 41.63
C ALA A 1194 -20.48 -33.52 43.08
N PHE A 1195 -21.10 -32.43 43.57
CA PHE A 1195 -20.66 -31.95 44.87
C PHE A 1195 -21.02 -32.93 45.97
N ASP A 1196 -22.18 -33.58 45.82
CA ASP A 1196 -22.55 -34.64 46.75
C ASP A 1196 -21.79 -35.92 46.44
N THR A 1197 -21.34 -36.11 45.20
CA THR A 1197 -20.50 -37.27 44.90
C THR A 1197 -19.14 -37.15 45.58
N LEU A 1198 -18.56 -35.95 45.63
CA LEU A 1198 -17.25 -35.82 46.26
C LEU A 1198 -17.38 -35.76 47.77
N ALA A 1199 -18.48 -35.22 48.26
CA ALA A 1199 -18.64 -34.97 49.68
C ALA A 1199 -19.12 -36.24 50.43
N GLY B 28 -18.84 -7.24 53.68
CA GLY B 28 -18.19 -6.54 52.59
C GLY B 28 -18.77 -6.92 51.24
N ALA B 29 -17.96 -6.80 50.19
CA ALA B 29 -18.39 -7.19 48.86
C ALA B 29 -18.78 -8.67 48.85
N PRO B 30 -19.70 -9.09 47.94
CA PRO B 30 -20.54 -10.27 48.21
C PRO B 30 -19.80 -11.57 48.51
N CYS B 31 -18.93 -12.02 47.61
CA CYS B 31 -18.12 -13.20 47.87
C CYS B 31 -16.74 -12.73 48.28
N GLN B 32 -16.24 -13.33 49.37
CA GLN B 32 -15.14 -12.78 50.15
C GLN B 32 -14.32 -13.91 50.72
N VAL B 33 -13.02 -13.91 50.43
CA VAL B 33 -12.11 -14.95 50.90
C VAL B 33 -10.91 -14.23 51.49
N VAL B 34 -10.76 -14.30 52.80
CA VAL B 34 -9.72 -13.57 53.52
C VAL B 34 -8.81 -14.59 54.16
N LEU B 35 -7.51 -14.34 54.05
CA LEU B 35 -6.45 -15.06 54.71
C LEU B 35 -5.65 -14.03 55.47
N GLN B 36 -6.01 -13.78 56.74
CA GLN B 36 -5.07 -13.05 57.58
C GLN B 36 -3.95 -14.01 57.95
N GLY B 37 -3.02 -13.56 58.77
CA GLY B 37 -1.98 -14.45 59.22
C GLY B 37 -2.55 -15.58 60.04
N ALA B 38 -1.70 -16.58 60.26
CA ALA B 38 -1.88 -17.67 61.21
C ALA B 38 -2.89 -18.72 60.76
N GLU B 39 -3.55 -18.52 59.62
CA GLU B 39 -4.17 -19.59 58.86
C GLU B 39 -3.61 -19.50 57.45
N LEU B 40 -3.25 -18.29 57.05
CA LEU B 40 -2.50 -18.09 55.82
C LEU B 40 -1.16 -18.80 55.86
N ASN B 41 -0.55 -18.95 57.03
CA ASN B 41 0.75 -19.61 57.03
C ASN B 41 0.60 -21.07 56.60
N GLY B 42 -0.55 -21.67 56.86
CA GLY B 42 -0.79 -23.00 56.34
C GLY B 42 -0.95 -23.02 54.84
N ILE B 43 -1.67 -22.04 54.27
CA ILE B 43 -1.86 -22.02 52.82
C ILE B 43 -0.57 -21.66 52.07
N LEU B 44 0.27 -20.80 52.61
CA LEU B 44 1.55 -20.60 51.94
C LEU B 44 2.40 -21.83 52.09
N GLN B 45 2.24 -22.58 53.18
CA GLN B 45 3.01 -23.79 53.34
C GLN B 45 2.57 -24.84 52.34
N ALA B 46 1.26 -24.91 52.05
CA ALA B 46 0.77 -25.83 51.04
C ALA B 46 1.37 -25.54 49.67
N PHE B 47 1.55 -24.27 49.31
CA PHE B 47 2.12 -23.91 48.03
C PHE B 47 3.63 -23.90 48.03
N ALA B 48 4.26 -24.19 49.18
CA ALA B 48 5.71 -24.11 49.30
C ALA B 48 6.43 -25.01 48.30
N PRO B 49 6.24 -26.34 48.31
CA PRO B 49 7.00 -27.18 47.37
C PRO B 49 6.67 -26.96 45.91
N LEU B 50 5.40 -26.69 45.61
CA LEU B 50 4.86 -26.81 44.25
C LEU B 50 5.61 -25.98 43.21
N ARG B 51 6.34 -24.95 43.62
CA ARG B 51 7.10 -24.12 42.68
C ARG B 51 6.14 -23.42 41.73
N THR B 52 6.51 -23.26 40.46
CA THR B 52 5.66 -22.58 39.48
C THR B 52 4.51 -23.45 38.98
N SER B 53 4.43 -24.71 39.39
CA SER B 53 3.56 -25.70 38.73
C SER B 53 2.13 -25.18 38.52
N LEU B 54 1.47 -24.84 39.61
CA LEU B 54 0.11 -24.32 39.57
C LEU B 54 0.08 -22.80 39.38
N LEU B 55 0.62 -22.32 38.27
CA LEU B 55 0.48 -20.91 37.94
C LEU B 55 -0.36 -20.69 36.69
N ASP B 56 -0.19 -21.50 35.65
CA ASP B 56 -1.07 -21.50 34.48
C ASP B 56 -2.18 -22.52 34.73
N SER B 57 -2.99 -22.17 35.70
CA SER B 57 -3.95 -23.04 36.32
C SER B 57 -5.34 -22.48 36.10
N LEU B 58 -6.32 -23.13 36.73
CA LEU B 58 -7.71 -22.71 36.68
C LEU B 58 -8.20 -22.80 38.11
N LEU B 59 -8.86 -21.76 38.55
CA LEU B 59 -9.29 -21.59 39.93
C LEU B 59 -10.81 -21.63 39.93
N VAL B 60 -11.37 -22.75 40.33
CA VAL B 60 -12.82 -22.96 40.34
C VAL B 60 -13.25 -22.72 41.78
N MET B 61 -13.64 -21.49 42.07
CA MET B 61 -14.05 -21.10 43.39
C MET B 61 -15.54 -21.30 43.53
N GLY B 62 -15.97 -21.61 44.74
CA GLY B 62 -17.39 -21.62 45.03
C GLY B 62 -17.62 -22.08 46.45
N ASP B 63 -18.82 -22.57 46.71
CA ASP B 63 -19.03 -23.14 48.03
C ASP B 63 -18.17 -24.39 48.16
N ARG B 64 -17.89 -24.74 49.40
CA ARG B 64 -16.97 -25.80 49.76
C ARG B 64 -15.52 -25.42 49.43
N GLY B 65 -15.23 -24.23 48.90
CA GLY B 65 -13.87 -23.78 48.77
C GLY B 65 -13.41 -23.46 47.36
N ILE B 66 -12.09 -23.48 47.16
CA ILE B 66 -11.48 -23.23 45.86
C ILE B 66 -10.83 -24.51 45.37
N LEU B 67 -10.94 -24.80 44.08
CA LEU B 67 -10.28 -25.94 43.46
C LEU B 67 -9.30 -25.42 42.42
N ILE B 68 -8.04 -25.80 42.53
CA ILE B 68 -7.00 -25.31 41.63
C ILE B 68 -6.63 -26.47 40.74
N HIS B 69 -6.99 -26.35 39.48
CA HIS B 69 -6.81 -27.41 38.51
C HIS B 69 -5.79 -27.00 37.48
N ASN B 70 -4.93 -27.93 37.09
CA ASN B 70 -3.97 -27.65 36.05
C ASN B 70 -3.70 -28.95 35.32
N THR B 71 -3.13 -28.83 34.12
CA THR B 71 -2.76 -29.98 33.32
C THR B 71 -1.25 -29.94 33.15
N ILE B 72 -0.59 -30.99 33.60
CA ILE B 72 0.85 -31.13 33.43
C ILE B 72 1.14 -32.45 32.74
N PHE B 73 1.81 -32.37 31.59
CA PHE B 73 2.29 -33.50 30.80
C PHE B 73 1.17 -34.29 30.18
N GLY B 74 -0.08 -33.85 30.33
CA GLY B 74 -1.23 -34.55 29.85
C GLY B 74 -2.07 -35.14 30.96
N GLU B 75 -1.73 -34.89 32.23
CA GLU B 75 -2.53 -35.38 33.36
C GLU B 75 -3.18 -34.22 34.10
N GLN B 76 -4.21 -34.57 34.86
CA GLN B 76 -5.06 -33.63 35.57
C GLN B 76 -4.67 -33.57 37.05
N VAL B 77 -4.19 -32.42 37.49
CA VAL B 77 -3.72 -32.20 38.85
C VAL B 77 -4.64 -31.19 39.50
N PHE B 78 -5.03 -31.45 40.74
CA PHE B 78 -6.01 -30.69 41.48
C PHE B 78 -5.40 -30.29 42.81
N LEU B 79 -5.86 -29.17 43.37
CA LEU B 79 -5.44 -28.74 44.71
C LEU B 79 -6.62 -28.12 45.44
N PRO B 80 -7.45 -28.92 46.10
CA PRO B 80 -8.57 -28.35 46.86
C PRO B 80 -8.16 -27.46 48.02
N LEU B 81 -8.98 -26.42 48.25
CA LEU B 81 -8.81 -25.45 49.33
C LEU B 81 -10.16 -25.15 49.98
N GLU B 82 -10.49 -25.88 51.05
CA GLU B 82 -11.82 -25.86 51.65
C GLU B 82 -12.24 -24.48 52.16
N HIS B 83 -13.56 -24.28 52.26
CA HIS B 83 -14.07 -22.99 52.74
C HIS B 83 -13.74 -22.76 54.21
N SER B 84 -13.70 -23.83 55.01
CA SER B 84 -13.19 -23.74 56.36
C SER B 84 -11.71 -23.39 56.44
N GLN B 85 -10.97 -23.56 55.33
CA GLN B 85 -9.51 -23.44 55.32
C GLN B 85 -9.05 -22.04 54.97
N PHE B 86 -9.88 -21.04 55.22
CA PHE B 86 -9.53 -19.66 55.00
C PHE B 86 -9.96 -18.91 56.25
N SER B 87 -9.30 -17.77 56.49
CA SER B 87 -9.63 -16.98 57.66
C SER B 87 -11.06 -16.52 57.62
N ARG B 88 -11.61 -16.39 56.43
CA ARG B 88 -13.04 -16.17 56.24
C ARG B 88 -13.30 -16.57 54.81
N TYR B 89 -14.24 -17.48 54.58
CA TYR B 89 -14.69 -17.82 53.25
C TYR B 89 -16.19 -17.58 53.21
N ARG B 90 -16.63 -16.83 52.20
CA ARG B 90 -18.03 -16.48 52.06
C ARG B 90 -18.36 -16.43 50.58
N TRP B 91 -19.51 -17.01 50.18
CA TRP B 91 -19.87 -17.12 48.79
C TRP B 91 -21.35 -16.85 48.60
N ARG B 92 -21.65 -16.08 47.55
CA ARG B 92 -23.01 -15.77 47.13
C ARG B 92 -23.03 -15.90 45.62
N GLY B 93 -23.72 -16.92 45.12
CA GLY B 93 -23.98 -17.06 43.71
C GLY B 93 -23.51 -18.39 43.19
N PRO B 94 -23.56 -18.57 41.88
CA PRO B 94 -23.05 -19.80 41.31
C PRO B 94 -21.54 -19.77 41.31
N THR B 95 -20.96 -20.96 41.21
CA THR B 95 -19.52 -21.08 41.26
C THR B 95 -18.90 -20.30 40.12
N ALA B 96 -17.69 -19.80 40.36
CA ALA B 96 -16.97 -18.99 39.41
C ALA B 96 -15.64 -19.66 39.13
N ALA B 97 -15.10 -19.41 37.94
CA ALA B 97 -13.90 -20.08 37.45
C ALA B 97 -13.01 -19.07 36.77
N PHE B 98 -11.79 -18.91 37.26
CA PHE B 98 -10.83 -17.94 36.75
C PHE B 98 -9.60 -18.63 36.19
N LEU B 99 -9.16 -18.20 35.03
CA LEU B 99 -7.79 -18.48 34.65
C LEU B 99 -6.87 -17.77 35.64
N SER B 100 -5.79 -18.45 36.05
CA SER B 100 -4.90 -17.84 37.03
C SER B 100 -4.00 -16.79 36.42
N LEU B 101 -3.65 -16.90 35.16
CA LEU B 101 -2.75 -15.92 34.58
C LEU B 101 -3.47 -14.62 34.28
N VAL B 102 -3.32 -13.67 35.20
CA VAL B 102 -3.85 -12.33 35.01
C VAL B 102 -3.03 -11.62 33.95
N ASP B 103 -3.66 -11.28 32.85
CA ASP B 103 -3.06 -10.59 31.69
C ASP B 103 -1.95 -11.41 31.05
N GLN B 104 -1.97 -12.72 31.28
CA GLN B 104 -1.12 -13.75 30.69
C GLN B 104 0.34 -13.83 31.12
N LYS B 105 0.81 -13.06 32.12
N LYS B 105 0.85 -12.99 32.05
CA LYS B 105 2.05 -13.42 32.79
CA LYS B 105 2.06 -13.34 32.80
C LYS B 105 1.97 -13.56 34.30
C LYS B 105 1.85 -13.63 34.28
N ARG B 106 1.19 -12.74 34.99
CA ARG B 106 1.19 -12.83 36.45
C ARG B 106 0.29 -13.96 36.87
N SER B 107 0.07 -14.17 38.16
CA SER B 107 -0.79 -15.27 38.57
C SER B 107 -1.43 -14.97 39.91
N LEU B 108 -2.71 -15.31 40.04
CA LEU B 108 -3.38 -15.11 41.30
C LEU B 108 -2.86 -15.98 42.42
N LEU B 109 -2.08 -17.04 42.12
CA LEU B 109 -1.47 -17.86 43.17
C LEU B 109 -0.02 -17.51 43.42
N SER B 110 0.62 -16.76 42.51
CA SER B 110 2.00 -16.30 42.70
C SER B 110 2.21 -15.56 44.02
N VAL B 111 1.15 -15.01 44.60
CA VAL B 111 1.22 -14.45 45.94
C VAL B 111 1.65 -15.51 46.95
N PHE B 112 1.10 -16.73 46.82
CA PHE B 112 1.34 -17.82 47.77
C PHE B 112 2.59 -18.60 47.48
N ARG B 113 3.49 -18.06 46.69
CA ARG B 113 4.71 -18.73 46.31
C ARG B 113 5.68 -18.85 47.49
N ALA B 114 6.83 -19.47 47.25
CA ALA B 114 7.80 -19.70 48.31
C ALA B 114 8.39 -18.39 48.82
N ASN B 115 9.05 -17.60 47.94
CA ASN B 115 9.69 -16.35 48.34
C ASN B 115 9.41 -15.20 47.37
N GLN B 116 8.21 -15.15 46.78
CA GLN B 116 7.94 -14.08 45.82
C GLN B 116 7.86 -12.74 46.51
N TYR B 117 7.03 -12.64 47.54
CA TYR B 117 6.99 -11.46 48.39
C TYR B 117 7.52 -11.89 49.75
N PRO B 118 8.72 -11.44 50.14
CA PRO B 118 9.26 -11.89 51.45
C PRO B 118 8.35 -11.56 52.62
N ASP B 119 7.92 -10.31 52.73
CA ASP B 119 7.32 -9.81 53.94
C ASP B 119 5.78 -9.93 53.96
N LEU B 120 5.21 -10.80 53.15
CA LEU B 120 3.75 -10.91 53.06
C LEU B 120 3.13 -11.39 54.37
N ARG B 121 1.91 -10.91 54.68
CA ARG B 121 1.13 -11.46 55.78
C ARG B 121 -0.25 -11.93 55.39
N ARG B 122 -0.90 -11.30 54.39
CA ARG B 122 -2.34 -11.45 54.24
C ARG B 122 -2.72 -11.25 52.79
N VAL B 123 -3.80 -11.92 52.40
CA VAL B 123 -4.41 -11.72 51.10
C VAL B 123 -5.92 -11.74 51.29
N GLU B 124 -6.61 -10.87 50.56
CA GLU B 124 -8.05 -10.93 50.40
C GLU B 124 -8.40 -11.06 48.92
N LEU B 125 -9.38 -11.91 48.63
CA LEU B 125 -9.94 -12.18 47.31
C LEU B 125 -11.39 -11.74 47.35
N ALA B 126 -11.70 -10.57 46.78
CA ALA B 126 -13.05 -10.04 46.78
C ALA B 126 -13.65 -10.10 45.38
N ILE B 127 -14.84 -10.66 45.28
CA ILE B 127 -15.52 -10.86 44.00
C ILE B 127 -16.75 -9.97 43.97
N THR B 128 -16.98 -9.32 42.83
CA THR B 128 -18.04 -8.31 42.77
C THR B 128 -18.60 -8.28 41.34
N GLY B 129 -19.79 -8.84 41.15
CA GLY B 129 -20.44 -8.76 39.85
C GLY B 129 -21.69 -9.61 39.85
N GLN B 130 -22.21 -9.83 38.65
CA GLN B 130 -23.40 -10.64 38.48
C GLN B 130 -23.09 -11.85 37.63
N ALA B 131 -23.87 -12.89 37.87
CA ALA B 131 -23.43 -14.26 37.67
C ALA B 131 -22.68 -14.52 36.37
N PRO B 132 -23.12 -14.08 35.17
CA PRO B 132 -22.28 -14.29 33.97
C PRO B 132 -21.01 -13.47 33.96
N PHE B 133 -20.97 -12.39 34.73
CA PHE B 133 -19.81 -11.49 34.79
C PHE B 133 -19.47 -11.15 36.23
N ARG B 134 -18.60 -11.93 36.86
CA ARG B 134 -17.96 -11.51 38.10
C ARG B 134 -16.53 -11.18 37.79
N THR B 135 -15.95 -10.34 38.62
CA THR B 135 -14.53 -10.13 38.58
C THR B 135 -14.07 -10.32 40.01
N LEU B 136 -12.85 -10.77 40.14
CA LEU B 136 -12.19 -11.05 41.39
C LEU B 136 -10.99 -10.14 41.47
N VAL B 137 -10.77 -9.57 42.64
CA VAL B 137 -9.60 -8.73 42.89
C VAL B 137 -8.81 -9.34 44.03
N GLN B 138 -7.49 -9.25 43.92
CA GLN B 138 -6.58 -9.77 44.92
C GLN B 138 -5.70 -8.63 45.38
N ARG B 139 -5.82 -8.31 46.66
CA ARG B 139 -4.99 -7.31 47.29
C ARG B 139 -3.95 -8.01 48.11
N ILE B 140 -2.84 -7.33 48.37
CA ILE B 140 -1.75 -7.88 49.16
C ILE B 140 -1.55 -7.00 50.38
N TRP B 141 -1.07 -7.61 51.46
CA TRP B 141 -0.85 -6.97 52.74
C TRP B 141 0.46 -7.50 53.29
N THR B 142 1.44 -6.63 53.51
CA THR B 142 2.71 -6.99 54.12
C THR B 142 2.78 -6.46 55.55
N THR B 143 3.47 -7.22 56.40
CA THR B 143 3.70 -6.80 57.77
C THR B 143 4.51 -5.52 57.81
N THR B 144 4.23 -4.70 58.82
CA THR B 144 5.09 -3.59 59.24
C THR B 144 5.44 -3.78 60.70
N SER B 145 6.27 -2.87 61.21
CA SER B 145 6.37 -2.68 62.64
C SER B 145 5.05 -2.16 63.18
N ASP B 146 4.86 -2.29 64.49
CA ASP B 146 3.77 -1.63 65.18
C ASP B 146 2.38 -2.02 64.64
N GLY B 147 2.24 -3.27 64.23
CA GLY B 147 0.95 -3.86 63.89
C GLY B 147 0.10 -3.21 62.82
N GLU B 148 0.65 -3.03 61.62
CA GLU B 148 -0.11 -2.44 60.52
C GLU B 148 0.45 -3.01 59.23
N ALA B 149 -0.24 -2.69 58.14
CA ALA B 149 0.04 -3.31 56.85
C ALA B 149 0.03 -2.32 55.71
N VAL B 150 1.09 -2.34 54.89
CA VAL B 150 1.12 -1.57 53.66
C VAL B 150 0.55 -2.43 52.54
N GLU B 151 -0.38 -1.85 51.79
CA GLU B 151 -1.03 -2.46 50.63
C GLU B 151 -0.17 -2.19 49.39
N LEU B 152 0.48 -3.22 48.86
CA LEU B 152 1.32 -3.04 47.68
C LEU B 152 0.42 -2.90 46.46
N ALA B 153 -0.12 -1.69 46.27
CA ALA B 153 -1.05 -1.45 45.19
C ALA B 153 -0.42 -1.51 43.81
N SER B 154 0.90 -1.66 43.73
CA SER B 154 1.55 -1.88 42.47
C SER B 154 1.35 -3.30 41.96
N GLU B 155 1.02 -4.25 42.84
CA GLU B 155 0.98 -5.66 42.49
C GLU B 155 -0.33 -6.33 42.89
N THR B 156 -1.40 -5.59 43.08
CA THR B 156 -2.71 -6.21 43.20
C THR B 156 -3.16 -6.69 41.82
N LEU B 157 -4.00 -7.72 41.83
CA LEU B 157 -4.41 -8.42 40.61
C LEU B 157 -5.91 -8.35 40.45
N MET B 158 -6.36 -8.29 39.20
CA MET B 158 -7.78 -8.25 38.90
C MET B 158 -8.05 -9.19 37.75
N LYS B 159 -8.98 -10.12 37.96
CA LYS B 159 -9.33 -11.13 36.98
C LYS B 159 -10.84 -11.06 36.78
N ARG B 160 -11.27 -11.51 35.61
CA ARG B 160 -12.68 -11.61 35.25
C ARG B 160 -13.07 -13.07 35.23
N GLU B 161 -14.24 -13.38 35.79
CA GLU B 161 -14.78 -14.73 35.73
C GLU B 161 -14.87 -15.17 34.28
N LEU B 162 -14.68 -16.48 34.05
CA LEU B 162 -14.42 -16.99 32.71
C LEU B 162 -15.49 -16.56 31.70
N THR B 163 -16.75 -16.63 32.10
CA THR B 163 -17.94 -16.30 31.30
C THR B 163 -18.27 -17.41 30.33
N SER B 164 -17.50 -18.48 30.29
CA SER B 164 -17.93 -19.80 29.83
C SER B 164 -16.90 -20.79 30.32
N PHE B 165 -17.32 -21.84 31.00
CA PHE B 165 -16.33 -22.86 31.32
C PHE B 165 -17.02 -24.15 31.69
N VAL B 166 -16.23 -25.21 31.68
CA VAL B 166 -16.63 -26.51 32.21
C VAL B 166 -15.33 -27.23 32.53
N VAL B 167 -15.25 -27.84 33.69
CA VAL B 167 -14.16 -28.75 34.00
C VAL B 167 -14.70 -30.09 34.38
N LEU B 168 -13.85 -31.08 34.21
CA LEU B 168 -14.15 -32.46 34.55
C LEU B 168 -13.28 -32.81 35.75
N VAL B 169 -13.92 -32.85 36.90
CA VAL B 169 -13.29 -33.02 38.20
C VAL B 169 -13.34 -34.52 38.50
N PRO B 170 -12.53 -35.08 39.41
CA PRO B 170 -12.73 -36.50 39.71
C PRO B 170 -14.02 -36.64 40.48
N GLN B 171 -14.52 -37.87 40.55
CA GLN B 171 -15.70 -38.12 41.37
C GLN B 171 -15.55 -39.43 42.15
N GLY B 172 -16.58 -39.70 42.93
CA GLY B 172 -16.76 -40.77 43.87
C GLY B 172 -15.60 -40.88 44.83
N THR B 173 -15.35 -42.11 45.25
CA THR B 173 -14.27 -42.50 46.13
C THR B 173 -13.53 -43.70 45.55
N PRO B 174 -12.26 -43.89 45.86
CA PRO B 174 -11.54 -45.01 45.25
C PRO B 174 -12.03 -46.40 45.63
N ASP B 175 -11.42 -47.40 44.99
CA ASP B 175 -11.63 -48.82 45.27
C ASP B 175 -10.85 -49.23 46.50
N VAL B 176 -9.55 -48.97 46.51
CA VAL B 176 -8.72 -49.22 47.67
C VAL B 176 -7.59 -48.20 47.65
N GLN B 177 -7.32 -47.62 48.81
CA GLN B 177 -6.33 -46.56 48.91
C GLN B 177 -5.30 -46.93 49.95
N LEU B 178 -4.05 -46.56 49.66
CA LEU B 178 -2.92 -46.93 50.49
C LEU B 178 -2.09 -45.67 50.74
N ARG B 179 -1.68 -45.45 51.98
CA ARG B 179 -0.84 -44.30 52.29
C ARG B 179 0.64 -44.69 52.24
N LEU B 180 1.45 -43.81 51.69
CA LEU B 180 2.86 -44.07 51.48
C LEU B 180 3.70 -42.95 52.09
N THR B 181 5.01 -42.97 51.87
CA THR B 181 5.95 -42.04 52.45
C THR B 181 6.84 -41.45 51.37
N ARG B 182 7.81 -40.61 51.76
CA ARG B 182 8.77 -40.12 50.76
C ARG B 182 9.63 -41.25 50.21
N PRO B 183 10.43 -41.97 51.01
CA PRO B 183 11.25 -43.03 50.41
C PRO B 183 10.47 -44.11 49.69
N GLN B 184 9.34 -44.54 50.26
CA GLN B 184 8.46 -45.49 49.61
C GLN B 184 8.04 -44.98 48.24
N LEU B 185 7.40 -43.81 48.21
CA LEU B 185 6.85 -43.29 46.96
C LEU B 185 7.96 -42.96 45.96
N THR B 186 9.10 -42.49 46.45
CA THR B 186 10.22 -42.25 45.55
C THR B 186 10.61 -43.54 44.87
N LYS B 187 10.73 -44.64 45.62
CA LYS B 187 11.16 -45.87 44.98
C LYS B 187 10.10 -46.47 44.07
N VAL B 188 8.80 -46.32 44.39
CA VAL B 188 7.78 -46.84 43.47
C VAL B 188 7.79 -46.04 42.18
N LEU B 189 7.99 -44.73 42.27
CA LEU B 189 8.15 -43.94 41.06
C LEU B 189 9.43 -44.30 40.32
N ASN B 190 10.47 -44.72 41.03
CA ASN B 190 11.63 -45.27 40.33
C ASN B 190 11.26 -46.53 39.56
N ALA B 191 10.38 -47.36 40.11
CA ALA B 191 10.05 -48.62 39.46
C ALA B 191 9.33 -48.42 38.13
N THR B 192 8.63 -47.31 37.94
CA THR B 192 7.77 -47.16 36.78
C THR B 192 8.56 -46.80 35.52
N GLY B 193 7.89 -46.94 34.38
CA GLY B 193 8.54 -46.97 33.08
C GLY B 193 9.14 -45.66 32.61
N ALA B 194 9.60 -45.66 31.36
CA ALA B 194 10.28 -44.55 30.72
C ALA B 194 9.49 -43.97 29.55
N ASP B 195 9.00 -44.82 28.66
CA ASP B 195 8.20 -44.42 27.51
C ASP B 195 7.16 -45.52 27.27
N SER B 196 6.48 -45.45 26.12
CA SER B 196 5.35 -46.33 25.85
C SER B 196 5.72 -47.80 25.72
N ALA B 197 7.00 -48.16 25.68
CA ALA B 197 7.36 -49.55 25.45
C ALA B 197 6.89 -50.48 26.56
N THR B 198 6.96 -50.03 27.83
CA THR B 198 6.94 -50.93 28.99
C THR B 198 5.89 -50.59 30.04
N PRO B 199 4.64 -51.02 29.85
CA PRO B 199 3.57 -50.57 30.75
C PRO B 199 3.68 -51.16 32.14
N THR B 200 3.31 -50.35 33.13
CA THR B 200 3.49 -50.70 34.54
C THR B 200 2.16 -51.09 35.18
N THR B 201 2.23 -51.62 36.41
CA THR B 201 1.07 -52.28 36.98
C THR B 201 1.12 -52.32 38.50
N PHE B 202 0.13 -51.69 39.14
CA PHE B 202 0.00 -51.68 40.59
C PHE B 202 -0.93 -52.80 41.09
N GLU B 203 -0.53 -54.04 40.87
CA GLU B 203 -1.32 -55.13 41.42
C GLU B 203 -1.19 -55.20 42.92
N LEU B 204 -2.29 -55.57 43.58
CA LEU B 204 -2.29 -55.91 44.98
C LEU B 204 -2.72 -57.37 45.06
N GLY B 205 -1.85 -58.22 45.60
CA GLY B 205 -2.20 -59.60 45.82
C GLY B 205 -2.90 -59.82 47.15
N VAL B 206 -3.08 -61.10 47.46
CA VAL B 206 -3.78 -61.55 48.65
C VAL B 206 -2.85 -61.51 49.86
N ASN B 207 -3.37 -60.98 50.98
CA ASN B 207 -2.65 -60.90 52.25
C ASN B 207 -1.33 -60.11 52.09
N GLY B 208 -1.48 -58.88 51.60
CA GLY B 208 -0.40 -57.90 51.72
C GLY B 208 0.62 -57.86 50.62
N LYS B 209 0.35 -58.46 49.47
CA LYS B 209 1.25 -58.42 48.30
C LYS B 209 0.95 -57.16 47.47
N PHE B 210 1.19 -55.98 48.04
CA PHE B 210 1.17 -54.80 47.18
C PHE B 210 2.40 -54.80 46.32
N SER B 211 2.24 -54.48 45.03
CA SER B 211 3.36 -54.56 44.11
C SER B 211 3.18 -53.54 43.00
N VAL B 212 4.25 -52.78 42.79
CA VAL B 212 4.39 -51.85 41.69
C VAL B 212 5.57 -52.35 40.90
N PHE B 213 5.32 -53.04 39.81
CA PHE B 213 6.38 -53.59 39.01
C PHE B 213 6.45 -52.98 37.62
N THR B 214 7.39 -53.51 36.86
CA THR B 214 7.44 -53.48 35.41
C THR B 214 8.33 -54.68 35.08
N THR B 215 8.72 -54.83 33.82
CA THR B 215 9.46 -56.03 33.46
C THR B 215 10.80 -56.09 34.16
N SER B 216 11.59 -55.00 34.07
CA SER B 216 12.94 -54.98 34.64
C SER B 216 13.06 -54.03 35.83
N THR B 217 12.01 -53.91 36.64
CA THR B 217 12.14 -53.41 38.00
C THR B 217 10.83 -53.70 38.73
N CYS B 218 10.92 -54.06 40.00
CA CYS B 218 9.76 -54.49 40.77
C CYS B 218 9.96 -54.14 42.23
N VAL B 219 8.90 -53.62 42.85
CA VAL B 219 8.90 -53.19 44.25
C VAL B 219 7.60 -53.66 44.88
N THR B 220 7.62 -53.83 46.19
CA THR B 220 6.56 -54.55 46.89
C THR B 220 6.47 -54.08 48.33
N PHE B 221 5.23 -54.08 48.86
CA PHE B 221 4.97 -53.67 50.23
C PHE B 221 3.93 -54.58 50.89
N ALA B 222 3.84 -54.45 52.21
CA ALA B 222 2.81 -55.04 53.03
C ALA B 222 1.73 -54.01 53.35
N ALA B 223 0.49 -54.46 53.48
CA ALA B 223 -0.67 -53.58 53.59
C ALA B 223 -1.42 -53.85 54.89
N ARG B 224 -1.30 -52.92 55.86
CA ARG B 224 -1.76 -53.14 57.21
C ARG B 224 -2.95 -52.23 57.52
N GLU B 225 -3.97 -52.77 58.16
CA GLU B 225 -5.28 -52.13 58.23
C GLU B 225 -5.74 -51.80 59.65
N ASN B 252 7.70 -52.22 59.42
CA ASN B 252 8.91 -51.45 59.17
C ASN B 252 8.87 -50.65 57.85
N ALA B 253 9.64 -51.06 56.85
CA ALA B 253 10.09 -50.19 55.78
C ALA B 253 9.40 -50.48 54.46
N LYS B 254 8.68 -51.59 54.36
CA LYS B 254 7.79 -51.88 53.26
C LYS B 254 6.39 -52.24 53.79
N THR B 255 6.00 -51.68 54.93
CA THR B 255 4.66 -51.88 55.51
C THR B 255 3.90 -50.55 55.41
N VAL B 256 3.22 -50.39 54.28
CA VAL B 256 2.26 -49.32 54.04
C VAL B 256 0.95 -49.59 54.79
N TYR B 257 0.29 -48.52 55.25
CA TYR B 257 -1.02 -48.60 55.86
C TYR B 257 -2.10 -48.25 54.84
N GLY B 258 -3.28 -48.83 55.02
CA GLY B 258 -4.38 -48.47 54.17
C GLY B 258 -5.68 -49.03 54.68
N GLU B 259 -6.69 -49.01 53.81
CA GLU B 259 -8.04 -49.41 54.15
C GLU B 259 -8.69 -50.09 52.94
N ASN B 260 -9.50 -51.12 53.19
CA ASN B 260 -10.17 -51.94 52.14
C ASN B 260 -9.16 -52.72 51.32
N THR B 261 -8.13 -53.22 52.01
CA THR B 261 -6.99 -53.84 51.36
C THR B 261 -7.33 -55.13 50.64
N HIS B 262 -8.45 -55.78 50.98
CA HIS B 262 -8.82 -57.01 50.26
C HIS B 262 -9.08 -56.78 48.77
N ARG B 263 -9.29 -55.55 48.31
CA ARG B 263 -9.75 -55.28 46.94
C ARG B 263 -8.62 -55.41 45.92
N THR B 264 -8.26 -56.66 45.63
CA THR B 264 -7.17 -56.90 44.70
C THR B 264 -7.54 -56.49 43.28
N PHE B 265 -6.51 -56.30 42.46
CA PHE B 265 -6.60 -55.94 41.05
C PHE B 265 -5.21 -56.09 40.45
N SER B 266 -5.09 -55.73 39.17
CA SER B 266 -3.80 -55.32 38.63
C SER B 266 -4.08 -54.26 37.56
N VAL B 267 -3.99 -53.01 37.98
CA VAL B 267 -4.18 -51.93 37.06
C VAL B 267 -3.01 -51.86 36.11
N VAL B 268 -3.22 -51.22 34.96
CA VAL B 268 -2.20 -51.10 33.92
C VAL B 268 -2.24 -49.70 33.34
N VAL B 269 -1.08 -49.05 33.25
CA VAL B 269 -0.92 -47.74 32.62
C VAL B 269 -0.11 -47.91 31.33
N ASP B 270 -0.51 -47.18 30.28
CA ASP B 270 0.24 -47.10 29.03
C ASP B 270 1.09 -45.83 28.92
N ASP B 271 0.78 -44.79 29.70
CA ASP B 271 1.46 -43.50 29.58
C ASP B 271 2.34 -43.26 30.81
N CYS B 272 3.65 -43.17 30.57
CA CYS B 272 4.68 -43.12 31.62
C CYS B 272 5.08 -41.70 32.01
N SER B 273 4.17 -40.72 31.83
CA SER B 273 4.35 -39.37 32.35
C SER B 273 4.11 -39.28 33.85
N MET B 274 3.80 -40.38 34.54
CA MET B 274 3.57 -40.29 35.98
C MET B 274 4.81 -39.80 36.71
N ARG B 275 5.97 -40.28 36.32
CA ARG B 275 7.20 -39.93 37.02
C ARG B 275 7.49 -38.44 36.93
N ALA B 276 7.46 -37.89 35.72
CA ALA B 276 7.65 -36.44 35.53
C ALA B 276 6.60 -35.65 36.30
N VAL B 277 5.33 -36.03 36.13
CA VAL B 277 4.22 -35.31 36.74
C VAL B 277 4.41 -35.24 38.25
N LEU B 278 4.50 -36.39 38.88
CA LEU B 278 4.57 -36.38 40.32
C LEU B 278 5.93 -35.98 40.87
N ARG B 279 6.96 -35.85 40.04
CA ARG B 279 8.22 -35.32 40.54
C ARG B 279 8.20 -33.80 40.57
N ARG B 280 7.68 -33.16 39.50
CA ARG B 280 7.52 -31.70 39.49
C ARG B 280 6.84 -31.18 40.74
N LEU B 281 5.72 -31.79 41.13
CA LEU B 281 5.01 -31.34 42.33
C LEU B 281 5.73 -31.68 43.62
N GLN B 282 6.83 -32.43 43.55
CA GLN B 282 7.64 -32.80 44.71
C GLN B 282 6.78 -33.32 45.85
N VAL B 283 6.05 -34.38 45.56
CA VAL B 283 5.17 -34.93 46.55
C VAL B 283 5.99 -35.66 47.61
N ALA B 284 5.52 -35.58 48.86
CA ALA B 284 6.28 -36.05 50.01
C ALA B 284 5.74 -37.40 50.48
N GLY B 285 5.16 -38.14 49.56
CA GLY B 285 4.46 -39.36 49.88
C GLY B 285 3.07 -39.02 50.33
N GLY B 286 2.10 -39.77 49.84
CA GLY B 286 0.76 -39.56 50.30
C GLY B 286 -0.13 -40.69 49.89
N THR B 287 -1.42 -40.39 49.79
CA THR B 287 -2.36 -41.43 49.43
C THR B 287 -2.19 -41.81 47.97
N LEU B 288 -2.39 -43.09 47.69
CA LEU B 288 -2.45 -43.67 46.35
C LEU B 288 -3.82 -44.33 46.28
N LYS B 289 -4.74 -43.73 45.54
CA LYS B 289 -6.14 -44.10 45.47
C LYS B 289 -6.46 -44.70 44.10
N PHE B 290 -7.12 -45.85 44.06
CA PHE B 290 -7.45 -46.47 42.78
C PHE B 290 -8.96 -46.38 42.52
N PHE B 291 -9.32 -46.08 41.27
CA PHE B 291 -10.70 -45.85 40.85
C PHE B 291 -10.95 -46.73 39.63
N LEU B 292 -11.77 -47.76 39.74
CA LEU B 292 -11.88 -48.79 38.72
C LEU B 292 -13.31 -49.14 38.32
N THR B 293 -14.33 -48.56 38.96
CA THR B 293 -15.71 -48.91 38.66
C THR B 293 -16.26 -48.09 37.49
N THR B 294 -15.36 -47.51 36.68
CA THR B 294 -15.45 -46.75 35.46
C THR B 294 -14.90 -47.56 34.31
N PRO B 295 -15.34 -47.31 33.07
CA PRO B 295 -14.69 -48.01 31.93
C PRO B 295 -13.20 -47.78 31.86
N VAL B 296 -12.75 -46.59 32.23
CA VAL B 296 -11.34 -46.22 32.28
C VAL B 296 -10.94 -46.09 33.75
N PRO B 297 -10.14 -47.01 34.30
CA PRO B 297 -9.67 -46.78 35.67
C PRO B 297 -8.70 -45.60 35.74
N SER B 298 -8.74 -44.89 36.87
CA SER B 298 -7.90 -43.76 37.18
C SER B 298 -7.31 -43.91 38.57
N LEU B 299 -6.05 -43.51 38.72
CA LEU B 299 -5.35 -43.54 39.99
C LEU B 299 -5.05 -42.12 40.42
N CYS B 300 -5.41 -41.78 41.64
CA CYS B 300 -5.20 -40.45 42.19
C CYS B 300 -4.12 -40.51 43.24
N VAL B 301 -3.36 -39.43 43.38
CA VAL B 301 -2.20 -39.41 44.26
C VAL B 301 -2.26 -38.11 44.99
N THR B 302 -2.30 -38.15 46.33
CA THR B 302 -2.55 -36.96 47.17
C THR B 302 -1.49 -36.83 48.26
N ALA B 303 -0.51 -35.96 48.07
CA ALA B 303 0.54 -35.74 49.06
C ALA B 303 -0.02 -35.43 50.45
N THR B 304 0.55 -36.06 51.47
CA THR B 304 0.27 -35.75 52.87
C THR B 304 1.21 -34.70 53.45
N GLY B 305 1.86 -33.88 52.62
CA GLY B 305 2.75 -32.89 53.16
C GLY B 305 1.94 -31.68 53.57
N PRO B 306 2.44 -30.46 53.40
CA PRO B 306 1.62 -29.30 53.78
C PRO B 306 0.35 -29.18 52.97
N ASN B 307 0.40 -29.59 51.71
CA ASN B 307 -0.69 -29.47 50.77
C ASN B 307 -1.49 -30.76 50.68
N ALA B 308 -2.59 -30.68 49.94
CA ALA B 308 -3.38 -31.83 49.56
C ALA B 308 -3.38 -31.97 48.05
N VAL B 309 -2.31 -31.49 47.41
CA VAL B 309 -2.24 -31.48 45.95
C VAL B 309 -2.37 -32.91 45.47
N SER B 310 -3.35 -33.14 44.60
CA SER B 310 -3.65 -34.45 44.07
C SER B 310 -3.41 -34.48 42.57
N ALA B 311 -3.25 -35.68 42.03
CA ALA B 311 -3.01 -35.84 40.59
C ALA B 311 -3.65 -37.14 40.15
N VAL B 312 -4.61 -37.09 39.23
CA VAL B 312 -5.22 -38.30 38.70
C VAL B 312 -4.56 -38.68 37.38
N PHE B 313 -4.21 -39.95 37.27
CA PHE B 313 -3.55 -40.57 36.13
C PHE B 313 -4.49 -41.63 35.57
N LEU B 314 -4.64 -41.68 34.25
CA LEU B 314 -5.60 -42.60 33.67
C LEU B 314 -4.92 -43.92 33.33
N LEU B 315 -5.41 -44.98 33.96
CA LEU B 315 -5.00 -46.37 33.74
C LEU B 315 -5.88 -46.97 32.64
N LYS B 316 -5.26 -47.51 31.61
CA LYS B 316 -6.03 -47.89 30.43
C LYS B 316 -7.06 -48.98 30.77
N PRO B 317 -8.06 -49.18 29.89
CA PRO B 317 -9.20 -50.05 30.25
C PRO B 317 -8.85 -51.51 30.51
N GLN B 318 -7.60 -51.94 30.33
CA GLN B 318 -7.20 -53.35 30.49
C GLN B 318 -7.10 -53.69 31.98
N LYS B 319 -8.25 -53.68 32.64
CA LYS B 319 -8.35 -54.03 34.07
C LYS B 319 -8.61 -55.52 34.29
N ILE B 320 -7.71 -56.10 35.08
CA ILE B 320 -7.77 -57.50 35.48
C ILE B 320 -7.13 -57.61 36.84
N CYS B 321 -7.39 -58.73 37.51
CA CYS B 321 -6.79 -59.03 38.79
C CYS B 321 -5.60 -59.96 38.64
N1 DOC C 32 4.96 15.82 4.82
C2 DOC C 32 6.09 15.45 4.22
N3 DOC C 32 6.04 14.69 3.15
C4 DOC C 32 4.94 14.25 2.65
C5 DOC C 32 3.82 14.56 3.23
C6 DOC C 32 3.86 15.34 4.30
O2 DOC C 32 7.14 15.80 4.57
N4 DOC C 32 4.98 13.44 1.49
C1' DOC C 32 5.01 16.66 6.00
C2' DOC C 32 4.53 18.06 5.86
C3' DOC C 32 3.68 18.32 7.03
C4' DOC C 32 3.05 17.01 6.89
O4' DOC C 32 4.14 16.12 6.96
C5' DOC C 32 2.12 16.28 7.77
O5' DOC C 32 1.27 16.75 8.71
P DOC C 32 0.37 15.39 8.80
OP1 DOC C 32 -0.16 15.41 10.13
OP2 DOC C 32 -0.78 15.57 7.67
MG MG E . 1.46 23.57 5.12
MG MG F . -2.13 25.87 5.32
MG MG G . 0.35 20.51 6.76
MG MG H . -8.33 -6.59 -20.12
MG MG I . -6.93 -4.23 -19.19
PA TTP J . 2.39 20.39 3.45
O1A TTP J . 1.76 19.08 3.21
O2A TTP J . 1.62 21.04 4.51
O3A TTP J . 2.45 21.20 2.13
PB TTP J . 2.49 22.77 2.13
O1B TTP J . 2.31 23.31 3.53
O2B TTP J . 3.74 23.17 1.47
O3B TTP J . 1.33 23.14 1.11
PG TTP J . -0.07 23.62 1.62
O1G TTP J . -0.24 25.07 1.47
O2G TTP J . -1.16 22.93 0.91
O3G TTP J . -0.23 23.28 3.03
O5' TTP J . 3.92 20.20 3.76
C5' TTP J . 4.86 21.04 4.36
C4' TTP J . 6.16 20.76 3.65
O4' TTP J . 6.37 19.39 3.44
C3' TTP J . 6.13 21.30 2.26
O3' TTP J . 6.56 22.62 2.14
C2' TTP J . 7.00 20.41 1.47
C1' TTP J . 7.01 19.12 2.20
N1 TTP J . 6.25 18.19 1.38
C2 TTP J . 6.86 17.59 0.33
O2 TTP J . 8.03 17.82 0.08
N3 TTP J . 6.19 16.78 -0.42
C4 TTP J . 4.98 16.48 -0.26
O4 TTP J . 4.49 15.69 -1.05
C5 TTP J . 4.25 17.09 0.81
C5M TTP J . 2.81 16.78 1.04
C6 TTP J . 4.96 17.94 1.60
#